data_7V5I
#
_entry.id   7V5I
#
_cell.length_a   63.121
_cell.length_b   136.238
_cell.length_c   219.254
_cell.angle_alpha   90.000
_cell.angle_beta   90.000
_cell.angle_gamma   90.000
#
_symmetry.space_group_name_H-M   'P 21 21 21'
#
loop_
_entity.id
_entity.type
_entity.pdbx_description
1 polymer '2-amino-3-ketobutyrate coenzyme A ligase'
2 non-polymer "PYRIDOXAL-5'-PHOSPHATE"
3 water water
#
_entity_poly.entity_id   1
_entity_poly.type   'polypeptide(L)'
_entity_poly.pdbx_seq_one_letter_code
;NIMSSAFYQQIQQQIEEVKAEGLYKSERIITSQQQAAVKIASGEEVLNFCANNYLGLANHPALIEAGKAGMDEHGFGMAS
VRFICGTQDIHKELEQKLSTFLGKEDTILYTSCFDANAGLFETILDKEDAIISDALNHASIIDGVRLCKAMRFRYSNNNM
TELEEQLIAAKDAGARNILIVTDGVFSMDGVVANLPAICDLAEKYGALTMVDDSHAVGFMGKTGAGTHEYHDVVDRIDII
TGTLGKAMGGASGGYTSGKKEVIEWLRQRSRPYLFSNSVAPAIVSASIRVLDLLQESGDLRDRLWENATHFRTRMSEAGF
TLAGADHAIIPIMLGDAKVAAEFAERALEKGIYVIGFSFPVVPKGQARIRTQMSAAHSREQLDKAIDAFIEVGRDMEIIK
;
_entity_poly.pdbx_strand_id   A,B,C,D
#
loop_
_chem_comp.id
_chem_comp.type
_chem_comp.name
_chem_comp.formula
PLP non-polymer PYRIDOXAL-5'-PHOSPHATE 'C8 H10 N O6 P'
#
# COMPACT_ATOMS: atom_id res chain seq x y z
N ASN A 1 4.48 -6.34 45.86
CA ASN A 1 4.27 -4.93 45.57
C ASN A 1 2.78 -4.62 45.57
N ILE A 2 2.41 -3.41 45.13
CA ILE A 2 1.01 -3.00 45.09
C ILE A 2 0.46 -3.06 43.67
N MET A 3 0.95 -2.19 42.79
CA MET A 3 0.37 -2.16 41.46
C MET A 3 0.60 -3.46 40.72
N SER A 4 1.65 -4.20 41.08
CA SER A 4 1.83 -5.55 40.57
C SER A 4 0.64 -6.42 40.93
N SER A 5 0.19 -6.34 42.19
CA SER A 5 -0.96 -7.11 42.65
C SER A 5 -2.21 -6.78 41.85
N ALA A 6 -2.47 -5.49 41.62
CA ALA A 6 -3.66 -5.12 40.86
C ALA A 6 -3.58 -5.64 39.43
N PHE A 7 -2.38 -5.58 38.84
CA PHE A 7 -2.20 -6.09 37.48
C PHE A 7 -2.49 -7.58 37.41
N TYR A 8 -1.87 -8.36 38.31
CA TYR A 8 -2.10 -9.80 38.31
C TYR A 8 -3.55 -10.13 38.65
N GLN A 9 -4.20 -9.28 39.46
CA GLN A 9 -5.62 -9.51 39.78
C GLN A 9 -6.50 -9.36 38.56
N GLN A 10 -6.26 -8.31 37.76
CA GLN A 10 -7.04 -8.15 36.53
C GLN A 10 -6.77 -9.31 35.57
N ILE A 11 -5.51 -9.76 35.50
CA ILE A 11 -5.20 -10.92 34.67
C ILE A 11 -5.97 -12.13 35.15
N GLN A 12 -6.05 -12.33 36.47
CA GLN A 12 -6.80 -13.45 37.02
C GLN A 12 -8.28 -13.34 36.66
N GLN A 13 -8.82 -12.12 36.66
CA GLN A 13 -10.20 -11.93 36.23
C GLN A 13 -10.38 -12.38 34.77
N GLN A 14 -9.44 -12.01 33.90
CA GLN A 14 -9.54 -12.42 32.50
C GLN A 14 -9.46 -13.93 32.37
N ILE A 15 -8.55 -14.57 33.11
CA ILE A 15 -8.43 -16.03 33.09
C ILE A 15 -9.73 -16.67 33.55
N GLU A 16 -10.35 -16.11 34.59
CA GLU A 16 -11.58 -16.69 35.11
C GLU A 16 -12.72 -16.52 34.10
N GLU A 17 -12.73 -15.41 33.37
CA GLU A 17 -13.71 -15.25 32.30
C GLU A 17 -13.51 -16.29 31.22
N VAL A 18 -12.24 -16.58 30.88
CA VAL A 18 -11.97 -17.62 29.90
C VAL A 18 -12.46 -18.97 30.38
N LYS A 19 -12.27 -19.26 31.67
CA LYS A 19 -12.78 -20.51 32.23
C LYS A 19 -14.30 -20.55 32.23
N ALA A 20 -14.97 -19.41 32.39
CA ALA A 20 -16.42 -19.40 32.44
C ALA A 20 -17.04 -19.77 31.09
N GLU A 21 -16.46 -19.29 29.99
CA GLU A 21 -16.95 -19.61 28.66
C GLU A 21 -16.57 -21.01 28.20
N GLY A 22 -15.82 -21.76 29.01
CA GLY A 22 -15.42 -23.10 28.62
C GLY A 22 -14.37 -23.12 27.53
N LEU A 23 -13.47 -22.12 27.54
CA LEU A 23 -12.42 -22.01 26.54
C LEU A 23 -11.03 -22.13 27.14
N TYR A 24 -10.92 -22.52 28.40
CA TYR A 24 -9.62 -22.68 29.03
C TYR A 24 -8.86 -23.82 28.38
N LYS A 25 -7.69 -23.52 27.82
CA LYS A 25 -6.84 -24.51 27.20
C LYS A 25 -5.93 -25.13 28.25
N SER A 26 -6.05 -26.43 28.46
CA SER A 26 -5.23 -27.15 29.42
C SER A 26 -4.32 -28.12 28.69
N GLU A 27 -3.08 -28.21 29.16
CA GLU A 27 -2.08 -29.07 28.54
C GLU A 27 -2.06 -30.44 29.23
N ARG A 28 -2.01 -31.49 28.42
CA ARG A 28 -1.96 -32.86 28.92
C ARG A 28 -0.53 -33.36 28.82
N ILE A 29 0.06 -33.74 29.96
CA ILE A 29 1.45 -34.14 30.00
C ILE A 29 1.61 -35.51 29.34
N ILE A 30 2.60 -35.62 28.46
CA ILE A 30 2.90 -36.86 27.73
C ILE A 30 4.24 -37.39 28.22
N THR A 31 4.29 -38.69 28.51
CA THR A 31 5.49 -39.33 29.01
C THR A 31 6.17 -40.22 27.98
N SER A 32 5.50 -40.54 26.88
CA SER A 32 6.05 -41.42 25.85
C SER A 32 6.56 -40.59 24.69
N GLN A 33 7.06 -41.27 23.66
CA GLN A 33 7.47 -40.60 22.45
C GLN A 33 6.22 -40.26 21.62
N GLN A 34 6.43 -39.46 20.57
CA GLN A 34 5.32 -39.06 19.71
C GLN A 34 5.10 -40.17 18.69
N GLN A 35 4.01 -40.92 18.87
CA GLN A 35 3.67 -42.00 17.96
C GLN A 35 2.15 -42.20 18.00
N ALA A 36 1.68 -43.32 17.44
CA ALA A 36 0.24 -43.55 17.40
C ALA A 36 -0.32 -43.83 18.79
N ALA A 37 0.46 -44.51 19.63
CA ALA A 37 0.05 -44.85 20.99
C ALA A 37 0.83 -43.97 21.96
N VAL A 38 0.14 -43.13 22.70
CA VAL A 38 0.77 -42.15 23.57
C VAL A 38 0.34 -42.40 25.01
N LYS A 39 1.31 -42.36 25.93
CA LYS A 39 1.05 -42.55 27.35
C LYS A 39 0.94 -41.18 28.02
N ILE A 40 -0.16 -40.98 28.75
CA ILE A 40 -0.38 -39.77 29.54
C ILE A 40 0.17 -40.03 30.94
N ALA A 41 0.09 -39.02 31.81
CA ALA A 41 0.58 -39.19 33.18
C ALA A 41 -0.31 -40.11 34.00
N SER A 42 -1.57 -40.29 33.59
CA SER A 42 -2.46 -41.22 34.29
C SER A 42 -2.18 -42.68 33.96
N GLY A 43 -1.21 -42.96 33.09
CA GLY A 43 -0.83 -44.31 32.76
C GLY A 43 -1.48 -44.89 31.52
N GLU A 44 -2.57 -44.27 31.05
CA GLU A 44 -3.33 -44.82 29.94
C GLU A 44 -2.60 -44.62 28.62
N GLU A 45 -2.65 -45.63 27.77
CA GLU A 45 -2.27 -45.46 26.38
C GLU A 45 -3.49 -45.03 25.58
N VAL A 46 -3.32 -44.04 24.72
CA VAL A 46 -4.41 -43.52 23.90
C VAL A 46 -3.92 -43.42 22.47
N LEU A 47 -4.85 -43.57 21.54
CA LEU A 47 -4.55 -43.40 20.12
C LEU A 47 -4.69 -41.93 19.76
N ASN A 48 -3.63 -41.37 19.19
CA ASN A 48 -3.56 -39.95 18.91
C ASN A 48 -4.13 -39.67 17.53
N PHE A 49 -5.19 -38.86 17.48
CA PHE A 49 -5.80 -38.46 16.21
C PHE A 49 -5.90 -36.95 16.11
N CYS A 50 -4.92 -36.24 16.68
CA CYS A 50 -4.90 -34.79 16.63
C CYS A 50 -3.48 -34.24 16.55
N ALA A 51 -2.55 -35.01 15.98
CA ALA A 51 -1.18 -34.58 15.81
C ALA A 51 -0.86 -34.51 14.32
N ASN A 52 0.03 -33.58 13.96
CA ASN A 52 0.43 -33.40 12.58
C ASN A 52 1.55 -34.34 12.17
N ASN A 53 1.57 -35.54 12.75
CA ASN A 53 2.57 -36.56 12.43
C ASN A 53 2.08 -37.44 11.27
N TYR A 54 1.87 -36.78 10.12
CA TYR A 54 1.18 -37.42 9.01
C TYR A 54 1.91 -38.66 8.51
N LEU A 55 3.24 -38.58 8.41
CA LEU A 55 4.02 -39.71 7.92
C LEU A 55 4.66 -40.53 9.05
N GLY A 56 4.42 -40.15 10.30
CA GLY A 56 4.96 -40.90 11.41
C GLY A 56 6.44 -40.72 11.64
N LEU A 57 7.03 -39.64 11.12
CA LEU A 57 8.47 -39.43 11.21
C LEU A 57 8.93 -38.86 12.54
N ALA A 58 8.01 -38.48 13.42
CA ALA A 58 8.41 -37.87 14.69
C ALA A 58 9.18 -38.84 15.57
N ASN A 59 8.96 -40.14 15.40
CA ASN A 59 9.71 -41.16 16.14
C ASN A 59 10.44 -42.12 15.20
N HIS A 60 10.71 -41.69 13.98
CA HIS A 60 11.37 -42.56 13.02
C HIS A 60 12.80 -42.80 13.45
N PRO A 61 13.25 -44.06 13.52
CA PRO A 61 14.62 -44.32 14.00
C PRO A 61 15.69 -43.75 13.10
N ALA A 62 15.44 -43.70 11.79
CA ALA A 62 16.42 -43.13 10.88
C ALA A 62 16.66 -41.66 11.17
N LEU A 63 15.61 -40.92 11.49
CA LEU A 63 15.77 -39.51 11.80
C LEU A 63 16.50 -39.32 13.13
N ILE A 64 16.24 -40.18 14.10
CA ILE A 64 16.93 -40.06 15.39
C ILE A 64 18.42 -40.33 15.23
N GLU A 65 18.77 -41.39 14.50
CA GLU A 65 20.18 -41.68 14.31
C GLU A 65 20.85 -40.63 13.43
N ALA A 66 20.14 -40.09 12.45
CA ALA A 66 20.70 -39.00 11.64
C ALA A 66 20.90 -37.74 12.47
N GLY A 67 20.00 -37.47 13.41
CA GLY A 67 20.19 -36.32 14.29
C GLY A 67 21.38 -36.51 15.21
N LYS A 68 21.57 -37.72 15.72
CA LYS A 68 22.77 -38.00 16.51
C LYS A 68 24.02 -37.80 15.66
N ALA A 69 24.00 -38.28 14.42
CA ALA A 69 25.14 -38.10 13.53
C ALA A 69 25.43 -36.61 13.29
N GLY A 70 24.37 -35.83 13.09
CA GLY A 70 24.57 -34.40 12.91
C GLY A 70 25.12 -33.72 14.14
N MET A 71 24.63 -34.11 15.32
CA MET A 71 25.16 -33.53 16.56
C MET A 71 26.62 -33.90 16.77
N ASP A 72 27.03 -35.09 16.33
CA ASP A 72 28.42 -35.49 16.49
C ASP A 72 29.33 -34.79 15.48
N GLU A 73 28.85 -34.59 14.25
CA GLU A 73 29.69 -34.02 13.21
C GLU A 73 29.75 -32.50 13.28
N HIS A 74 28.63 -31.83 13.56
CA HIS A 74 28.55 -30.38 13.47
C HIS A 74 28.13 -29.71 14.76
N GLY A 75 27.98 -30.43 15.86
CA GLY A 75 27.74 -29.83 17.15
C GLY A 75 26.27 -29.75 17.50
N PHE A 76 26.02 -29.18 18.68
CA PHE A 76 24.67 -29.07 19.21
C PHE A 76 23.98 -27.79 18.76
N GLY A 77 24.68 -26.65 18.87
CA GLY A 77 24.10 -25.38 18.46
C GLY A 77 25.13 -24.51 17.77
N MET A 78 24.63 -23.44 17.15
CA MET A 78 25.48 -22.48 16.47
C MET A 78 25.82 -21.26 17.31
N ALA A 79 24.90 -20.82 18.16
CA ALA A 79 25.09 -19.66 19.04
C ALA A 79 25.42 -18.40 18.25
N SER A 80 24.79 -18.26 17.08
CA SER A 80 24.99 -17.09 16.23
C SER A 80 23.95 -17.12 15.12
N VAL A 81 23.70 -15.94 14.54
CA VAL A 81 22.78 -15.81 13.42
C VAL A 81 23.51 -16.23 12.15
N ARG A 82 22.79 -16.26 11.02
CA ARG A 82 23.36 -16.85 9.81
C ARG A 82 24.43 -15.96 9.20
N PHE A 83 24.21 -14.65 9.16
CA PHE A 83 25.13 -13.76 8.47
C PHE A 83 26.37 -13.43 9.29
N ILE A 84 26.41 -13.80 10.56
CA ILE A 84 27.60 -13.58 11.38
C ILE A 84 28.51 -14.80 11.27
N CYS A 85 28.18 -15.87 12.00
CA CYS A 85 28.96 -17.11 11.94
C CYS A 85 28.09 -18.30 12.30
N GLY A 86 26.84 -18.29 11.87
CA GLY A 86 25.92 -19.38 12.11
C GLY A 86 25.55 -20.20 10.89
N THR A 87 26.20 -19.99 9.75
CA THR A 87 25.89 -20.71 8.52
C THR A 87 26.90 -21.83 8.31
N GLN A 88 26.45 -23.07 8.44
CA GLN A 88 27.28 -24.23 8.17
C GLN A 88 27.02 -24.76 6.76
N ASP A 89 27.81 -25.74 6.37
CA ASP A 89 27.62 -26.35 5.05
C ASP A 89 26.30 -27.10 4.97
N ILE A 90 25.87 -27.72 6.07
CA ILE A 90 24.63 -28.47 6.07
C ILE A 90 23.43 -27.54 5.89
N HIS A 91 23.53 -26.28 6.32
CA HIS A 91 22.44 -25.34 6.09
C HIS A 91 22.21 -25.11 4.60
N LYS A 92 23.29 -24.79 3.88
CA LYS A 92 23.17 -24.59 2.44
C LYS A 92 22.79 -25.88 1.72
N GLU A 93 23.27 -27.02 2.23
CA GLU A 93 22.89 -28.30 1.65
C GLU A 93 21.38 -28.51 1.76
N LEU A 94 20.82 -28.29 2.94
CA LEU A 94 19.39 -28.43 3.14
C LEU A 94 18.62 -27.42 2.31
N GLU A 95 19.17 -26.22 2.14
CA GLU A 95 18.49 -25.20 1.35
C GLU A 95 18.38 -25.62 -0.12
N GLN A 96 19.48 -26.11 -0.70
CA GLN A 96 19.43 -26.59 -2.07
C GLN A 96 18.52 -27.81 -2.20
N LYS A 97 18.60 -28.72 -1.23
CA LYS A 97 17.76 -29.91 -1.25
C LYS A 97 16.29 -29.54 -1.24
N LEU A 98 15.91 -28.58 -0.38
CA LEU A 98 14.52 -28.15 -0.31
C LEU A 98 14.11 -27.41 -1.57
N SER A 99 15.00 -26.60 -2.14
CA SER A 99 14.66 -25.86 -3.35
C SER A 99 14.37 -26.81 -4.49
N THR A 100 15.15 -27.89 -4.60
CA THR A 100 14.88 -28.87 -5.66
C THR A 100 13.65 -29.73 -5.33
N PHE A 101 13.46 -30.06 -4.05
CA PHE A 101 12.29 -30.86 -3.66
C PHE A 101 11.00 -30.10 -3.93
N LEU A 102 10.97 -28.81 -3.69
CA LEU A 102 9.81 -27.97 -3.94
C LEU A 102 9.79 -27.38 -5.34
N GLY A 103 10.87 -27.53 -6.10
CA GLY A 103 10.91 -26.99 -7.45
C GLY A 103 11.05 -25.48 -7.53
N LYS A 104 11.74 -24.87 -6.56
CA LYS A 104 11.99 -23.43 -6.55
C LYS A 104 13.49 -23.18 -6.69
N GLU A 105 13.84 -21.93 -6.98
CA GLU A 105 15.24 -21.61 -7.24
C GLU A 105 16.06 -21.61 -5.96
N ASP A 106 15.52 -21.04 -4.88
CA ASP A 106 16.27 -20.96 -3.63
C ASP A 106 15.29 -20.96 -2.46
N THR A 107 15.81 -21.30 -1.29
CA THR A 107 15.05 -21.30 -0.05
C THR A 107 15.86 -20.61 1.04
N ILE A 108 15.14 -20.19 2.08
CA ILE A 108 15.76 -19.55 3.24
C ILE A 108 15.12 -20.15 4.49
N LEU A 109 15.97 -20.49 5.47
CA LEU A 109 15.56 -21.22 6.67
C LEU A 109 15.35 -20.29 7.85
N TYR A 110 14.31 -20.58 8.62
CA TYR A 110 13.99 -19.92 9.88
C TYR A 110 13.82 -21.00 10.94
N THR A 111 13.73 -20.58 12.20
CA THR A 111 13.52 -21.53 13.29
C THR A 111 12.06 -21.96 13.43
N SER A 112 11.17 -21.37 12.65
CA SER A 112 9.75 -21.73 12.64
C SER A 112 9.11 -21.06 11.43
N CYS A 113 8.03 -21.67 10.94
CA CYS A 113 7.28 -21.05 9.85
C CYS A 113 6.59 -19.77 10.29
N PHE A 114 6.32 -19.62 11.60
CA PHE A 114 5.78 -18.37 12.11
C PHE A 114 6.69 -17.21 11.75
N ASP A 115 7.99 -17.37 12.01
CA ASP A 115 8.93 -16.31 11.67
C ASP A 115 9.10 -16.17 10.16
N ALA A 116 8.93 -17.28 9.41
CA ALA A 116 9.00 -17.22 7.97
C ALA A 116 7.90 -16.32 7.39
N ASN A 117 6.67 -16.47 7.90
CA ASN A 117 5.59 -15.59 7.45
C ASN A 117 5.76 -14.18 8.01
N ALA A 118 6.26 -14.06 9.24
CA ALA A 118 6.42 -12.74 9.85
C ALA A 118 7.49 -11.92 9.15
N GLY A 119 8.52 -12.56 8.60
CA GLY A 119 9.61 -11.84 7.98
C GLY A 119 9.55 -11.69 6.48
N LEU A 120 8.38 -11.95 5.87
CA LEU A 120 8.27 -11.94 4.42
C LEU A 120 7.61 -10.67 3.89
N PHE A 121 6.41 -10.34 4.36
CA PHE A 121 5.64 -9.27 3.76
C PHE A 121 6.29 -7.91 3.99
N GLU A 122 6.72 -7.64 5.22
CA GLU A 122 7.39 -6.38 5.51
C GLU A 122 8.69 -6.24 4.73
N THR A 123 9.35 -7.37 4.44
CA THR A 123 10.63 -7.32 3.74
C THR A 123 10.47 -7.02 2.25
N ILE A 124 9.33 -7.37 1.67
CA ILE A 124 9.13 -7.32 0.22
C ILE A 124 8.30 -6.12 -0.19
N LEU A 125 7.13 -5.94 0.42
CA LEU A 125 6.13 -5.01 -0.07
C LEU A 125 6.15 -3.71 0.73
N ASP A 126 6.05 -2.60 0.01
CA ASP A 126 6.02 -1.26 0.59
C ASP A 126 4.57 -0.77 0.66
N LYS A 127 4.40 0.52 0.91
CA LYS A 127 3.07 1.11 0.90
C LYS A 127 2.49 1.18 -0.51
N GLU A 128 3.35 1.18 -1.53
CA GLU A 128 2.89 1.22 -2.91
C GLU A 128 2.16 -0.05 -3.29
N ASP A 129 2.44 -1.16 -2.60
CA ASP A 129 1.94 -2.48 -2.97
C ASP A 129 0.63 -2.79 -2.22
N ALA A 130 0.07 -3.96 -2.54
CA ALA A 130 -1.19 -4.39 -1.94
C ALA A 130 -1.17 -5.89 -1.72
N ILE A 131 -1.81 -6.32 -0.64
CA ILE A 131 -1.92 -7.73 -0.28
C ILE A 131 -3.39 -8.13 -0.27
N ILE A 132 -3.71 -9.24 -0.92
CA ILE A 132 -5.06 -9.79 -0.95
C ILE A 132 -5.02 -11.16 -0.30
N SER A 133 -5.69 -11.30 0.84
CA SER A 133 -5.61 -12.49 1.66
C SER A 133 -6.94 -13.21 1.71
N ASP A 134 -6.88 -14.54 1.77
CA ASP A 134 -8.06 -15.33 2.09
C ASP A 134 -8.48 -15.04 3.53
N ALA A 135 -9.79 -14.92 3.74
CA ALA A 135 -10.30 -14.56 5.06
C ALA A 135 -9.94 -15.58 6.13
N LEU A 136 -9.58 -16.81 5.75
CA LEU A 136 -9.30 -17.87 6.70
C LEU A 136 -7.82 -18.25 6.73
N ASN A 137 -6.94 -17.29 6.48
CA ASN A 137 -5.51 -17.55 6.54
C ASN A 137 -5.06 -17.77 7.98
N HIS A 138 -3.91 -18.44 8.11
CA HIS A 138 -3.35 -18.78 9.41
C HIS A 138 -2.93 -17.54 10.18
N ALA A 139 -2.76 -17.71 11.50
CA ALA A 139 -2.43 -16.59 12.36
C ALA A 139 -1.05 -16.04 12.06
N SER A 140 -0.10 -16.90 11.66
CA SER A 140 1.22 -16.41 11.32
C SER A 140 1.17 -15.48 10.11
N ILE A 141 0.39 -15.87 9.11
CA ILE A 141 0.20 -15.03 7.93
C ILE A 141 -0.44 -13.71 8.33
N ILE A 142 -1.42 -13.75 9.23
CA ILE A 142 -2.11 -12.54 9.67
C ILE A 142 -1.13 -11.60 10.35
N ASP A 143 -0.30 -12.13 11.26
CA ASP A 143 0.68 -11.28 11.94
C ASP A 143 1.73 -10.75 10.98
N GLY A 144 2.09 -11.53 9.95
CA GLY A 144 3.02 -11.02 8.96
C GLY A 144 2.44 -9.88 8.14
N VAL A 145 1.17 -10.01 7.77
CA VAL A 145 0.49 -8.94 7.03
C VAL A 145 0.32 -7.70 7.90
N ARG A 146 0.10 -7.89 9.21
CA ARG A 146 -0.04 -6.76 10.13
C ARG A 146 1.23 -5.92 10.20
N LEU A 147 2.39 -6.52 9.94
CA LEU A 147 3.65 -5.78 9.92
C LEU A 147 3.92 -5.10 8.58
N CYS A 148 3.05 -5.28 7.59
CA CYS A 148 3.25 -4.74 6.26
C CYS A 148 2.48 -3.44 6.09
N LYS A 149 3.12 -2.45 5.48
CA LYS A 149 2.51 -1.16 5.22
C LYS A 149 1.74 -1.12 3.90
N ALA A 150 1.53 -2.28 3.27
CA ALA A 150 0.81 -2.32 2.00
C ALA A 150 -0.69 -2.29 2.24
N MET A 151 -1.44 -2.04 1.17
CA MET A 151 -2.88 -2.06 1.25
C MET A 151 -3.38 -3.48 1.48
N ARG A 152 -4.35 -3.62 2.36
CA ARG A 152 -4.85 -4.93 2.79
C ARG A 152 -6.23 -5.17 2.20
N PHE A 153 -6.41 -6.36 1.62
CA PHE A 153 -7.68 -6.77 1.02
C PHE A 153 -7.97 -8.21 1.42
N ARG A 154 -9.25 -8.49 1.68
CA ARG A 154 -9.71 -9.83 2.03
C ARG A 154 -10.76 -10.30 1.03
N TYR A 155 -10.84 -11.61 0.86
CA TYR A 155 -11.93 -12.23 0.11
C TYR A 155 -12.37 -13.47 0.87
N SER A 156 -13.68 -13.73 0.87
CA SER A 156 -14.20 -14.85 1.63
C SER A 156 -13.63 -16.17 1.12
N ASN A 157 -13.71 -17.19 1.96
CA ASN A 157 -13.00 -18.44 1.73
C ASN A 157 -13.41 -19.08 0.41
N ASN A 158 -12.43 -19.39 -0.43
CA ASN A 158 -12.58 -20.06 -1.71
C ASN A 158 -13.50 -19.33 -2.69
N ASN A 159 -13.83 -18.08 -2.40
CA ASN A 159 -14.72 -17.29 -3.25
C ASN A 159 -13.89 -16.57 -4.29
N MET A 160 -13.66 -17.23 -5.43
CA MET A 160 -12.89 -16.64 -6.51
C MET A 160 -13.55 -15.38 -7.07
N THR A 161 -14.87 -15.25 -6.94
CA THR A 161 -15.54 -14.04 -7.40
C THR A 161 -15.12 -12.83 -6.57
N GLU A 162 -15.16 -12.96 -5.24
CA GLU A 162 -14.66 -11.88 -4.40
C GLU A 162 -13.18 -11.66 -4.59
N LEU A 163 -12.43 -12.72 -4.90
CA LEU A 163 -11.01 -12.56 -5.19
C LEU A 163 -10.79 -11.69 -6.43
N GLU A 164 -11.56 -11.93 -7.49
CA GLU A 164 -11.45 -11.11 -8.69
C GLU A 164 -11.91 -9.69 -8.42
N GLU A 165 -12.95 -9.53 -7.60
CA GLU A 165 -13.40 -8.18 -7.23
C GLU A 165 -12.31 -7.42 -6.49
N GLN A 166 -11.65 -8.07 -5.54
CA GLN A 166 -10.58 -7.40 -4.80
C GLN A 166 -9.37 -7.14 -5.68
N LEU A 167 -9.07 -8.02 -6.64
CA LEU A 167 -8.00 -7.74 -7.59
C LEU A 167 -8.31 -6.51 -8.41
N ILE A 168 -9.55 -6.39 -8.88
CA ILE A 168 -9.96 -5.19 -9.63
C ILE A 168 -9.85 -3.95 -8.75
N ALA A 169 -10.32 -4.05 -7.50
CA ALA A 169 -10.23 -2.91 -6.60
C ALA A 169 -8.79 -2.52 -6.31
N ALA A 170 -7.87 -3.50 -6.30
CA ALA A 170 -6.47 -3.20 -6.08
C ALA A 170 -5.84 -2.53 -7.29
N LYS A 171 -6.17 -3.01 -8.49
CA LYS A 171 -5.68 -2.34 -9.70
C LYS A 171 -6.21 -0.92 -9.81
N ASP A 172 -7.50 -0.73 -9.48
CA ASP A 172 -8.08 0.61 -9.54
C ASP A 172 -7.52 1.51 -8.46
N ALA A 173 -7.09 0.95 -7.33
CA ALA A 173 -6.51 1.73 -6.25
C ALA A 173 -5.08 2.19 -6.55
N GLY A 174 -4.50 1.75 -7.66
CA GLY A 174 -3.15 2.15 -8.02
C GLY A 174 -2.07 1.39 -7.28
N ALA A 175 -2.24 0.07 -7.11
CA ALA A 175 -1.25 -0.73 -6.40
C ALA A 175 -0.12 -1.09 -7.35
N ARG A 176 1.11 -0.87 -6.91
CA ARG A 176 2.26 -1.23 -7.74
C ARG A 176 2.34 -2.75 -7.88
N ASN A 177 2.71 -3.44 -6.82
CA ASN A 177 2.76 -4.89 -6.80
C ASN A 177 1.59 -5.43 -5.99
N ILE A 178 0.99 -6.52 -6.47
CA ILE A 178 -0.14 -7.15 -5.81
C ILE A 178 0.22 -8.60 -5.51
N LEU A 179 0.01 -9.00 -4.27
CA LEU A 179 0.36 -10.34 -3.80
C LEU A 179 -0.89 -11.00 -3.23
N ILE A 180 -1.14 -12.24 -3.64
CA ILE A 180 -2.28 -13.03 -3.17
C ILE A 180 -1.72 -14.10 -2.25
N VAL A 181 -2.12 -14.06 -0.98
CA VAL A 181 -1.62 -14.99 0.03
C VAL A 181 -2.70 -16.01 0.33
N THR A 182 -2.31 -17.28 0.42
CA THR A 182 -3.31 -18.29 0.76
C THR A 182 -2.62 -19.51 1.36
N ASP A 183 -3.34 -20.17 2.25
CA ASP A 183 -2.93 -21.49 2.70
C ASP A 183 -3.19 -22.50 1.58
N GLY A 184 -2.31 -23.50 1.48
CA GLY A 184 -2.56 -24.58 0.56
C GLY A 184 -3.69 -25.49 1.02
N VAL A 185 -3.73 -25.78 2.31
CA VAL A 185 -4.77 -26.59 2.93
C VAL A 185 -5.30 -25.82 4.13
N PHE A 186 -6.60 -25.57 4.15
CA PHE A 186 -7.20 -24.89 5.28
C PHE A 186 -7.34 -25.88 6.42
N SER A 187 -6.55 -25.69 7.48
CA SER A 187 -6.35 -26.63 8.57
C SER A 187 -7.57 -26.84 9.44
N MET A 188 -8.75 -26.30 9.13
CA MET A 188 -9.94 -26.56 9.90
C MET A 188 -11.07 -27.18 9.10
N ASP A 189 -10.94 -27.22 7.77
CA ASP A 189 -11.93 -27.82 6.90
C ASP A 189 -11.40 -29.00 6.12
N GLY A 190 -10.08 -29.20 6.07
CA GLY A 190 -9.53 -30.27 5.27
C GLY A 190 -9.73 -30.08 3.79
N VAL A 191 -9.73 -28.84 3.32
CA VAL A 191 -9.98 -28.49 1.93
C VAL A 191 -8.73 -27.83 1.35
N VAL A 192 -8.38 -28.24 0.13
CA VAL A 192 -7.25 -27.65 -0.58
C VAL A 192 -7.73 -26.42 -1.34
N ALA A 193 -6.92 -25.36 -1.30
CA ALA A 193 -7.30 -24.11 -1.93
C ALA A 193 -7.40 -24.26 -3.45
N ASN A 194 -8.26 -23.45 -4.06
CA ASN A 194 -8.48 -23.49 -5.50
C ASN A 194 -7.32 -22.79 -6.21
N LEU A 195 -6.16 -23.45 -6.17
CA LEU A 195 -4.96 -22.87 -6.76
C LEU A 195 -5.06 -22.60 -8.26
N PRO A 196 -5.62 -23.49 -9.10
CA PRO A 196 -5.71 -23.15 -10.53
C PRO A 196 -6.49 -21.88 -10.82
N ALA A 197 -7.65 -21.68 -10.18
CA ALA A 197 -8.40 -20.45 -10.42
C ALA A 197 -7.64 -19.23 -9.92
N ILE A 198 -6.92 -19.38 -8.80
CA ILE A 198 -6.12 -18.28 -8.27
C ILE A 198 -5.01 -17.91 -9.25
N CYS A 199 -4.32 -18.92 -9.79
CA CYS A 199 -3.25 -18.65 -10.74
C CYS A 199 -3.80 -18.03 -12.01
N ASP A 200 -4.99 -18.46 -12.45
CA ASP A 200 -5.58 -17.85 -13.63
C ASP A 200 -5.93 -16.39 -13.40
N LEU A 201 -6.53 -16.08 -12.25
CA LEU A 201 -6.83 -14.69 -11.94
C LEU A 201 -5.56 -13.86 -11.79
N ALA A 202 -4.51 -14.45 -11.22
CA ALA A 202 -3.26 -13.73 -11.06
C ALA A 202 -2.63 -13.43 -12.42
N GLU A 203 -2.61 -14.40 -13.32
CA GLU A 203 -2.09 -14.15 -14.65
C GLU A 203 -2.94 -13.13 -15.40
N LYS A 204 -4.24 -13.12 -15.15
CA LYS A 204 -5.11 -12.14 -15.80
C LYS A 204 -4.82 -10.72 -15.30
N TYR A 205 -4.60 -10.57 -14.00
CA TYR A 205 -4.41 -9.24 -13.41
C TYR A 205 -2.96 -8.96 -13.05
N GLY A 206 -2.03 -9.85 -13.39
CA GLY A 206 -0.62 -9.61 -13.15
C GLY A 206 -0.29 -9.49 -11.68
N ALA A 207 -0.46 -10.58 -10.94
CA ALA A 207 -0.23 -10.58 -9.51
C ALA A 207 0.64 -11.76 -9.12
N LEU A 208 1.31 -11.62 -7.99
CA LEU A 208 2.15 -12.67 -7.44
C LEU A 208 1.32 -13.57 -6.53
N THR A 209 1.80 -14.79 -6.36
CA THR A 209 1.08 -15.82 -5.63
C THR A 209 1.97 -16.35 -4.51
N MET A 210 1.41 -16.45 -3.31
CA MET A 210 2.09 -17.05 -2.18
C MET A 210 1.20 -18.13 -1.57
N VAL A 211 1.81 -19.29 -1.32
CA VAL A 211 1.10 -20.44 -0.79
C VAL A 211 1.84 -20.92 0.45
N ASP A 212 1.08 -21.16 1.51
CA ASP A 212 1.63 -21.70 2.75
C ASP A 212 1.28 -23.18 2.79
N ASP A 213 2.21 -24.02 2.35
CA ASP A 213 2.02 -25.46 2.28
C ASP A 213 2.49 -26.18 3.53
N SER A 214 2.20 -25.62 4.71
CA SER A 214 2.64 -26.24 5.95
C SER A 214 1.95 -27.58 6.17
N HIS A 215 0.63 -27.62 5.96
CA HIS A 215 -0.14 -28.86 6.11
C HIS A 215 -0.17 -29.69 4.83
N ALA A 216 0.69 -29.39 3.87
CA ALA A 216 0.68 -30.09 2.58
C ALA A 216 2.02 -30.72 2.23
N VAL A 217 3.14 -30.06 2.51
CA VAL A 217 4.43 -30.56 2.08
C VAL A 217 4.73 -31.89 2.77
N GLY A 218 5.33 -32.80 2.02
CA GLY A 218 5.66 -34.11 2.55
C GLY A 218 4.84 -35.24 1.93
N PHE A 219 3.56 -34.97 1.66
CA PHE A 219 2.68 -36.02 1.14
C PHE A 219 1.71 -35.54 0.06
N MET A 220 1.26 -34.29 0.07
CA MET A 220 0.40 -33.79 -0.99
C MET A 220 1.18 -33.69 -2.29
N GLY A 221 0.67 -34.33 -3.33
CA GLY A 221 1.33 -34.38 -4.62
C GLY A 221 1.91 -35.75 -4.91
N LYS A 222 2.57 -35.84 -6.06
CA LYS A 222 3.15 -37.10 -6.52
C LYS A 222 4.40 -37.44 -5.71
N THR A 223 5.32 -36.49 -5.60
CA THR A 223 6.51 -36.63 -4.78
C THR A 223 6.31 -36.06 -3.37
N GLY A 224 5.15 -35.46 -3.10
CA GLY A 224 4.90 -34.82 -1.82
C GLY A 224 5.44 -33.42 -1.69
N ALA A 225 5.66 -32.72 -2.80
CA ALA A 225 6.19 -31.36 -2.75
C ALA A 225 5.19 -30.35 -2.20
N GLY A 226 3.90 -30.61 -2.29
CA GLY A 226 2.89 -29.72 -1.76
C GLY A 226 1.71 -29.60 -2.71
N THR A 227 0.81 -28.67 -2.37
CA THR A 227 -0.40 -28.48 -3.16
C THR A 227 -0.12 -27.92 -4.55
N HIS A 228 1.03 -27.25 -4.74
CA HIS A 228 1.37 -26.78 -6.07
C HIS A 228 1.70 -27.95 -7.01
N GLU A 229 2.10 -29.10 -6.46
CA GLU A 229 2.23 -30.31 -7.25
C GLU A 229 0.89 -31.03 -7.37
N TYR A 230 0.01 -30.86 -6.39
CA TYR A 230 -1.33 -31.43 -6.45
C TYR A 230 -2.11 -30.89 -7.66
N HIS A 231 -2.13 -29.56 -7.82
CA HIS A 231 -2.81 -28.92 -8.94
C HIS A 231 -1.91 -28.72 -10.15
N ASP A 232 -0.65 -29.15 -10.08
CA ASP A 232 0.31 -28.96 -11.17
C ASP A 232 0.38 -27.48 -11.57
N VAL A 233 0.77 -26.65 -10.61
CA VAL A 233 0.85 -25.22 -10.83
C VAL A 233 2.20 -24.69 -10.35
N VAL A 234 3.24 -25.53 -10.40
CA VAL A 234 4.57 -25.05 -10.13
C VAL A 234 4.95 -24.01 -11.20
N ASP A 235 5.84 -23.09 -10.83
CA ASP A 235 6.29 -21.99 -11.68
C ASP A 235 5.18 -20.96 -11.87
N ARG A 236 3.94 -21.33 -11.57
CA ARG A 236 2.84 -20.38 -11.53
C ARG A 236 2.62 -19.82 -10.13
N ILE A 237 3.16 -20.47 -9.10
CA ILE A 237 3.13 -19.97 -7.73
C ILE A 237 4.50 -19.39 -7.42
N ASP A 238 4.52 -18.12 -7.03
CA ASP A 238 5.78 -17.39 -6.95
C ASP A 238 6.53 -17.70 -5.67
N ILE A 239 5.85 -17.65 -4.53
CA ILE A 239 6.49 -17.80 -3.22
C ILE A 239 5.77 -18.89 -2.44
N ILE A 240 6.54 -19.74 -1.76
CA ILE A 240 5.99 -20.84 -0.99
C ILE A 240 6.62 -20.84 0.40
N THR A 241 5.80 -20.74 1.43
CA THR A 241 6.29 -20.85 2.80
C THR A 241 5.92 -22.22 3.35
N GLY A 242 6.68 -22.65 4.35
CA GLY A 242 6.39 -23.97 4.90
C GLY A 242 7.17 -24.22 6.17
N THR A 243 6.86 -25.34 6.80
CA THR A 243 7.46 -25.74 8.05
C THR A 243 7.99 -27.16 7.98
N LEU A 244 8.81 -27.50 8.96
CA LEU A 244 9.29 -28.85 9.15
C LEU A 244 8.67 -29.53 10.37
N GLY A 245 7.77 -28.84 11.08
CA GLY A 245 7.13 -29.35 12.26
C GLY A 245 5.87 -30.16 11.99
N LYS A 246 5.64 -30.56 10.75
CA LYS A 246 4.49 -31.37 10.40
C LYS A 246 4.94 -32.72 9.88
N ALA A 247 4.70 -32.98 8.58
CA ALA A 247 5.05 -34.27 8.02
C ALA A 247 6.56 -34.44 7.87
N MET A 248 7.29 -33.34 7.71
CA MET A 248 8.72 -33.39 7.44
C MET A 248 9.54 -33.65 8.70
N GLY A 249 8.97 -34.35 9.67
CA GLY A 249 9.70 -34.65 10.89
C GLY A 249 8.95 -34.33 12.15
N GLY A 250 8.59 -33.06 12.35
CA GLY A 250 7.85 -32.65 13.50
C GLY A 250 8.63 -31.94 14.58
N ALA A 251 9.88 -31.58 14.32
CA ALA A 251 10.72 -30.90 15.31
C ALA A 251 10.43 -29.42 15.32
N SER A 252 11.07 -28.68 14.40
CA SER A 252 10.93 -27.24 14.31
C SER A 252 11.63 -26.79 13.03
N GLY A 253 11.48 -25.52 12.72
CA GLY A 253 12.09 -24.94 11.55
C GLY A 253 11.05 -24.57 10.51
N GLY A 254 11.41 -23.60 9.67
CA GLY A 254 10.52 -23.15 8.62
C GLY A 254 11.34 -22.67 7.45
N TYR A 255 10.66 -22.37 6.36
CA TYR A 255 11.37 -21.98 5.15
C TYR A 255 10.48 -21.11 4.27
N THR A 256 11.15 -20.33 3.44
CA THR A 256 10.52 -19.56 2.38
C THR A 256 11.28 -19.86 1.10
N SER A 257 10.56 -20.24 0.04
CA SER A 257 11.17 -20.66 -1.21
C SER A 257 10.63 -19.82 -2.36
N GLY A 258 11.54 -19.46 -3.26
CA GLY A 258 11.17 -18.65 -4.40
C GLY A 258 12.39 -18.40 -5.27
N LYS A 259 12.28 -17.38 -6.13
CA LYS A 259 13.40 -17.04 -6.98
C LYS A 259 14.57 -16.51 -6.16
N LYS A 260 15.76 -16.59 -6.74
CA LYS A 260 16.98 -16.32 -6.00
C LYS A 260 17.06 -14.85 -5.57
N GLU A 261 16.48 -13.94 -6.36
CA GLU A 261 16.50 -12.53 -6.00
C GLU A 261 15.75 -12.28 -4.70
N VAL A 262 14.54 -12.86 -4.57
CA VAL A 262 13.75 -12.67 -3.37
C VAL A 262 14.46 -13.26 -2.16
N ILE A 263 15.08 -14.44 -2.33
CA ILE A 263 15.72 -15.07 -1.19
C ILE A 263 16.95 -14.27 -0.77
N GLU A 264 17.68 -13.70 -1.73
CA GLU A 264 18.79 -12.82 -1.37
C GLU A 264 18.30 -11.59 -0.60
N TRP A 265 17.23 -10.97 -1.09
CA TRP A 265 16.68 -9.80 -0.39
C TRP A 265 16.23 -10.17 1.01
N LEU A 266 15.71 -11.39 1.20
CA LEU A 266 15.32 -11.83 2.54
C LEU A 266 16.55 -12.03 3.42
N ARG A 267 17.60 -12.67 2.89
CA ARG A 267 18.82 -12.83 3.68
C ARG A 267 19.43 -11.49 4.05
N GLN A 268 19.13 -10.44 3.30
CA GLN A 268 19.66 -9.12 3.60
C GLN A 268 18.73 -8.28 4.49
N ARG A 269 17.43 -8.57 4.52
CA ARG A 269 16.51 -7.66 5.18
C ARG A 269 15.44 -8.33 6.04
N SER A 270 15.24 -9.64 5.96
CA SER A 270 14.22 -10.29 6.79
C SER A 270 14.62 -10.25 8.25
N ARG A 271 13.85 -9.54 9.06
CA ARG A 271 14.25 -9.31 10.46
C ARG A 271 14.36 -10.59 11.29
N PRO A 272 13.43 -11.55 11.23
CA PRO A 272 13.65 -12.80 11.97
C PRO A 272 14.89 -13.56 11.51
N TYR A 273 15.27 -13.42 10.24
CA TYR A 273 16.46 -14.12 9.76
C TYR A 273 17.74 -13.45 10.26
N LEU A 274 17.70 -12.14 10.48
CA LEU A 274 18.89 -11.40 10.90
C LEU A 274 19.05 -11.36 12.42
N PHE A 275 17.96 -11.46 13.17
CA PHE A 275 18.00 -11.26 14.61
C PHE A 275 17.48 -12.47 15.38
N SER A 276 17.64 -13.67 14.81
CA SER A 276 17.29 -14.90 15.51
C SER A 276 18.33 -15.96 15.19
N ASN A 277 18.53 -16.85 16.16
CA ASN A 277 19.60 -17.84 16.07
C ASN A 277 19.38 -18.77 14.87
N SER A 278 20.49 -19.28 14.33
CA SER A 278 20.40 -20.20 13.21
C SER A 278 19.78 -21.53 13.66
N VAL A 279 19.42 -22.35 12.68
CA VAL A 279 18.79 -23.64 12.96
C VAL A 279 19.84 -24.62 13.47
N ALA A 280 19.46 -25.42 14.46
CA ALA A 280 20.39 -26.36 15.08
C ALA A 280 20.83 -27.43 14.09
N PRO A 281 22.09 -27.89 14.19
CA PRO A 281 22.58 -28.88 13.22
C PRO A 281 21.83 -30.20 13.23
N ALA A 282 21.30 -30.61 14.39
CA ALA A 282 20.55 -31.87 14.44
C ALA A 282 19.31 -31.80 13.56
N ILE A 283 18.56 -30.70 13.66
CA ILE A 283 17.34 -30.58 12.88
C ILE A 283 17.65 -30.51 11.38
N VAL A 284 18.74 -29.84 11.02
CA VAL A 284 19.12 -29.72 9.61
C VAL A 284 19.51 -31.09 9.05
N SER A 285 20.34 -31.83 9.80
CA SER A 285 20.73 -33.16 9.35
C SER A 285 19.52 -34.07 9.22
N ALA A 286 18.62 -34.01 10.20
CA ALA A 286 17.41 -34.83 10.15
C ALA A 286 16.53 -34.45 8.96
N SER A 287 16.47 -33.17 8.62
CA SER A 287 15.66 -32.75 7.49
C SER A 287 16.25 -33.21 6.17
N ILE A 288 17.58 -33.18 6.05
CA ILE A 288 18.24 -33.74 4.87
C ILE A 288 17.91 -35.23 4.76
N ARG A 289 17.98 -35.94 5.88
CA ARG A 289 17.60 -37.35 5.89
C ARG A 289 16.14 -37.55 5.53
N VAL A 290 15.27 -36.62 5.94
CA VAL A 290 13.86 -36.70 5.59
C VAL A 290 13.68 -36.61 4.09
N LEU A 291 14.34 -35.63 3.46
CA LEU A 291 14.21 -35.48 2.02
C LEU A 291 14.70 -36.73 1.30
N ASP A 292 15.84 -37.28 1.72
CA ASP A 292 16.33 -38.52 1.12
C ASP A 292 15.34 -39.66 1.31
N LEU A 293 14.84 -39.82 2.54
CA LEU A 293 13.93 -40.91 2.85
C LEU A 293 12.64 -40.81 2.05
N LEU A 294 12.15 -39.59 1.84
CA LEU A 294 10.95 -39.42 1.04
C LEU A 294 11.23 -39.66 -0.44
N GLN A 295 12.47 -39.45 -0.88
CA GLN A 295 12.81 -39.86 -2.24
C GLN A 295 13.10 -41.34 -2.38
N GLU A 296 13.24 -42.08 -1.27
CA GLU A 296 13.58 -43.49 -1.35
C GLU A 296 12.38 -44.43 -1.35
N SER A 297 11.22 -44.00 -0.88
CA SER A 297 10.07 -44.89 -0.79
C SER A 297 8.81 -44.08 -0.63
N GLY A 298 7.79 -44.39 -1.42
CA GLY A 298 6.48 -43.77 -1.27
C GLY A 298 5.54 -44.62 -0.44
N ASP A 299 6.10 -45.47 0.41
CA ASP A 299 5.29 -46.39 1.21
C ASP A 299 4.47 -45.64 2.26
N LEU A 300 5.09 -44.67 2.93
CA LEU A 300 4.39 -43.94 3.99
C LEU A 300 3.21 -43.14 3.44
N ARG A 301 3.39 -42.53 2.26
CA ARG A 301 2.28 -41.83 1.63
C ARG A 301 1.13 -42.78 1.33
N ASP A 302 1.45 -43.96 0.80
CA ASP A 302 0.40 -44.92 0.47
C ASP A 302 -0.32 -45.39 1.73
N ARG A 303 0.42 -45.63 2.81
CA ARG A 303 -0.22 -45.98 4.08
C ARG A 303 -1.14 -44.87 4.55
N LEU A 304 -0.68 -43.61 4.47
CA LEU A 304 -1.49 -42.49 4.91
C LEU A 304 -2.78 -42.38 4.11
N TRP A 305 -2.68 -42.48 2.79
CA TRP A 305 -3.88 -42.34 1.96
C TRP A 305 -4.82 -43.55 2.10
N GLU A 306 -4.27 -44.75 2.29
CA GLU A 306 -5.12 -45.90 2.56
C GLU A 306 -5.89 -45.69 3.86
N ASN A 307 -5.19 -45.23 4.91
CA ASN A 307 -5.87 -44.93 6.18
C ASN A 307 -6.95 -43.88 5.98
N ALA A 308 -6.65 -42.85 5.18
CA ALA A 308 -7.61 -41.76 4.99
C ALA A 308 -8.86 -42.27 4.27
N THR A 309 -8.68 -43.04 3.21
CA THR A 309 -9.83 -43.56 2.48
C THR A 309 -10.65 -44.52 3.32
N HIS A 310 -9.99 -45.38 4.10
CA HIS A 310 -10.71 -46.30 4.95
C HIS A 310 -11.52 -45.55 6.00
N PHE A 311 -10.90 -44.54 6.63
CA PHE A 311 -11.60 -43.75 7.63
C PHE A 311 -12.79 -43.04 7.03
N ARG A 312 -12.59 -42.35 5.90
CA ARG A 312 -13.68 -41.58 5.32
C ARG A 312 -14.84 -42.49 4.90
N THR A 313 -14.54 -43.64 4.30
CA THR A 313 -15.60 -44.54 3.87
C THR A 313 -16.37 -45.11 5.06
N ARG A 314 -15.65 -45.68 6.03
CA ARG A 314 -16.33 -46.31 7.15
C ARG A 314 -17.06 -45.30 8.02
N MET A 315 -16.58 -44.06 8.11
CA MET A 315 -17.28 -43.06 8.90
C MET A 315 -18.45 -42.46 8.15
N SER A 316 -18.37 -42.39 6.81
CA SER A 316 -19.52 -41.89 6.05
C SER A 316 -20.64 -42.92 6.04
N GLU A 317 -20.30 -44.21 6.07
CA GLU A 317 -21.35 -45.23 6.12
C GLU A 317 -22.15 -45.13 7.41
N ALA A 318 -21.46 -44.96 8.54
CA ALA A 318 -22.12 -44.95 9.84
C ALA A 318 -23.03 -43.75 10.05
N GLY A 319 -23.17 -42.88 9.06
CA GLY A 319 -24.02 -41.71 9.13
C GLY A 319 -23.36 -40.44 9.59
N PHE A 320 -22.05 -40.45 9.84
CA PHE A 320 -21.35 -39.23 10.21
C PHE A 320 -21.27 -38.28 9.03
N THR A 321 -21.26 -36.97 9.33
CA THR A 321 -21.09 -35.93 8.32
C THR A 321 -19.64 -35.47 8.36
N LEU A 322 -18.89 -35.81 7.31
CA LEU A 322 -17.48 -35.48 7.22
C LEU A 322 -17.28 -34.37 6.21
N ALA A 323 -16.33 -33.49 6.49
CA ALA A 323 -15.98 -32.39 5.59
C ALA A 323 -14.63 -32.69 4.94
N GLY A 324 -14.19 -31.78 4.09
CA GLY A 324 -12.91 -31.88 3.43
C GLY A 324 -12.90 -32.90 2.31
N ALA A 325 -11.78 -32.90 1.58
CA ALA A 325 -11.62 -33.77 0.43
C ALA A 325 -10.14 -33.87 0.08
N ASP A 326 -9.64 -35.09 -0.04
CA ASP A 326 -8.28 -35.36 -0.52
C ASP A 326 -7.23 -34.75 0.39
N HIS A 327 -7.34 -35.06 1.69
CA HIS A 327 -6.34 -34.62 2.65
C HIS A 327 -6.41 -35.51 3.87
N ALA A 328 -5.31 -35.52 4.64
CA ALA A 328 -5.25 -36.31 5.86
C ALA A 328 -6.06 -35.70 7.00
N ILE A 329 -6.58 -34.50 6.82
CA ILE A 329 -7.43 -33.88 7.83
C ILE A 329 -8.88 -34.19 7.50
N ILE A 330 -9.53 -34.93 8.39
CA ILE A 330 -10.93 -35.31 8.23
C ILE A 330 -11.69 -34.74 9.43
N PRO A 331 -12.50 -33.70 9.21
CA PRO A 331 -13.32 -33.18 10.31
C PRO A 331 -14.64 -33.90 10.43
N ILE A 332 -15.03 -34.22 11.66
CA ILE A 332 -16.33 -34.79 11.96
C ILE A 332 -17.21 -33.61 12.39
N MET A 333 -18.16 -33.26 11.55
CA MET A 333 -19.03 -32.12 11.79
C MET A 333 -20.10 -32.50 12.80
N LEU A 334 -20.13 -31.82 13.94
CA LEU A 334 -21.10 -32.13 14.99
C LEU A 334 -22.11 -31.04 15.23
N GLY A 335 -21.81 -29.79 14.88
CA GLY A 335 -22.78 -28.72 14.99
C GLY A 335 -22.68 -27.94 16.27
N ASP A 336 -23.21 -28.51 17.35
CA ASP A 336 -23.26 -27.83 18.64
C ASP A 336 -21.91 -27.94 19.34
N ALA A 337 -21.56 -26.89 20.10
CA ALA A 337 -20.28 -26.86 20.79
C ALA A 337 -20.25 -27.84 21.96
N LYS A 338 -21.34 -27.90 22.74
CA LYS A 338 -21.41 -28.86 23.83
C LYS A 338 -21.30 -30.29 23.30
N VAL A 339 -21.87 -30.54 22.13
CA VAL A 339 -21.78 -31.88 21.54
C VAL A 339 -20.34 -32.21 21.21
N ALA A 340 -19.58 -31.25 20.67
CA ALA A 340 -18.18 -31.52 20.35
C ALA A 340 -17.37 -31.75 21.61
N ALA A 341 -17.61 -30.96 22.67
CA ALA A 341 -16.87 -31.14 23.90
C ALA A 341 -17.16 -32.50 24.52
N GLU A 342 -18.44 -32.87 24.58
CA GLU A 342 -18.81 -34.17 25.15
C GLU A 342 -18.28 -35.32 24.30
N PHE A 343 -18.28 -35.16 22.98
CA PHE A 343 -17.71 -36.18 22.11
C PHE A 343 -16.22 -36.37 22.39
N ALA A 344 -15.49 -35.27 22.55
CA ALA A 344 -14.07 -35.40 22.87
C ALA A 344 -13.87 -36.10 24.21
N GLU A 345 -14.68 -35.73 25.21
CA GLU A 345 -14.57 -36.37 26.52
C GLU A 345 -14.83 -37.87 26.43
N ARG A 346 -15.92 -38.25 25.76
CA ARG A 346 -16.29 -39.66 25.67
C ARG A 346 -15.23 -40.45 24.89
N ALA A 347 -14.78 -39.89 23.76
CA ALA A 347 -13.74 -40.56 22.99
C ALA A 347 -12.45 -40.71 23.80
N LEU A 348 -12.17 -39.75 24.69
CA LEU A 348 -11.03 -39.93 25.59
C LEU A 348 -11.29 -41.04 26.58
N GLU A 349 -12.55 -41.23 27.00
CA GLU A 349 -12.87 -42.38 27.84
C GLU A 349 -12.66 -43.69 27.09
N LYS A 350 -12.90 -43.71 25.78
CA LYS A 350 -12.70 -44.91 24.97
C LYS A 350 -11.25 -45.12 24.59
N GLY A 351 -10.34 -44.25 25.04
CA GLY A 351 -8.93 -44.37 24.76
C GLY A 351 -8.49 -43.75 23.46
N ILE A 352 -9.21 -42.77 22.95
CA ILE A 352 -8.87 -42.07 21.71
C ILE A 352 -8.71 -40.59 22.05
N TYR A 353 -7.62 -39.98 21.58
CA TYR A 353 -7.33 -38.59 21.87
C TYR A 353 -7.69 -37.76 20.63
N VAL A 354 -8.75 -36.97 20.75
CA VAL A 354 -9.18 -36.05 19.71
C VAL A 354 -9.45 -34.70 20.35
N ILE A 355 -9.61 -33.68 19.49
CA ILE A 355 -9.83 -32.31 19.93
C ILE A 355 -10.93 -31.70 19.08
N GLY A 356 -11.89 -31.04 19.72
CA GLY A 356 -12.95 -30.35 19.03
C GLY A 356 -12.73 -28.85 19.03
N PHE A 357 -13.42 -28.18 18.13
CA PHE A 357 -13.27 -26.73 17.95
C PHE A 357 -14.64 -26.09 17.78
N SER A 358 -14.84 -24.94 18.45
CA SER A 358 -16.13 -24.25 18.33
C SER A 358 -15.98 -22.81 17.83
N PHE A 359 -16.66 -21.86 18.49
CA PHE A 359 -16.98 -20.60 17.81
C PHE A 359 -15.76 -19.79 17.39
N PRO A 360 -14.90 -19.31 18.30
CA PRO A 360 -13.88 -18.33 17.88
C PRO A 360 -12.92 -18.83 16.80
N VAL A 361 -12.87 -20.14 16.55
CA VAL A 361 -12.01 -20.70 15.52
C VAL A 361 -12.78 -21.19 14.30
N VAL A 362 -14.00 -21.68 14.47
CA VAL A 362 -14.85 -22.09 13.35
C VAL A 362 -16.27 -21.60 13.60
N PRO A 363 -17.01 -21.29 12.53
CA PRO A 363 -18.30 -20.63 12.70
C PRO A 363 -19.29 -21.47 13.51
N LYS A 364 -20.22 -20.78 14.15
CA LYS A 364 -21.32 -21.42 14.86
C LYS A 364 -22.58 -21.38 14.01
N GLY A 365 -23.31 -22.49 13.98
CA GLY A 365 -22.95 -23.67 14.74
C GLY A 365 -22.37 -24.74 13.83
N GLN A 366 -21.12 -24.52 13.42
CA GLN A 366 -20.39 -25.52 12.65
C GLN A 366 -19.27 -26.11 13.49
N ALA A 367 -19.59 -26.54 14.71
CA ALA A 367 -18.60 -27.17 15.56
C ALA A 367 -18.14 -28.49 14.95
N ARG A 368 -16.88 -28.82 15.14
CA ARG A 368 -16.31 -29.99 14.50
C ARG A 368 -15.21 -30.57 15.37
N ILE A 369 -14.86 -31.82 15.07
CA ILE A 369 -13.75 -32.50 15.70
C ILE A 369 -12.78 -32.84 14.59
N ARG A 370 -11.61 -32.21 14.63
CA ARG A 370 -10.62 -32.34 13.56
C ARG A 370 -9.78 -33.58 13.81
N THR A 371 -10.12 -34.69 13.15
CA THR A 371 -9.29 -35.87 13.21
C THR A 371 -8.23 -35.76 12.13
N GLN A 372 -7.03 -36.22 12.44
CA GLN A 372 -5.91 -36.13 11.51
C GLN A 372 -5.32 -37.52 11.33
N MET A 373 -5.35 -38.02 10.10
CA MET A 373 -4.82 -39.34 9.81
C MET A 373 -3.30 -39.32 9.91
N SER A 374 -2.71 -40.51 9.98
CA SER A 374 -1.27 -40.63 10.14
C SER A 374 -0.80 -41.97 9.57
N ALA A 375 0.39 -41.96 8.98
CA ALA A 375 0.97 -43.21 8.50
C ALA A 375 1.44 -44.10 9.64
N ALA A 376 1.40 -43.62 10.88
CA ALA A 376 1.74 -44.45 12.03
C ALA A 376 0.57 -45.27 12.52
N HIS A 377 -0.65 -44.94 12.10
CA HIS A 377 -1.81 -45.73 12.45
C HIS A 377 -1.86 -47.01 11.63
N SER A 378 -2.10 -48.12 12.29
CA SER A 378 -2.37 -49.38 11.63
C SER A 378 -3.86 -49.64 11.62
N ARG A 379 -4.31 -50.45 10.65
CA ARG A 379 -5.75 -50.72 10.56
C ARG A 379 -6.30 -51.37 11.82
N GLU A 380 -5.45 -52.00 12.62
CA GLU A 380 -5.89 -52.45 13.94
C GLU A 380 -6.27 -51.25 14.80
N GLN A 381 -5.34 -50.30 14.95
CA GLN A 381 -5.60 -49.10 15.74
C GLN A 381 -6.67 -48.23 15.08
N LEU A 382 -6.63 -48.14 13.75
CA LEU A 382 -7.63 -47.35 13.03
C LEU A 382 -9.03 -47.89 13.26
N ASP A 383 -9.19 -49.21 13.14
CA ASP A 383 -10.51 -49.81 13.33
C ASP A 383 -10.94 -49.71 14.79
N LYS A 384 -10.01 -49.84 15.73
CA LYS A 384 -10.36 -49.61 17.13
C LYS A 384 -10.89 -48.19 17.32
N ALA A 385 -10.23 -47.21 16.71
CA ALA A 385 -10.69 -45.83 16.79
C ALA A 385 -12.08 -45.67 16.20
N ILE A 386 -12.28 -46.15 14.96
CA ILE A 386 -13.57 -46.01 14.29
C ILE A 386 -14.67 -46.68 15.11
N ASP A 387 -14.37 -47.85 15.69
CA ASP A 387 -15.36 -48.50 16.55
C ASP A 387 -15.69 -47.61 17.74
N ALA A 388 -14.69 -47.00 18.37
CA ALA A 388 -14.94 -46.11 19.48
C ALA A 388 -15.77 -44.91 19.06
N PHE A 389 -15.49 -44.36 17.88
CA PHE A 389 -16.24 -43.21 17.38
C PHE A 389 -17.70 -43.57 17.13
N ILE A 390 -17.94 -44.75 16.55
CA ILE A 390 -19.32 -45.15 16.28
C ILE A 390 -20.05 -45.45 17.59
N GLU A 391 -19.34 -46.01 18.56
CA GLU A 391 -19.92 -46.21 19.89
C GLU A 391 -20.33 -44.88 20.51
N VAL A 392 -19.44 -43.88 20.47
CA VAL A 392 -19.76 -42.57 21.02
C VAL A 392 -20.93 -41.95 20.28
N GLY A 393 -20.96 -42.08 18.95
CA GLY A 393 -22.05 -41.53 18.17
C GLY A 393 -23.38 -42.18 18.48
N ARG A 394 -23.37 -43.48 18.80
CA ARG A 394 -24.61 -44.16 19.17
C ARG A 394 -25.04 -43.75 20.57
N ASP A 395 -24.09 -43.62 21.50
CA ASP A 395 -24.42 -43.23 22.87
C ASP A 395 -24.99 -41.82 22.94
N MET A 396 -24.55 -40.93 22.05
CA MET A 396 -24.96 -39.52 22.10
C MET A 396 -26.17 -39.22 21.24
N GLU A 397 -26.84 -40.24 20.70
CA GLU A 397 -28.01 -40.06 19.85
C GLU A 397 -27.68 -39.19 18.64
N ILE A 398 -26.47 -39.36 18.09
CA ILE A 398 -26.05 -38.61 16.92
C ILE A 398 -26.32 -39.45 15.69
N ILE A 399 -25.59 -40.57 15.56
CA ILE A 399 -25.79 -41.51 14.47
C ILE A 399 -26.75 -42.60 14.93
N LYS A 400 -27.57 -43.08 13.99
CA LYS A 400 -28.58 -44.09 14.32
C LYS A 400 -28.73 -45.10 13.18
N ASN B 1 6.03 -15.31 -13.21
CA ASN B 1 4.76 -15.28 -13.91
C ASN B 1 4.85 -14.41 -15.16
N ILE B 2 4.05 -13.34 -15.21
CA ILE B 2 4.09 -12.41 -16.34
C ILE B 2 4.77 -11.12 -15.89
N MET B 3 4.07 -10.33 -15.08
CA MET B 3 4.58 -9.07 -14.57
C MET B 3 5.73 -9.27 -13.60
N SER B 4 5.91 -10.50 -13.11
CA SER B 4 6.99 -10.84 -12.19
C SER B 4 8.34 -10.27 -12.62
N SER B 5 8.59 -10.23 -13.94
CA SER B 5 9.87 -9.74 -14.44
C SER B 5 10.19 -8.37 -13.87
N ALA B 6 9.22 -7.45 -13.87
CA ALA B 6 9.48 -6.14 -13.29
C ALA B 6 9.71 -6.23 -11.78
N PHE B 7 8.91 -7.05 -11.09
CA PHE B 7 9.02 -7.16 -9.63
C PHE B 7 10.42 -7.60 -9.23
N TYR B 8 10.88 -8.72 -9.78
CA TYR B 8 12.21 -9.19 -9.42
C TYR B 8 13.27 -8.19 -9.84
N GLN B 9 13.03 -7.45 -10.93
CA GLN B 9 14.00 -6.45 -11.35
C GLN B 9 14.19 -5.41 -10.25
N GLN B 10 13.07 -4.95 -9.66
CA GLN B 10 13.19 -3.98 -8.59
C GLN B 10 14.00 -4.53 -7.44
N ILE B 11 13.74 -5.80 -7.09
CA ILE B 11 14.50 -6.40 -6.00
C ILE B 11 15.97 -6.42 -6.34
N GLN B 12 16.31 -6.79 -7.58
CA GLN B 12 17.71 -6.84 -7.95
C GLN B 12 18.34 -5.46 -7.82
N GLN B 13 17.61 -4.42 -8.24
CA GLN B 13 18.13 -3.07 -8.11
C GLN B 13 18.43 -2.77 -6.66
N GLN B 14 17.48 -3.10 -5.77
CA GLN B 14 17.71 -2.83 -4.36
C GLN B 14 18.92 -3.58 -3.85
N ILE B 15 19.05 -4.85 -4.26
CA ILE B 15 20.21 -5.63 -3.82
C ILE B 15 21.48 -4.95 -4.28
N GLU B 16 21.49 -4.48 -5.53
CA GLU B 16 22.71 -3.87 -6.04
C GLU B 16 23.04 -2.60 -5.28
N GLU B 17 21.99 -1.84 -4.91
CA GLU B 17 22.23 -0.64 -4.12
C GLU B 17 22.85 -1.00 -2.78
N VAL B 18 22.39 -2.10 -2.17
CA VAL B 18 22.97 -2.54 -0.92
C VAL B 18 24.45 -2.86 -1.12
N LYS B 19 24.79 -3.46 -2.27
CA LYS B 19 26.19 -3.72 -2.56
C LYS B 19 26.97 -2.42 -2.77
N ALA B 20 26.33 -1.41 -3.35
CA ALA B 20 27.01 -0.14 -3.59
C ALA B 20 27.29 0.59 -2.30
N GLU B 21 26.33 0.59 -1.37
CA GLU B 21 26.48 1.25 -0.08
C GLU B 21 27.37 0.48 0.88
N GLY B 22 27.87 -0.69 0.49
CA GLY B 22 28.76 -1.46 1.34
C GLY B 22 28.08 -2.08 2.54
N LEU B 23 26.81 -2.47 2.41
CA LEU B 23 26.07 -3.07 3.52
C LEU B 23 25.63 -4.49 3.21
N TYR B 24 26.10 -5.08 2.12
CA TYR B 24 25.72 -6.44 1.76
C TYR B 24 26.27 -7.43 2.78
N LYS B 25 25.38 -8.16 3.43
CA LYS B 25 25.76 -9.19 4.38
C LYS B 25 25.95 -10.51 3.65
N SER B 26 27.15 -11.06 3.70
CA SER B 26 27.47 -12.32 3.07
C SER B 26 27.75 -13.37 4.14
N GLU B 27 27.29 -14.59 3.90
CA GLU B 27 27.46 -15.68 4.85
C GLU B 27 28.72 -16.46 4.53
N ARG B 28 29.50 -16.77 5.55
CA ARG B 28 30.72 -17.55 5.39
C ARG B 28 30.44 -18.97 5.84
N ILE B 29 30.60 -19.93 4.93
CA ILE B 29 30.24 -21.31 5.22
C ILE B 29 31.25 -21.89 6.20
N ILE B 30 30.75 -22.56 7.22
CA ILE B 30 31.57 -23.20 8.24
C ILE B 30 31.44 -24.70 8.10
N THR B 31 32.57 -25.41 8.14
CA THR B 31 32.58 -26.85 7.98
C THR B 31 32.81 -27.58 9.30
N SER B 32 33.26 -26.88 10.33
CA SER B 32 33.56 -27.50 11.62
C SER B 32 32.42 -27.21 12.60
N GLN B 33 32.58 -27.71 13.83
CA GLN B 33 31.63 -27.45 14.88
C GLN B 33 31.83 -26.03 15.42
N GLN B 34 30.89 -25.58 16.25
CA GLN B 34 30.97 -24.25 16.82
C GLN B 34 31.89 -24.29 18.03
N GLN B 35 33.10 -23.75 17.88
CA GLN B 35 34.08 -23.76 18.96
C GLN B 35 35.03 -22.57 18.75
N ALA B 36 36.14 -22.57 19.49
CA ALA B 36 37.08 -21.46 19.39
C ALA B 36 37.83 -21.47 18.06
N ALA B 37 38.15 -22.65 17.55
CA ALA B 37 38.86 -22.79 16.27
C ALA B 37 37.87 -23.32 15.25
N VAL B 38 37.59 -22.53 14.22
CA VAL B 38 36.55 -22.83 13.24
C VAL B 38 37.18 -22.97 11.86
N LYS B 39 36.75 -24.00 11.12
CA LYS B 39 37.24 -24.25 9.78
C LYS B 39 36.25 -23.66 8.78
N ILE B 40 36.77 -22.83 7.88
CA ILE B 40 35.96 -22.24 6.81
C ILE B 40 36.01 -23.17 5.60
N ALA B 41 35.26 -22.81 4.54
CA ALA B 41 35.27 -23.62 3.33
C ALA B 41 36.57 -23.50 2.56
N SER B 42 37.34 -22.44 2.77
CA SER B 42 38.64 -22.28 2.13
C SER B 42 39.73 -23.14 2.77
N GLY B 43 39.40 -23.89 3.82
CA GLY B 43 40.33 -24.77 4.47
C GLY B 43 41.01 -24.18 5.69
N GLU B 44 40.99 -22.87 5.83
CA GLU B 44 41.71 -22.20 6.91
C GLU B 44 40.99 -22.35 8.24
N GLU B 45 41.77 -22.57 9.30
CA GLU B 45 41.25 -22.44 10.65
C GLU B 45 41.40 -21.00 11.10
N VAL B 46 40.35 -20.49 11.73
CA VAL B 46 40.34 -19.12 12.24
C VAL B 46 39.82 -19.14 13.66
N LEU B 47 40.28 -18.17 14.45
CA LEU B 47 39.79 -18.01 15.81
C LEU B 47 38.51 -17.19 15.78
N ASN B 48 37.46 -17.73 16.37
CA ASN B 48 36.13 -17.12 16.29
C ASN B 48 35.98 -16.12 17.43
N PHE B 49 35.78 -14.85 17.08
CA PHE B 49 35.57 -13.80 18.07
C PHE B 49 34.30 -13.01 17.77
N CYS B 50 33.28 -13.68 17.24
CA CYS B 50 32.01 -13.01 16.94
C CYS B 50 30.82 -13.94 17.14
N ALA B 51 30.95 -14.93 18.03
CA ALA B 51 29.88 -15.85 18.33
C ALA B 51 29.46 -15.68 19.78
N ASN B 52 28.17 -15.92 20.04
CA ASN B 52 27.62 -15.79 21.38
C ASN B 52 27.84 -17.05 22.21
N ASN B 53 28.93 -17.77 21.95
CA ASN B 53 29.26 -18.99 22.66
C ASN B 53 30.09 -18.66 23.90
N TYR B 54 29.48 -17.88 24.80
CA TYR B 54 30.22 -17.31 25.92
C TYR B 54 30.84 -18.38 26.81
N LEU B 55 30.11 -19.46 27.07
CA LEU B 55 30.60 -20.53 27.93
C LEU B 55 31.15 -21.72 27.14
N GLY B 56 31.13 -21.66 25.81
CA GLY B 56 31.68 -22.76 25.03
C GLY B 56 30.84 -24.01 25.02
N LEU B 57 29.56 -23.90 25.37
CA LEU B 57 28.69 -25.07 25.48
C LEU B 57 28.14 -25.54 24.14
N ALA B 58 28.39 -24.81 23.05
CA ALA B 58 27.80 -25.19 21.76
C ALA B 58 28.33 -26.55 21.28
N ASN B 59 29.52 -26.94 21.72
CA ASN B 59 30.08 -28.25 21.39
C ASN B 59 30.41 -29.05 22.64
N HIS B 60 29.79 -28.75 23.77
CA HIS B 60 30.10 -29.45 25.00
C HIS B 60 29.62 -30.90 24.91
N PRO B 61 30.48 -31.88 25.20
CA PRO B 61 30.07 -33.28 25.02
C PRO B 61 28.92 -33.70 25.92
N ALA B 62 28.82 -33.12 27.12
CA ALA B 62 27.70 -33.46 27.98
C ALA B 62 26.37 -33.06 27.35
N LEU B 63 26.35 -31.90 26.69
CA LEU B 63 25.12 -31.47 26.03
C LEU B 63 24.79 -32.34 24.83
N ILE B 64 25.81 -32.78 24.09
CA ILE B 64 25.58 -33.66 22.96
C ILE B 64 25.01 -34.99 23.43
N GLU B 65 25.58 -35.55 24.50
CA GLU B 65 25.08 -36.81 25.03
C GLU B 65 23.67 -36.65 25.59
N ALA B 66 23.39 -35.51 26.22
CA ALA B 66 22.04 -35.27 26.73
C ALA B 66 21.04 -35.13 25.58
N GLY B 67 21.44 -34.52 24.47
CA GLY B 67 20.56 -34.42 23.32
C GLY B 67 20.28 -35.78 22.70
N LYS B 68 21.31 -36.61 22.57
CA LYS B 68 21.10 -37.97 22.09
C LYS B 68 20.16 -38.73 23.02
N ALA B 69 20.37 -38.60 24.34
CA ALA B 69 19.51 -39.27 25.31
C ALA B 69 18.07 -38.78 25.18
N GLY B 70 17.89 -37.48 24.99
CA GLY B 70 16.54 -36.96 24.82
C GLY B 70 15.88 -37.46 23.55
N MET B 71 16.63 -37.53 22.44
CA MET B 71 16.04 -38.05 21.22
C MET B 71 15.68 -39.52 21.34
N ASP B 72 16.45 -40.28 22.14
CA ASP B 72 16.11 -41.69 22.33
C ASP B 72 14.94 -41.89 23.28
N GLU B 73 14.85 -41.06 24.33
CA GLU B 73 13.82 -41.25 25.35
C GLU B 73 12.48 -40.65 24.95
N HIS B 74 12.48 -39.48 24.32
CA HIS B 74 11.25 -38.74 24.05
C HIS B 74 11.02 -38.44 22.58
N GLY B 75 11.88 -38.93 21.69
CA GLY B 75 11.65 -38.80 20.26
C GLY B 75 12.37 -37.59 19.68
N PHE B 76 12.16 -37.43 18.36
CA PHE B 76 12.81 -36.36 17.62
C PHE B 76 11.99 -35.07 17.64
N GLY B 77 10.69 -35.16 17.38
CA GLY B 77 9.83 -34.00 17.38
C GLY B 77 8.48 -34.31 17.96
N MET B 78 7.72 -33.25 18.21
CA MET B 78 6.36 -33.37 18.74
C MET B 78 5.29 -33.32 17.66
N ALA B 79 5.52 -32.55 16.59
CA ALA B 79 4.58 -32.44 15.47
C ALA B 79 3.21 -31.96 15.94
N SER B 80 3.21 -31.07 16.93
CA SER B 80 1.97 -30.52 17.48
C SER B 80 2.33 -29.36 18.38
N VAL B 81 1.34 -28.49 18.63
CA VAL B 81 1.51 -27.36 19.53
C VAL B 81 1.36 -27.84 20.96
N ARG B 82 1.56 -26.95 21.93
CA ARG B 82 1.65 -27.37 23.32
C ARG B 82 0.29 -27.79 23.88
N PHE B 83 -0.77 -27.01 23.58
CA PHE B 83 -2.07 -27.27 24.19
C PHE B 83 -2.83 -28.43 23.53
N ILE B 84 -2.37 -28.94 22.40
CA ILE B 84 -3.01 -30.09 21.77
C ILE B 84 -2.37 -31.37 22.28
N CYS B 85 -1.19 -31.71 21.76
CA CYS B 85 -0.49 -32.91 22.20
C CYS B 85 1.02 -32.76 22.00
N GLY B 86 1.54 -31.56 22.27
CA GLY B 86 2.96 -31.31 22.17
C GLY B 86 3.67 -31.04 23.49
N THR B 87 3.00 -31.22 24.62
CA THR B 87 3.59 -30.96 25.93
C THR B 87 4.03 -32.28 26.57
N GLN B 88 5.34 -32.47 26.67
CA GLN B 88 5.90 -33.63 27.34
C GLN B 88 6.30 -33.28 28.78
N ASP B 89 6.69 -34.32 29.53
CA ASP B 89 7.12 -34.10 30.91
C ASP B 89 8.39 -33.28 30.99
N ILE B 90 9.29 -33.45 30.02
CA ILE B 90 10.55 -32.70 30.02
C ILE B 90 10.30 -31.21 29.81
N HIS B 91 9.22 -30.85 29.11
CA HIS B 91 8.90 -29.43 28.94
C HIS B 91 8.63 -28.77 30.29
N LYS B 92 7.72 -29.36 31.07
CA LYS B 92 7.41 -28.82 32.40
C LYS B 92 8.61 -28.93 33.34
N GLU B 93 9.42 -29.97 33.18
CA GLU B 93 10.64 -30.09 33.99
C GLU B 93 11.58 -28.92 33.72
N LEU B 94 11.83 -28.62 32.44
CA LEU B 94 12.70 -27.49 32.09
C LEU B 94 12.08 -26.18 32.54
N GLU B 95 10.76 -26.07 32.47
CA GLU B 95 10.10 -24.83 32.89
C GLU B 95 10.29 -24.60 34.39
N GLN B 96 10.09 -25.65 35.21
CA GLN B 96 10.29 -25.51 36.65
C GLN B 96 11.76 -25.22 36.96
N LYS B 97 12.68 -25.89 36.26
CA LYS B 97 14.11 -25.66 36.47
C LYS B 97 14.48 -24.21 36.14
N LEU B 98 13.96 -23.68 35.04
CA LEU B 98 14.26 -22.30 34.68
C LEU B 98 13.64 -21.33 35.67
N SER B 99 12.43 -21.62 36.14
CA SER B 99 11.78 -20.72 37.09
C SER B 99 12.57 -20.65 38.38
N THR B 100 13.12 -21.78 38.84
CA THR B 100 13.91 -21.75 40.07
C THR B 100 15.28 -21.13 39.82
N PHE B 101 15.88 -21.36 38.65
CA PHE B 101 17.18 -20.78 38.33
C PHE B 101 17.11 -19.25 38.27
N LEU B 102 16.02 -18.72 37.70
CA LEU B 102 15.85 -17.27 37.60
C LEU B 102 15.13 -16.67 38.80
N GLY B 103 14.61 -17.50 39.70
CA GLY B 103 13.93 -16.98 40.87
C GLY B 103 12.55 -16.43 40.61
N LYS B 104 11.85 -16.97 39.61
CA LYS B 104 10.50 -16.55 39.29
C LYS B 104 9.53 -17.71 39.52
N GLU B 105 8.24 -17.38 39.51
CA GLU B 105 7.23 -18.39 39.85
C GLU B 105 7.03 -19.39 38.72
N ASP B 106 6.99 -18.93 37.47
CA ASP B 106 6.71 -19.82 36.36
C ASP B 106 7.38 -19.29 35.10
N THR B 107 7.58 -20.19 34.13
CA THR B 107 8.14 -19.86 32.84
C THR B 107 7.33 -20.52 31.73
N ILE B 108 7.47 -19.97 30.53
CA ILE B 108 6.80 -20.48 29.34
C ILE B 108 7.81 -20.50 28.21
N LEU B 109 7.86 -21.62 27.47
CA LEU B 109 8.89 -21.88 26.47
C LEU B 109 8.38 -21.60 25.07
N TYR B 110 9.25 -21.00 24.26
CA TYR B 110 9.03 -20.73 22.85
C TYR B 110 10.18 -21.35 22.06
N THR B 111 10.03 -21.39 20.74
CA THR B 111 11.09 -21.91 19.89
C THR B 111 12.19 -20.90 19.63
N SER B 112 12.03 -19.67 20.09
CA SER B 112 13.03 -18.62 19.96
C SER B 112 12.61 -17.45 20.85
N CYS B 113 13.61 -16.68 21.30
CA CYS B 113 13.30 -15.49 22.07
C CYS B 113 12.62 -14.42 21.22
N PHE B 114 12.85 -14.45 19.90
CA PHE B 114 12.13 -13.55 19.01
C PHE B 114 10.62 -13.72 19.17
N ASP B 115 10.15 -14.97 19.11
CA ASP B 115 8.71 -15.22 19.29
C ASP B 115 8.27 -14.97 20.72
N ALA B 116 9.16 -15.17 21.69
CA ALA B 116 8.81 -14.88 23.08
C ALA B 116 8.51 -13.41 23.26
N ASN B 117 9.32 -12.53 22.68
CA ASN B 117 9.06 -11.10 22.77
C ASN B 117 7.86 -10.70 21.90
N ALA B 118 7.70 -11.34 20.74
CA ALA B 118 6.61 -10.99 19.85
C ALA B 118 5.25 -11.34 20.45
N GLY B 119 5.18 -12.40 21.25
CA GLY B 119 3.91 -12.84 21.79
C GLY B 119 3.59 -12.39 23.21
N LEU B 120 4.30 -11.37 23.70
CA LEU B 120 4.13 -10.93 25.08
C LEU B 120 3.30 -9.67 25.22
N PHE B 121 3.67 -8.59 24.52
CA PHE B 121 3.05 -7.30 24.78
C PHE B 121 1.60 -7.26 24.33
N GLU B 122 1.32 -7.78 23.13
CA GLU B 122 -0.07 -7.80 22.65
C GLU B 122 -0.96 -8.66 23.53
N THR B 123 -0.39 -9.70 24.15
CA THR B 123 -1.20 -10.60 24.96
C THR B 123 -1.59 -9.96 26.29
N ILE B 124 -0.81 -8.99 26.76
CA ILE B 124 -0.97 -8.43 28.10
C ILE B 124 -1.66 -7.07 28.06
N LEU B 125 -1.16 -6.16 27.24
CA LEU B 125 -1.51 -4.75 27.32
C LEU B 125 -2.57 -4.37 26.29
N ASP B 126 -3.53 -3.55 26.72
CA ASP B 126 -4.61 -3.05 25.90
C ASP B 126 -4.29 -1.64 25.40
N LYS B 127 -5.29 -0.94 24.86
CA LYS B 127 -5.10 0.44 24.44
C LYS B 127 -4.92 1.37 25.64
N GLU B 128 -5.50 1.00 26.79
CA GLU B 128 -5.39 1.84 27.98
C GLU B 128 -3.99 1.86 28.56
N ASP B 129 -3.18 0.85 28.26
CA ASP B 129 -1.88 0.69 28.90
C ASP B 129 -0.80 1.42 28.10
N ALA B 130 0.42 1.40 28.61
CA ALA B 130 1.53 2.11 27.98
C ALA B 130 2.81 1.31 28.11
N ILE B 131 3.66 1.41 27.09
CA ILE B 131 4.95 0.75 27.05
C ILE B 131 6.02 1.82 26.93
N ILE B 132 7.02 1.75 27.80
CA ILE B 132 8.15 2.67 27.78
C ILE B 132 9.40 1.84 27.55
N SER B 133 10.04 2.04 26.39
CA SER B 133 11.16 1.22 25.96
C SER B 133 12.42 2.05 25.84
N ASP B 134 13.55 1.43 26.16
CA ASP B 134 14.85 2.04 25.86
C ASP B 134 15.02 2.16 24.35
N ALA B 135 15.56 3.31 23.92
CA ALA B 135 15.68 3.59 22.49
C ALA B 135 16.54 2.57 21.76
N LEU B 136 17.37 1.82 22.49
CA LEU B 136 18.32 0.88 21.89
C LEU B 136 17.94 -0.57 22.15
N ASN B 137 16.64 -0.84 22.29
CA ASN B 137 16.17 -2.21 22.49
C ASN B 137 16.35 -3.05 21.23
N HIS B 138 16.33 -4.37 21.42
CA HIS B 138 16.51 -5.32 20.33
C HIS B 138 15.33 -5.27 19.36
N ALA B 139 15.57 -5.80 18.15
CA ALA B 139 14.56 -5.73 17.09
C ALA B 139 13.33 -6.56 17.42
N SER B 140 13.50 -7.68 18.12
CA SER B 140 12.34 -8.51 18.49
C SER B 140 11.41 -7.74 19.42
N ILE B 141 11.99 -7.02 20.38
CA ILE B 141 11.18 -6.20 21.28
C ILE B 141 10.43 -5.13 20.50
N ILE B 142 11.10 -4.53 19.52
CA ILE B 142 10.47 -3.47 18.72
C ILE B 142 9.28 -4.04 17.95
N ASP B 143 9.46 -5.19 17.30
CA ASP B 143 8.35 -5.77 16.56
C ASP B 143 7.22 -6.22 17.47
N GLY B 144 7.55 -6.74 18.65
CA GLY B 144 6.52 -7.15 19.58
C GLY B 144 5.70 -5.97 20.08
N VAL B 145 6.37 -4.86 20.36
CA VAL B 145 5.64 -3.65 20.74
C VAL B 145 4.82 -3.14 19.55
N ARG B 146 5.33 -3.29 18.33
CA ARG B 146 4.55 -2.89 17.16
C ARG B 146 3.28 -3.71 17.05
N LEU B 147 3.28 -4.94 17.57
CA LEU B 147 2.04 -5.71 17.57
C LEU B 147 1.11 -5.35 18.74
N CYS B 148 1.54 -4.46 19.63
CA CYS B 148 0.76 -4.08 20.80
C CYS B 148 0.04 -2.75 20.55
N LYS B 149 -1.21 -2.68 20.98
CA LYS B 149 -2.04 -1.48 20.85
C LYS B 149 -1.86 -0.51 22.01
N ALA B 150 -0.84 -0.69 22.84
CA ALA B 150 -0.64 0.18 23.98
C ALA B 150 0.03 1.48 23.54
N MET B 151 0.00 2.48 24.43
CA MET B 151 0.68 3.73 24.15
C MET B 151 2.18 3.52 24.17
N ARG B 152 2.87 4.07 23.18
CA ARG B 152 4.29 3.84 23.00
C ARG B 152 5.10 5.08 23.35
N PHE B 153 6.11 4.90 24.19
CA PHE B 153 7.02 5.97 24.56
C PHE B 153 8.43 5.40 24.59
N ARG B 154 9.39 6.18 24.12
CA ARG B 154 10.80 5.80 24.11
C ARG B 154 11.63 6.84 24.86
N TYR B 155 12.76 6.40 25.40
CA TYR B 155 13.72 7.28 26.04
C TYR B 155 15.12 6.88 25.60
N SER B 156 15.99 7.88 25.44
CA SER B 156 17.35 7.63 24.96
C SER B 156 18.09 6.72 25.92
N ASN B 157 19.15 6.09 25.40
CA ASN B 157 19.81 4.99 26.11
C ASN B 157 20.34 5.44 27.47
N ASN B 158 19.95 4.69 28.51
CA ASN B 158 20.42 4.86 29.88
C ASN B 158 20.15 6.26 30.45
N ASN B 159 19.31 7.05 29.80
CA ASN B 159 19.00 8.40 30.27
C ASN B 159 17.81 8.31 31.21
N MET B 160 18.09 8.13 32.50
CA MET B 160 17.02 8.01 33.48
C MET B 160 16.18 9.27 33.57
N THR B 161 16.72 10.42 33.20
CA THR B 161 15.93 11.65 33.19
C THR B 161 14.83 11.58 32.15
N GLU B 162 15.17 11.18 30.92
CA GLU B 162 14.14 10.99 29.90
C GLU B 162 13.19 9.86 30.27
N LEU B 163 13.68 8.85 30.99
CA LEU B 163 12.78 7.78 31.46
C LEU B 163 11.73 8.34 32.41
N GLU B 164 12.15 9.18 33.36
CA GLU B 164 11.18 9.79 34.27
C GLU B 164 10.24 10.74 33.55
N GLU B 165 10.76 11.48 32.56
CA GLU B 165 9.90 12.37 31.78
C GLU B 165 8.83 11.57 31.04
N GLN B 166 9.21 10.45 30.42
CA GLN B 166 8.23 9.64 29.71
C GLN B 166 7.27 8.96 30.68
N LEU B 167 7.72 8.60 31.87
CA LEU B 167 6.78 8.08 32.88
C LEU B 167 5.74 9.11 33.25
N ILE B 168 6.17 10.37 33.42
CA ILE B 168 5.22 11.45 33.71
C ILE B 168 4.25 11.63 32.56
N ALA B 169 4.76 11.62 31.32
CA ALA B 169 3.89 11.74 30.16
C ALA B 169 2.91 10.58 30.06
N ALA B 170 3.31 9.40 30.52
CA ALA B 170 2.41 8.24 30.50
C ALA B 170 1.31 8.39 31.54
N LYS B 171 1.67 8.86 32.74
CA LYS B 171 0.64 9.10 33.75
C LYS B 171 -0.34 10.18 33.30
N ASP B 172 0.18 11.24 32.68
CA ASP B 172 -0.70 12.32 32.21
C ASP B 172 -1.58 11.86 31.05
N ALA B 173 -1.12 10.87 30.28
CA ALA B 173 -1.93 10.34 29.19
C ALA B 173 -3.06 9.45 29.68
N GLY B 174 -3.13 9.18 30.98
CA GLY B 174 -4.18 8.33 31.53
C GLY B 174 -3.95 6.86 31.32
N ALA B 175 -2.72 6.39 31.49
CA ALA B 175 -2.39 4.99 31.25
C ALA B 175 -2.77 4.13 32.44
N ARG B 176 -3.48 3.03 32.17
CA ARG B 176 -3.86 2.08 33.20
C ARG B 176 -2.62 1.39 33.78
N ASN B 177 -2.01 0.51 32.99
CA ASN B 177 -0.78 -0.18 33.36
C ASN B 177 0.39 0.41 32.58
N ILE B 178 1.53 0.52 33.23
CA ILE B 178 2.75 1.05 32.61
C ILE B 178 3.85 0.01 32.73
N LEU B 179 4.48 -0.31 31.61
CA LEU B 179 5.51 -1.34 31.54
C LEU B 179 6.79 -0.70 31.01
N ILE B 180 7.90 -0.96 31.67
CA ILE B 180 9.21 -0.49 31.26
C ILE B 180 9.99 -1.68 30.74
N VAL B 181 10.33 -1.65 29.45
CA VAL B 181 11.02 -2.74 28.78
C VAL B 181 12.47 -2.34 28.58
N THR B 182 13.39 -3.27 28.85
CA THR B 182 14.78 -2.95 28.60
C THR B 182 15.59 -4.23 28.39
N ASP B 183 16.63 -4.11 27.57
CA ASP B 183 17.61 -5.17 27.50
C ASP B 183 18.45 -5.17 28.78
N GLY B 184 18.85 -6.36 29.21
CA GLY B 184 19.76 -6.44 30.33
C GLY B 184 21.16 -5.99 29.95
N VAL B 185 21.62 -6.38 28.76
CA VAL B 185 22.91 -5.98 28.22
C VAL B 185 22.69 -5.49 26.80
N PHE B 186 23.12 -4.26 26.51
CA PHE B 186 22.97 -3.72 25.16
C PHE B 186 24.04 -4.35 24.28
N SER B 187 23.60 -5.18 23.33
CA SER B 187 24.46 -6.05 22.54
C SER B 187 25.38 -5.32 21.56
N MET B 188 25.43 -3.99 21.56
CA MET B 188 26.35 -3.26 20.69
C MET B 188 27.30 -2.34 21.45
N ASP B 189 27.10 -2.15 22.75
CA ASP B 189 28.00 -1.34 23.55
C ASP B 189 28.67 -2.11 24.66
N GLY B 190 28.18 -3.30 25.00
CA GLY B 190 28.73 -4.06 26.11
C GLY B 190 28.50 -3.42 27.46
N VAL B 191 27.38 -2.74 27.63
CA VAL B 191 27.05 -2.02 28.86
C VAL B 191 25.81 -2.65 29.48
N VAL B 192 25.84 -2.83 30.78
CA VAL B 192 24.71 -3.39 31.52
C VAL B 192 23.75 -2.26 31.87
N ALA B 193 22.45 -2.52 31.71
CA ALA B 193 21.46 -1.49 31.97
C ALA B 193 21.42 -1.11 33.44
N ASN B 194 21.05 0.15 33.70
CA ASN B 194 20.97 0.69 35.06
C ASN B 194 19.70 0.20 35.73
N LEU B 195 19.68 -1.09 36.07
CA LEU B 195 18.50 -1.70 36.66
C LEU B 195 18.10 -1.09 38.01
N PRO B 196 19.01 -0.77 38.94
CA PRO B 196 18.54 -0.16 40.20
C PRO B 196 17.78 1.13 40.01
N ALA B 197 18.26 2.04 39.16
CA ALA B 197 17.54 3.28 38.91
C ALA B 197 16.19 3.02 38.28
N ILE B 198 16.12 2.03 37.38
CA ILE B 198 14.87 1.69 36.72
C ILE B 198 13.86 1.17 37.74
N CYS B 199 14.30 0.27 38.62
CA CYS B 199 13.40 -0.27 39.64
C CYS B 199 12.95 0.80 40.61
N ASP B 200 13.85 1.73 40.97
CA ASP B 200 13.46 2.81 41.86
C ASP B 200 12.42 3.71 41.21
N LEU B 201 12.62 4.07 39.94
CA LEU B 201 11.63 4.86 39.23
C LEU B 201 10.32 4.10 39.07
N ALA B 202 10.39 2.78 38.91
CA ALA B 202 9.17 1.98 38.78
C ALA B 202 8.39 1.99 40.08
N GLU B 203 9.07 1.81 41.22
CA GLU B 203 8.35 1.88 42.49
C GLU B 203 7.83 3.29 42.75
N LYS B 204 8.55 4.32 42.27
CA LYS B 204 8.08 5.69 42.47
C LYS B 204 6.81 5.97 41.67
N TYR B 205 6.74 5.47 40.44
CA TYR B 205 5.59 5.71 39.57
C TYR B 205 4.69 4.50 39.41
N GLY B 206 4.95 3.41 40.12
CA GLY B 206 4.09 2.25 40.07
C GLY B 206 4.04 1.63 38.69
N ALA B 207 5.18 1.11 38.23
CA ALA B 207 5.28 0.52 36.90
C ALA B 207 5.93 -0.85 36.98
N LEU B 208 5.62 -1.67 35.98
CA LEU B 208 6.15 -3.01 35.85
C LEU B 208 7.48 -2.98 35.11
N THR B 209 8.28 -4.02 35.33
CA THR B 209 9.64 -4.09 34.81
C THR B 209 9.80 -5.35 33.97
N MET B 210 10.35 -5.19 32.76
CA MET B 210 10.68 -6.32 31.90
C MET B 210 12.13 -6.20 31.46
N VAL B 211 12.85 -7.31 31.58
CA VAL B 211 14.27 -7.35 31.24
C VAL B 211 14.50 -8.50 30.27
N ASP B 212 15.25 -8.22 29.21
CA ASP B 212 15.65 -9.22 28.23
C ASP B 212 17.11 -9.60 28.51
N ASP B 213 17.30 -10.68 29.27
CA ASP B 213 18.63 -11.14 29.65
C ASP B 213 19.21 -12.14 28.66
N SER B 214 19.04 -11.92 27.36
CA SER B 214 19.52 -12.87 26.38
C SER B 214 21.04 -12.96 26.39
N HIS B 215 21.71 -11.82 26.39
CA HIS B 215 23.17 -11.76 26.46
C HIS B 215 23.70 -11.76 27.88
N ALA B 216 22.85 -12.11 28.86
CA ALA B 216 23.24 -12.06 30.26
C ALA B 216 23.09 -13.39 30.99
N VAL B 217 22.02 -14.14 30.71
CA VAL B 217 21.77 -15.37 31.46
C VAL B 217 22.88 -16.37 31.20
N GLY B 218 23.25 -17.11 32.24
CA GLY B 218 24.29 -18.11 32.14
C GLY B 218 25.55 -17.77 32.90
N PHE B 219 25.93 -16.49 32.93
CA PHE B 219 27.17 -16.08 33.58
C PHE B 219 27.08 -14.78 34.36
N MET B 220 26.21 -13.84 33.98
CA MET B 220 26.05 -12.61 34.75
C MET B 220 25.42 -12.90 36.11
N GLY B 221 26.08 -12.46 37.17
CA GLY B 221 25.62 -12.70 38.52
C GLY B 221 26.46 -13.74 39.23
N LYS B 222 26.05 -14.04 40.47
CA LYS B 222 26.77 -15.03 41.26
C LYS B 222 26.51 -16.43 40.75
N THR B 223 25.24 -16.77 40.56
CA THR B 223 24.84 -18.06 39.99
C THR B 223 24.70 -18.01 38.47
N GLY B 224 24.87 -16.83 37.87
CA GLY B 224 24.69 -16.70 36.44
C GLY B 224 23.26 -16.57 36.00
N ALA B 225 22.37 -16.15 36.90
CA ALA B 225 20.96 -16.03 36.56
C ALA B 225 20.68 -14.87 35.60
N GLY B 226 21.53 -13.86 35.60
CA GLY B 226 21.35 -12.74 34.69
C GLY B 226 21.62 -11.43 35.39
N THR B 227 21.30 -10.33 34.69
CA THR B 227 21.55 -9.00 35.22
C THR B 227 20.68 -8.68 36.42
N HIS B 228 19.54 -9.34 36.59
CA HIS B 228 18.73 -9.10 37.77
C HIS B 228 19.42 -9.62 39.02
N GLU B 229 20.31 -10.59 38.89
CA GLU B 229 21.18 -11.01 39.98
C GLU B 229 22.44 -10.15 40.06
N TYR B 230 22.88 -9.60 38.93
CA TYR B 230 24.03 -8.71 38.90
C TYR B 230 23.81 -7.49 39.79
N HIS B 231 22.67 -6.82 39.62
CA HIS B 231 22.35 -5.65 40.42
C HIS B 231 21.57 -5.99 41.68
N ASP B 232 21.33 -7.27 41.94
CA ASP B 232 20.56 -7.72 43.10
C ASP B 232 19.20 -7.02 43.14
N VAL B 233 18.44 -7.23 42.08
CA VAL B 233 17.13 -6.60 41.93
C VAL B 233 16.09 -7.65 41.57
N VAL B 234 16.33 -8.89 42.01
CA VAL B 234 15.31 -9.92 41.89
C VAL B 234 14.10 -9.51 42.73
N ASP B 235 12.93 -10.00 42.33
CA ASP B 235 11.64 -9.71 42.99
C ASP B 235 11.20 -8.27 42.72
N ARG B 236 12.11 -7.41 42.27
CA ARG B 236 11.76 -6.08 41.80
C ARG B 236 11.57 -6.02 40.30
N ILE B 237 12.05 -7.02 39.56
CA ILE B 237 11.83 -7.11 38.12
C ILE B 237 10.73 -8.13 37.86
N ASP B 238 9.65 -7.68 37.20
CA ASP B 238 8.44 -8.49 37.14
C ASP B 238 8.53 -9.58 36.09
N ILE B 239 8.99 -9.25 34.89
CA ILE B 239 9.01 -10.18 33.77
C ILE B 239 10.43 -10.24 33.20
N ILE B 240 10.87 -11.45 32.87
CA ILE B 240 12.20 -11.67 32.31
C ILE B 240 12.08 -12.56 31.09
N THR B 241 12.57 -12.08 29.96
CA THR B 241 12.63 -12.89 28.76
C THR B 241 14.07 -13.34 28.53
N GLY B 242 14.22 -14.41 27.76
CA GLY B 242 15.56 -14.90 27.51
C GLY B 242 15.56 -15.95 26.42
N THR B 243 16.78 -16.36 26.06
CA THR B 243 16.99 -17.33 25.01
C THR B 243 17.92 -18.43 25.50
N LEU B 244 17.99 -19.49 24.70
CA LEU B 244 18.95 -20.58 24.90
C LEU B 244 20.02 -20.60 23.83
N GLY B 245 19.95 -19.69 22.85
CA GLY B 245 20.87 -19.64 21.74
C GLY B 245 22.12 -18.82 21.99
N LYS B 246 22.40 -18.50 23.26
CA LYS B 246 23.59 -17.74 23.61
C LYS B 246 24.48 -18.61 24.49
N ALA B 247 24.63 -18.21 25.76
CA ALA B 247 25.51 -18.96 26.66
C ALA B 247 24.88 -20.29 27.08
N MET B 248 23.56 -20.37 27.08
CA MET B 248 22.85 -21.55 27.60
C MET B 248 22.83 -22.71 26.61
N GLY B 249 23.84 -22.82 25.76
CA GLY B 249 23.89 -23.91 24.81
C GLY B 249 24.18 -23.46 23.40
N GLY B 250 23.30 -22.64 22.83
CA GLY B 250 23.50 -22.11 21.50
C GLY B 250 22.67 -22.72 20.42
N ALA B 251 21.69 -23.55 20.77
CA ALA B 251 20.84 -24.18 19.76
C ALA B 251 19.70 -23.24 19.36
N SER B 252 18.63 -23.23 20.13
CA SER B 252 17.46 -22.43 19.84
C SER B 252 16.53 -22.49 21.04
N GLY B 253 15.46 -21.71 20.98
CA GLY B 253 14.49 -21.67 22.05
C GLY B 253 14.52 -20.34 22.77
N GLY B 254 13.40 -20.04 23.43
CA GLY B 254 13.28 -18.82 24.21
C GLY B 254 12.34 -19.07 25.36
N TYR B 255 12.27 -18.10 26.26
CA TYR B 255 11.43 -18.28 27.44
C TYR B 255 11.00 -16.93 27.98
N THR B 256 9.87 -16.96 28.69
CA THR B 256 9.36 -15.81 29.43
C THR B 256 9.03 -16.27 30.84
N SER B 257 9.53 -15.55 31.84
CA SER B 257 9.39 -15.94 33.24
C SER B 257 8.76 -14.81 34.05
N GLY B 258 7.85 -15.19 34.93
CA GLY B 258 7.19 -14.23 35.79
C GLY B 258 6.23 -14.97 36.71
N LYS B 259 5.29 -14.22 37.29
CA LYS B 259 4.30 -14.85 38.16
C LYS B 259 3.36 -15.72 37.35
N LYS B 260 2.69 -16.65 38.05
CA LYS B 260 1.91 -17.67 37.36
C LYS B 260 0.72 -17.08 36.61
N GLU B 261 0.16 -15.97 37.08
CA GLU B 261 -0.99 -15.38 36.38
C GLU B 261 -0.61 -14.97 34.96
N VAL B 262 0.53 -14.28 34.82
CA VAL B 262 0.98 -13.85 33.50
C VAL B 262 1.26 -15.05 32.61
N ILE B 263 1.90 -16.08 33.18
CA ILE B 263 2.29 -17.23 32.37
C ILE B 263 1.05 -18.02 31.93
N GLU B 264 0.05 -18.11 32.80
CA GLU B 264 -1.21 -18.75 32.40
C GLU B 264 -1.89 -17.97 31.29
N TRP B 265 -1.95 -16.64 31.43
CA TRP B 265 -2.55 -15.83 30.39
C TRP B 265 -1.78 -15.98 29.08
N LEU B 266 -0.47 -16.17 29.15
CA LEU B 266 0.32 -16.41 27.94
C LEU B 266 0.01 -17.76 27.33
N ARG B 267 -0.06 -18.82 28.15
CA ARG B 267 -0.42 -20.13 27.64
C ARG B 267 -1.82 -20.13 27.03
N GLN B 268 -2.68 -19.19 27.45
CA GLN B 268 -4.02 -19.11 26.92
C GLN B 268 -4.15 -18.20 25.71
N ARG B 269 -3.26 -17.23 25.55
CA ARG B 269 -3.49 -16.21 24.52
C ARG B 269 -2.27 -15.81 23.70
N SER B 270 -1.06 -16.21 24.06
CA SER B 270 0.12 -15.85 23.29
C SER B 270 0.09 -16.54 21.94
N ARG B 271 0.01 -15.76 20.86
CA ARG B 271 -0.17 -16.34 19.54
C ARG B 271 0.96 -17.25 19.08
N PRO B 272 2.24 -16.90 19.26
CA PRO B 272 3.29 -17.88 18.91
C PRO B 272 3.20 -19.16 19.71
N TYR B 273 2.69 -19.11 20.93
CA TYR B 273 2.58 -20.32 21.74
C TYR B 273 1.44 -21.20 21.25
N LEU B 274 0.40 -20.60 20.67
CA LEU B 274 -0.78 -21.35 20.21
C LEU B 274 -0.65 -21.84 18.78
N PHE B 275 0.15 -21.15 17.95
CA PHE B 275 0.20 -21.44 16.52
C PHE B 275 1.61 -21.76 16.05
N SER B 276 2.45 -22.31 16.92
CA SER B 276 3.78 -22.73 16.54
C SER B 276 4.13 -24.04 17.24
N ASN B 277 4.96 -24.84 16.57
CA ASN B 277 5.28 -26.17 17.05
C ASN B 277 5.99 -26.10 18.40
N SER B 278 5.84 -27.16 19.19
CA SER B 278 6.48 -27.22 20.49
C SER B 278 8.01 -27.33 20.34
N VAL B 279 8.70 -27.15 21.46
CA VAL B 279 10.16 -27.20 21.47
C VAL B 279 10.60 -28.66 21.38
N ALA B 280 11.65 -28.91 20.60
CA ALA B 280 12.10 -30.27 20.35
C ALA B 280 12.64 -30.91 21.63
N PRO B 281 12.42 -32.22 21.81
CA PRO B 281 12.89 -32.87 23.05
C PRO B 281 14.40 -32.84 23.23
N ALA B 282 15.17 -32.87 22.15
CA ALA B 282 16.62 -32.83 22.28
C ALA B 282 17.07 -31.52 22.92
N ILE B 283 16.52 -30.40 22.43
CA ILE B 283 16.91 -29.09 22.96
C ILE B 283 16.49 -28.95 24.42
N VAL B 284 15.32 -29.49 24.77
CA VAL B 284 14.84 -29.39 26.15
C VAL B 284 15.72 -30.19 27.09
N SER B 285 16.04 -31.44 26.70
CA SER B 285 16.92 -32.26 27.52
C SER B 285 18.29 -31.62 27.68
N ALA B 286 18.84 -31.09 26.58
CA ALA B 286 20.13 -30.44 26.65
C ALA B 286 20.09 -29.21 27.53
N SER B 287 18.98 -28.47 27.54
CA SER B 287 18.88 -27.28 28.38
C SER B 287 18.79 -27.65 29.86
N ILE B 288 18.07 -28.72 30.17
CA ILE B 288 18.06 -29.22 31.54
C ILE B 288 19.47 -29.60 31.97
N ARG B 289 20.21 -30.28 31.08
CA ARG B 289 21.59 -30.62 31.35
C ARG B 289 22.46 -29.37 31.51
N VAL B 290 22.14 -28.31 30.75
CA VAL B 290 22.87 -27.05 30.88
C VAL B 290 22.69 -26.48 32.28
N LEU B 291 21.44 -26.47 32.77
CA LEU B 291 21.19 -25.96 34.11
C LEU B 291 21.96 -26.76 35.16
N ASP B 292 21.94 -28.08 35.04
CA ASP B 292 22.71 -28.91 35.98
C ASP B 292 24.20 -28.58 35.91
N LEU B 293 24.74 -28.51 34.69
CA LEU B 293 26.17 -28.25 34.52
C LEU B 293 26.57 -26.89 35.08
N LEU B 294 25.70 -25.89 34.93
CA LEU B 294 25.98 -24.59 35.52
C LEU B 294 25.83 -24.62 37.04
N GLN B 295 25.04 -25.56 37.57
CA GLN B 295 25.02 -25.74 39.01
C GLN B 295 26.21 -26.53 39.52
N GLU B 296 26.99 -27.16 38.64
CA GLU B 296 28.11 -27.99 39.11
C GLU B 296 29.45 -27.28 39.18
N SER B 297 29.66 -26.18 38.44
CA SER B 297 30.99 -25.58 38.42
C SER B 297 30.91 -24.16 37.89
N GLY B 298 31.57 -23.23 38.59
CA GLY B 298 31.71 -21.88 38.10
C GLY B 298 33.06 -21.67 37.42
N ASP B 299 33.65 -22.77 36.93
CA ASP B 299 34.95 -22.71 36.30
C ASP B 299 34.89 -21.97 34.96
N LEU B 300 33.89 -22.28 34.14
CA LEU B 300 33.77 -21.64 32.84
C LEU B 300 33.53 -20.14 32.99
N ARG B 301 32.72 -19.75 33.98
CA ARG B 301 32.51 -18.33 34.25
C ARG B 301 33.82 -17.63 34.62
N ASP B 302 34.63 -18.27 35.49
CA ASP B 302 35.89 -17.66 35.89
C ASP B 302 36.83 -17.57 34.71
N ARG B 303 36.86 -18.60 33.86
CA ARG B 303 37.67 -18.55 32.63
C ARG B 303 37.23 -17.40 31.74
N LEU B 304 35.92 -17.22 31.56
CA LEU B 304 35.42 -16.15 30.71
C LEU B 304 35.81 -14.79 31.26
N TRP B 305 35.65 -14.58 32.57
CA TRP B 305 35.97 -13.27 33.12
C TRP B 305 37.48 -13.01 33.14
N GLU B 306 38.29 -14.05 33.36
CA GLU B 306 39.74 -13.89 33.23
C GLU B 306 40.12 -13.49 31.81
N ASN B 307 39.53 -14.17 30.81
CA ASN B 307 39.77 -13.82 29.42
C ASN B 307 39.36 -12.38 29.15
N ALA B 308 38.22 -11.96 29.68
CA ALA B 308 37.73 -10.60 29.43
C ALA B 308 38.65 -9.56 30.04
N THR B 309 39.09 -9.78 31.28
CA THR B 309 39.99 -8.82 31.91
C THR B 309 41.34 -8.77 31.19
N HIS B 310 41.86 -9.93 30.79
CA HIS B 310 43.14 -9.95 30.08
C HIS B 310 43.03 -9.23 28.74
N PHE B 311 41.95 -9.49 28.00
CA PHE B 311 41.74 -8.82 26.73
C PHE B 311 41.62 -7.32 26.93
N ARG B 312 40.78 -6.89 27.87
CA ARG B 312 40.56 -5.47 28.06
C ARG B 312 41.85 -4.76 28.46
N THR B 313 42.64 -5.38 29.34
CA THR B 313 43.88 -4.75 29.77
C THR B 313 44.87 -4.65 28.61
N ARG B 314 45.11 -5.76 27.91
CA ARG B 314 46.11 -5.73 26.85
C ARG B 314 45.69 -4.85 25.68
N MET B 315 44.39 -4.75 25.40
CA MET B 315 43.95 -3.91 24.29
C MET B 315 43.87 -2.45 24.68
N SER B 316 43.60 -2.14 25.96
CA SER B 316 43.62 -0.76 26.39
C SER B 316 45.04 -0.23 26.48
N GLU B 317 46.00 -1.09 26.80
CA GLU B 317 47.40 -0.65 26.84
C GLU B 317 47.88 -0.22 25.47
N ALA B 318 47.58 -1.02 24.44
CA ALA B 318 48.07 -0.79 23.08
C ALA B 318 47.50 0.47 22.44
N GLY B 319 46.66 1.24 23.15
CA GLY B 319 46.07 2.45 22.62
C GLY B 319 44.71 2.30 21.98
N PHE B 320 44.13 1.09 21.99
CA PHE B 320 42.79 0.93 21.45
C PHE B 320 41.75 1.62 22.34
N THR B 321 40.68 2.08 21.71
CA THR B 321 39.55 2.69 22.41
C THR B 321 38.45 1.65 22.55
N LEU B 322 38.23 1.16 23.77
CA LEU B 322 37.24 0.13 24.04
C LEU B 322 36.06 0.73 24.78
N ALA B 323 34.87 0.22 24.48
CA ALA B 323 33.64 0.62 25.14
C ALA B 323 33.18 -0.50 26.07
N GLY B 324 32.06 -0.25 26.76
CA GLY B 324 31.48 -1.24 27.65
C GLY B 324 32.23 -1.36 28.96
N ALA B 325 31.64 -2.12 29.87
CA ALA B 325 32.20 -2.33 31.19
C ALA B 325 31.56 -3.55 31.83
N ASP B 326 32.39 -4.47 32.31
CA ASP B 326 31.94 -5.62 33.11
C ASP B 326 31.01 -6.53 32.30
N HIS B 327 31.47 -6.93 31.11
CA HIS B 327 30.72 -7.87 30.29
C HIS B 327 31.66 -8.55 29.32
N ALA B 328 31.22 -9.69 28.78
CA ALA B 328 32.01 -10.44 27.81
C ALA B 328 32.01 -9.81 26.43
N ILE B 329 31.20 -8.79 26.20
CA ILE B 329 31.17 -8.10 24.91
C ILE B 329 32.08 -6.88 25.01
N ILE B 330 33.15 -6.87 24.22
CA ILE B 330 34.09 -5.75 24.20
C ILE B 330 34.12 -5.19 22.78
N PRO B 331 33.58 -4.00 22.56
CA PRO B 331 33.67 -3.37 21.24
C PRO B 331 34.96 -2.57 21.10
N ILE B 332 35.59 -2.70 19.93
CA ILE B 332 36.74 -1.89 19.56
C ILE B 332 36.21 -0.74 18.71
N MET B 333 36.26 0.47 19.25
CA MET B 333 35.70 1.63 18.58
C MET B 333 36.68 2.12 17.51
N LEU B 334 36.24 2.13 16.24
CA LEU B 334 37.10 2.54 15.14
C LEU B 334 36.66 3.83 14.48
N GLY B 335 35.39 4.22 14.59
CA GLY B 335 34.97 5.50 14.07
C GLY B 335 34.40 5.41 12.67
N ASP B 336 35.28 5.33 11.67
CA ASP B 336 34.85 5.29 10.28
C ASP B 336 34.41 3.88 9.89
N ALA B 337 33.43 3.83 8.99
CA ALA B 337 32.89 2.53 8.58
C ALA B 337 33.88 1.76 7.71
N LYS B 338 34.52 2.44 6.74
CA LYS B 338 35.51 1.77 5.90
C LYS B 338 36.67 1.25 6.73
N VAL B 339 37.04 1.97 7.79
CA VAL B 339 38.10 1.50 8.68
C VAL B 339 37.68 0.19 9.35
N ALA B 340 36.42 0.11 9.78
CA ALA B 340 35.94 -1.12 10.40
C ALA B 340 35.93 -2.28 9.41
N ALA B 341 35.52 -2.02 8.17
CA ALA B 341 35.51 -3.08 7.16
C ALA B 341 36.91 -3.57 6.86
N GLU B 342 37.85 -2.65 6.66
CA GLU B 342 39.23 -3.04 6.37
C GLU B 342 39.86 -3.75 7.56
N PHE B 343 39.54 -3.31 8.78
CA PHE B 343 40.05 -4.00 9.97
C PHE B 343 39.55 -5.44 10.02
N ALA B 344 38.26 -5.65 9.74
CA ALA B 344 37.74 -7.02 9.73
C ALA B 344 38.44 -7.86 8.67
N GLU B 345 38.62 -7.29 7.47
CA GLU B 345 39.28 -8.02 6.39
C GLU B 345 40.70 -8.40 6.78
N ARG B 346 41.47 -7.43 7.29
CA ARG B 346 42.86 -7.70 7.63
C ARG B 346 42.97 -8.71 8.77
N ALA B 347 42.13 -8.56 9.80
CA ALA B 347 42.14 -9.54 10.89
C ALA B 347 41.77 -10.93 10.38
N LEU B 348 40.92 -11.02 9.36
CA LEU B 348 40.65 -12.31 8.75
C LEU B 348 41.87 -12.84 8.02
N GLU B 349 42.67 -11.96 7.40
CA GLU B 349 43.91 -12.42 6.79
C GLU B 349 44.87 -13.00 7.82
N LYS B 350 44.88 -12.47 9.03
CA LYS B 350 45.72 -12.97 10.11
C LYS B 350 45.11 -14.17 10.82
N GLY B 351 43.95 -14.65 10.36
CA GLY B 351 43.33 -15.82 10.94
C GLY B 351 42.41 -15.57 12.11
N ILE B 352 41.84 -14.37 12.22
CA ILE B 352 40.92 -14.02 13.30
C ILE B 352 39.60 -13.62 12.67
N TYR B 353 38.49 -14.15 13.19
CA TYR B 353 37.17 -13.89 12.65
C TYR B 353 36.47 -12.88 13.54
N VAL B 354 36.30 -11.66 13.03
CA VAL B 354 35.55 -10.61 13.71
C VAL B 354 34.59 -9.96 12.71
N ILE B 355 33.67 -9.16 13.24
CA ILE B 355 32.65 -8.49 12.45
C ILE B 355 32.52 -7.05 12.91
N GLY B 356 32.45 -6.12 11.95
CA GLY B 356 32.24 -4.73 12.24
C GLY B 356 30.82 -4.30 11.94
N PHE B 357 30.41 -3.17 12.52
CA PHE B 357 29.06 -2.66 12.37
C PHE B 357 29.10 -1.15 12.15
N SER B 358 28.29 -0.66 11.20
CA SER B 358 28.28 0.77 10.93
C SER B 358 26.90 1.39 11.07
N PHE B 359 26.48 2.18 10.08
CA PHE B 359 25.43 3.18 10.31
C PHE B 359 24.10 2.59 10.76
N PRO B 360 23.42 1.75 9.98
CA PRO B 360 22.04 1.39 10.33
C PRO B 360 21.91 0.70 11.68
N VAL B 361 23.00 0.17 12.24
CA VAL B 361 22.95 -0.53 13.51
C VAL B 361 23.58 0.28 14.65
N VAL B 362 24.60 1.08 14.37
CA VAL B 362 25.21 1.95 15.37
C VAL B 362 25.46 3.32 14.77
N PRO B 363 25.41 4.37 15.59
CA PRO B 363 25.46 5.73 15.03
C PRO B 363 26.76 6.00 14.28
N LYS B 364 26.68 6.93 13.33
CA LYS B 364 27.85 7.41 12.61
C LYS B 364 28.28 8.75 13.20
N GLY B 365 29.59 8.91 13.39
CA GLY B 365 30.56 7.89 13.04
C GLY B 365 31.09 7.18 14.26
N GLN B 366 30.27 6.29 14.83
CA GLN B 366 30.71 5.44 15.93
C GLN B 366 30.82 4.00 15.47
N ALA B 367 31.47 3.77 14.33
CA ALA B 367 31.67 2.41 13.84
C ALA B 367 32.57 1.64 14.80
N ARG B 368 32.32 0.34 14.90
CA ARG B 368 32.99 -0.48 15.89
C ARG B 368 33.11 -1.90 15.37
N ILE B 369 33.97 -2.67 16.04
CA ILE B 369 34.10 -4.10 15.80
C ILE B 369 33.80 -4.81 17.12
N ARG B 370 32.70 -5.56 17.15
CA ARG B 370 32.23 -6.19 18.38
C ARG B 370 32.95 -7.50 18.60
N THR B 371 33.97 -7.50 19.46
CA THR B 371 34.60 -8.74 19.86
C THR B 371 33.83 -9.32 21.04
N GLN B 372 33.69 -10.64 21.06
CA GLN B 372 32.93 -11.31 22.10
C GLN B 372 33.80 -12.38 22.72
N MET B 373 34.07 -12.25 24.02
CA MET B 373 34.90 -13.21 24.72
C MET B 373 34.17 -14.54 24.85
N SER B 374 34.92 -15.59 25.19
CA SER B 374 34.36 -16.92 25.31
C SER B 374 35.21 -17.73 26.28
N ALA B 375 34.55 -18.59 27.06
CA ALA B 375 35.25 -19.48 27.96
C ALA B 375 35.96 -20.62 27.23
N ALA B 376 35.77 -20.74 25.91
CA ALA B 376 36.48 -21.75 25.14
C ALA B 376 37.85 -21.28 24.68
N HIS B 377 38.11 -19.98 24.73
CA HIS B 377 39.42 -19.45 24.37
C HIS B 377 40.42 -19.70 25.48
N SER B 378 41.61 -20.16 25.10
CA SER B 378 42.74 -20.25 26.00
C SER B 378 43.66 -19.07 25.74
N ARG B 379 44.46 -18.73 26.76
CA ARG B 379 45.35 -17.58 26.63
C ARG B 379 46.33 -17.72 25.48
N GLU B 380 46.59 -18.94 25.01
CA GLU B 380 47.36 -19.09 23.77
C GLU B 380 46.61 -18.46 22.61
N GLN B 381 45.36 -18.89 22.41
CA GLN B 381 44.55 -18.32 21.34
C GLN B 381 44.24 -16.86 21.59
N LEU B 382 44.00 -16.50 22.86
CA LEU B 382 43.74 -15.11 23.21
C LEU B 382 44.92 -14.21 22.84
N ASP B 383 46.13 -14.63 23.21
CA ASP B 383 47.30 -13.80 22.93
C ASP B 383 47.58 -13.76 21.43
N LYS B 384 47.36 -14.87 20.73
CA LYS B 384 47.51 -14.83 19.27
C LYS B 384 46.56 -13.82 18.66
N ALA B 385 45.30 -13.83 19.11
CA ALA B 385 44.31 -12.87 18.61
C ALA B 385 44.73 -11.44 18.92
N ILE B 386 45.03 -11.15 20.19
CA ILE B 386 45.38 -9.80 20.60
C ILE B 386 46.60 -9.30 19.83
N ASP B 387 47.60 -10.15 19.63
CA ASP B 387 48.76 -9.78 18.85
C ASP B 387 48.35 -9.45 17.41
N ALA B 388 47.47 -10.26 16.82
CA ALA B 388 46.99 -9.96 15.47
C ALA B 388 46.25 -8.62 15.43
N PHE B 389 45.45 -8.35 16.47
CA PHE B 389 44.72 -7.08 16.50
C PHE B 389 45.67 -5.90 16.57
N ILE B 390 46.72 -6.00 17.38
CA ILE B 390 47.67 -4.90 17.47
C ILE B 390 48.44 -4.74 16.17
N GLU B 391 48.77 -5.85 15.52
CA GLU B 391 49.42 -5.79 14.21
C GLU B 391 48.55 -5.06 13.20
N VAL B 392 47.26 -5.42 13.13
CA VAL B 392 46.36 -4.76 12.19
C VAL B 392 46.22 -3.28 12.53
N GLY B 393 46.13 -2.95 13.82
CA GLY B 393 46.00 -1.56 14.21
C GLY B 393 47.22 -0.73 13.86
N ARG B 394 48.41 -1.34 13.91
CA ARG B 394 49.62 -0.63 13.52
C ARG B 394 49.72 -0.51 12.01
N ASP B 395 49.33 -1.57 11.28
CA ASP B 395 49.38 -1.54 9.82
C ASP B 395 48.43 -0.51 9.23
N MET B 396 47.31 -0.25 9.89
CA MET B 396 46.29 0.65 9.36
C MET B 396 46.47 2.09 9.83
N GLU B 397 47.60 2.40 10.46
CA GLU B 397 47.88 3.75 10.96
C GLU B 397 46.81 4.18 11.96
N ILE B 398 46.34 3.24 12.78
CA ILE B 398 45.34 3.53 13.80
C ILE B 398 46.04 3.83 15.12
N ILE B 399 46.66 2.81 15.71
CA ILE B 399 47.41 2.94 16.94
C ILE B 399 48.88 3.13 16.61
N LYS B 400 49.57 3.93 17.43
CA LYS B 400 50.99 4.22 17.24
C LYS B 400 51.71 4.32 18.58
N ASN C 1 7.48 2.82 -36.41
CA ASN C 1 8.93 2.80 -36.49
C ASN C 1 9.45 1.36 -36.44
N ILE C 2 10.24 1.03 -35.43
CA ILE C 2 10.76 -0.33 -35.28
C ILE C 2 10.01 -1.02 -34.16
N MET C 3 10.29 -0.65 -32.91
CA MET C 3 9.59 -1.24 -31.78
C MET C 3 8.13 -0.82 -31.74
N SER C 4 7.80 0.28 -32.42
CA SER C 4 6.41 0.69 -32.58
C SER C 4 5.56 -0.44 -33.14
N SER C 5 6.12 -1.23 -34.06
CA SER C 5 5.37 -2.33 -34.63
C SER C 5 4.89 -3.28 -33.53
N ALA C 6 5.80 -3.68 -32.64
CA ALA C 6 5.42 -4.57 -31.54
C ALA C 6 4.47 -3.88 -30.57
N PHE C 7 4.68 -2.59 -30.32
CA PHE C 7 3.82 -1.85 -29.41
C PHE C 7 2.38 -1.83 -29.90
N TYR C 8 2.18 -1.39 -31.14
CA TYR C 8 0.83 -1.36 -31.72
C TYR C 8 0.27 -2.77 -31.90
N GLN C 9 1.14 -3.76 -32.12
CA GLN C 9 0.66 -5.14 -32.25
C GLN C 9 0.06 -5.62 -30.93
N GLN C 10 0.76 -5.37 -29.82
CA GLN C 10 0.22 -5.74 -28.52
C GLN C 10 -1.06 -4.96 -28.21
N ILE C 11 -1.09 -3.67 -28.60
CA ILE C 11 -2.31 -2.89 -28.41
C ILE C 11 -3.48 -3.52 -29.17
N GLN C 12 -3.23 -3.94 -30.42
CA GLN C 12 -4.27 -4.59 -31.21
C GLN C 12 -4.72 -5.89 -30.57
N GLN C 13 -3.76 -6.66 -30.03
CA GLN C 13 -4.11 -7.89 -29.32
C GLN C 13 -5.02 -7.61 -28.14
N GLN C 14 -4.70 -6.58 -27.35
CA GLN C 14 -5.55 -6.22 -26.21
C GLN C 14 -6.95 -5.81 -26.66
N ILE C 15 -7.02 -5.01 -27.73
CA ILE C 15 -8.33 -4.60 -28.26
C ILE C 15 -9.13 -5.82 -28.69
N GLU C 16 -8.46 -6.79 -29.32
CA GLU C 16 -9.16 -7.99 -29.77
C GLU C 16 -9.59 -8.84 -28.59
N GLU C 17 -8.80 -8.88 -27.52
CA GLU C 17 -9.22 -9.59 -26.33
C GLU C 17 -10.46 -8.95 -25.71
N VAL C 18 -10.51 -7.62 -25.69
CA VAL C 18 -11.70 -6.93 -25.18
C VAL C 18 -12.91 -7.23 -26.06
N LYS C 19 -12.72 -7.25 -27.38
CA LYS C 19 -13.80 -7.58 -28.31
C LYS C 19 -14.26 -9.02 -28.18
N ALA C 20 -13.37 -9.95 -27.84
CA ALA C 20 -13.73 -11.36 -27.78
C ALA C 20 -14.71 -11.64 -26.64
N GLU C 21 -14.52 -11.03 -25.48
CA GLU C 21 -15.43 -11.24 -24.37
C GLU C 21 -16.75 -10.48 -24.53
N GLY C 22 -16.91 -9.72 -25.61
CA GLY C 22 -18.16 -9.00 -25.82
C GLY C 22 -18.33 -7.82 -24.91
N LEU C 23 -17.24 -7.14 -24.55
CA LEU C 23 -17.28 -5.99 -23.66
C LEU C 23 -16.80 -4.70 -24.33
N TYR C 24 -16.65 -4.72 -25.65
CA TYR C 24 -16.20 -3.52 -26.36
C TYR C 24 -17.25 -2.43 -26.23
N LYS C 25 -16.86 -1.30 -25.65
CA LYS C 25 -17.74 -0.16 -25.47
C LYS C 25 -17.65 0.75 -26.70
N SER C 26 -18.78 0.94 -27.38
CA SER C 26 -18.85 1.73 -28.60
C SER C 26 -19.62 3.02 -28.36
N GLU C 27 -19.17 4.09 -29.02
CA GLU C 27 -19.79 5.40 -28.88
C GLU C 27 -20.92 5.55 -29.89
N ARG C 28 -22.04 6.09 -29.43
CA ARG C 28 -23.22 6.27 -30.26
C ARG C 28 -23.31 7.72 -30.72
N ILE C 29 -23.29 7.93 -32.03
CA ILE C 29 -23.30 9.28 -32.58
C ILE C 29 -24.69 9.88 -32.40
N ILE C 30 -24.74 11.11 -31.89
CA ILE C 30 -25.98 11.83 -31.65
C ILE C 30 -26.04 13.01 -32.60
N THR C 31 -27.19 13.18 -33.27
CA THR C 31 -27.37 14.28 -34.21
C THR C 31 -28.30 15.37 -33.70
N SER C 32 -29.09 15.09 -32.67
CA SER C 32 -30.04 16.05 -32.13
C SER C 32 -29.52 16.66 -30.83
N GLN C 33 -30.31 17.55 -30.25
CA GLN C 33 -30.00 18.12 -28.95
C GLN C 33 -30.37 17.13 -27.85
N GLN C 34 -30.02 17.49 -26.62
CA GLN C 34 -30.29 16.63 -25.48
C GLN C 34 -31.75 16.79 -25.06
N GLN C 35 -32.56 15.79 -25.36
CA GLN C 35 -33.97 15.78 -25.01
C GLN C 35 -34.41 14.32 -24.90
N ALA C 36 -35.73 14.12 -24.84
CA ALA C 36 -36.26 12.76 -24.70
C ALA C 36 -36.11 11.97 -26.00
N ALA C 37 -36.19 12.63 -27.15
CA ALA C 37 -36.14 11.97 -28.45
C ALA C 37 -34.79 12.22 -29.12
N VAL C 38 -34.05 11.15 -29.39
CA VAL C 38 -32.72 11.21 -29.97
C VAL C 38 -32.76 10.52 -31.32
N LYS C 39 -32.10 11.12 -32.31
CA LYS C 39 -32.09 10.61 -33.68
C LYS C 39 -30.85 9.76 -33.93
N ILE C 40 -31.06 8.55 -34.43
CA ILE C 40 -29.95 7.67 -34.84
C ILE C 40 -29.67 7.94 -36.31
N ALA C 41 -28.65 7.29 -36.87
CA ALA C 41 -28.34 7.47 -38.27
C ALA C 41 -29.35 6.78 -39.19
N SER C 42 -30.05 5.76 -38.70
CA SER C 42 -31.09 5.09 -39.48
C SER C 42 -32.40 5.85 -39.52
N GLY C 43 -32.48 7.01 -38.87
CA GLY C 43 -33.67 7.83 -38.88
C GLY C 43 -34.60 7.64 -37.71
N GLU C 44 -34.44 6.54 -36.95
CA GLU C 44 -35.36 6.24 -35.87
C GLU C 44 -35.09 7.14 -34.66
N GLU C 45 -36.16 7.62 -34.06
CA GLU C 45 -36.10 8.33 -32.78
C GLU C 45 -36.24 7.36 -31.60
N VAL C 46 -35.44 7.59 -30.56
CA VAL C 46 -35.46 6.74 -29.37
C VAL C 46 -35.57 7.62 -28.13
N LEU C 47 -36.19 7.07 -27.08
CA LEU C 47 -36.35 7.75 -25.81
C LEU C 47 -35.13 7.54 -24.92
N ASN C 48 -34.54 8.65 -24.46
CA ASN C 48 -33.28 8.62 -23.71
C ASN C 48 -33.55 8.50 -22.22
N PHE C 49 -33.04 7.44 -21.61
CA PHE C 49 -33.13 7.18 -20.18
C PHE C 49 -31.77 6.89 -19.57
N CYS C 50 -30.72 7.56 -20.05
CA CYS C 50 -29.38 7.32 -19.52
C CYS C 50 -28.54 8.59 -19.49
N ALA C 51 -29.18 9.75 -19.32
CA ALA C 51 -28.48 11.02 -19.23
C ALA C 51 -28.70 11.65 -17.86
N ASN C 52 -27.68 12.39 -17.39
CA ASN C 52 -27.74 13.07 -16.10
C ASN C 52 -28.40 14.44 -16.18
N ASN C 53 -29.38 14.62 -17.07
CA ASN C 53 -30.07 15.89 -17.21
C ASN C 53 -31.25 15.97 -16.25
N TYR C 54 -30.91 15.90 -14.95
CA TYR C 54 -31.91 15.74 -13.91
C TYR C 54 -32.91 16.90 -13.89
N LEU C 55 -32.42 18.12 -14.08
CA LEU C 55 -33.28 19.30 -14.07
C LEU C 55 -33.69 19.76 -15.47
N GLY C 56 -33.26 19.04 -16.51
CA GLY C 56 -33.63 19.41 -17.87
C GLY C 56 -32.93 20.64 -18.38
N LEU C 57 -31.83 21.04 -17.76
CA LEU C 57 -31.14 22.26 -18.13
C LEU C 57 -30.21 22.10 -19.32
N ALA C 58 -29.99 20.87 -19.80
CA ALA C 58 -29.08 20.68 -20.93
C ALA C 58 -29.63 21.29 -22.20
N ASN C 59 -30.96 21.41 -22.32
CA ASN C 59 -31.60 22.05 -23.47
C ASN C 59 -32.48 23.21 -23.04
N HIS C 60 -32.22 23.78 -21.86
CA HIS C 60 -33.04 24.87 -21.34
C HIS C 60 -32.83 26.12 -22.18
N PRO C 61 -33.87 26.72 -22.76
CA PRO C 61 -33.66 27.90 -23.61
C PRO C 61 -33.20 29.12 -22.84
N ALA C 62 -33.67 29.30 -21.60
CA ALA C 62 -33.25 30.45 -20.81
C ALA C 62 -31.76 30.38 -20.52
N LEU C 63 -31.24 29.18 -20.25
CA LEU C 63 -29.80 29.07 -20.02
C LEU C 63 -29.01 29.31 -21.29
N ILE C 64 -29.53 28.92 -22.45
CA ILE C 64 -28.82 29.19 -23.71
C ILE C 64 -28.74 30.69 -23.96
N GLU C 65 -29.85 31.40 -23.77
CA GLU C 65 -29.83 32.85 -23.99
C GLU C 65 -29.00 33.55 -22.93
N ALA C 66 -29.03 33.08 -21.69
CA ALA C 66 -28.19 33.66 -20.65
C ALA C 66 -26.71 33.39 -20.91
N GLY C 67 -26.38 32.23 -21.48
CA GLY C 67 -25.00 31.97 -21.85
C GLY C 67 -24.52 32.87 -22.96
N LYS C 68 -25.38 33.12 -23.95
CA LYS C 68 -25.03 34.10 -24.98
C LYS C 68 -24.81 35.47 -24.36
N ALA C 69 -25.68 35.87 -23.43
CA ALA C 69 -25.52 37.15 -22.74
C ALA C 69 -24.20 37.20 -21.98
N GLY C 70 -23.84 36.11 -21.31
CA GLY C 70 -22.57 36.06 -20.60
C GLY C 70 -21.38 36.15 -21.54
N MET C 71 -21.48 35.50 -22.71
CA MET C 71 -20.42 35.59 -23.70
C MET C 71 -20.26 37.01 -24.19
N ASP C 72 -21.36 37.76 -24.27
CA ASP C 72 -21.26 39.15 -24.67
C ASP C 72 -20.74 40.04 -23.55
N GLU C 73 -21.08 39.73 -22.30
CA GLU C 73 -20.71 40.62 -21.20
C GLU C 73 -19.27 40.42 -20.74
N HIS C 74 -18.81 39.18 -20.65
CA HIS C 74 -17.50 38.90 -20.08
C HIS C 74 -16.58 38.12 -20.99
N GLY C 75 -16.99 37.83 -22.22
CA GLY C 75 -16.12 37.19 -23.19
C GLY C 75 -16.30 35.69 -23.24
N PHE C 76 -15.49 35.07 -24.10
CA PHE C 76 -15.54 33.63 -24.33
C PHE C 76 -14.66 32.84 -23.38
N GLY C 77 -13.41 33.26 -23.20
CA GLY C 77 -12.49 32.56 -22.34
C GLY C 77 -11.62 33.52 -21.55
N MET C 78 -10.90 32.96 -20.57
CA MET C 78 -10.00 33.72 -19.72
C MET C 78 -8.56 33.69 -20.20
N ALA C 79 -8.11 32.57 -20.78
CA ALA C 79 -6.76 32.42 -21.31
C ALA C 79 -5.70 32.71 -20.23
N SER C 80 -6.00 32.33 -19.00
CA SER C 80 -5.08 32.50 -17.88
C SER C 80 -5.61 31.75 -16.68
N VAL C 81 -4.72 31.46 -15.74
CA VAL C 81 -5.09 30.76 -14.51
C VAL C 81 -5.67 31.76 -13.53
N ARG C 82 -6.13 31.26 -12.38
CA ARG C 82 -6.90 32.10 -11.46
C ARG C 82 -6.02 33.10 -10.72
N PHE C 83 -4.85 32.68 -10.25
CA PHE C 83 -4.03 33.56 -9.43
C PHE C 83 -3.28 34.61 -10.25
N ILE C 84 -3.29 34.49 -11.57
CA ILE C 84 -2.65 35.47 -12.44
C ILE C 84 -3.67 36.55 -12.80
N CYS C 85 -4.59 36.23 -13.72
CA CYS C 85 -5.62 37.17 -14.12
C CYS C 85 -6.85 36.43 -14.61
N GLY C 86 -7.20 35.33 -13.94
CA GLY C 86 -8.38 34.57 -14.27
C GLY C 86 -9.50 34.65 -13.25
N THR C 87 -9.39 35.51 -12.25
CA THR C 87 -10.43 35.68 -11.23
C THR C 87 -11.21 36.93 -11.58
N GLN C 88 -12.44 36.75 -12.06
CA GLN C 88 -13.32 37.85 -12.40
C GLN C 88 -14.31 38.11 -11.28
N ASP C 89 -15.12 39.16 -11.46
CA ASP C 89 -16.14 39.48 -10.46
C ASP C 89 -17.19 38.38 -10.40
N ILE C 90 -17.52 37.78 -11.55
CA ILE C 90 -18.49 36.69 -11.53
C ILE C 90 -17.91 35.46 -10.84
N HIS C 91 -16.60 35.26 -10.91
CA HIS C 91 -15.97 34.13 -10.22
C HIS C 91 -16.10 34.27 -8.71
N LYS C 92 -15.70 35.41 -8.16
CA LYS C 92 -15.84 35.61 -6.71
C LYS C 92 -17.29 35.66 -6.29
N GLU C 93 -18.17 36.21 -7.14
CA GLU C 93 -19.59 36.24 -6.84
C GLU C 93 -20.15 34.82 -6.74
N LEU C 94 -19.83 33.98 -7.72
CA LEU C 94 -20.29 32.60 -7.69
C LEU C 94 -19.69 31.83 -6.51
N GLU C 95 -18.43 32.14 -6.16
CA GLU C 95 -17.82 31.46 -5.02
C GLU C 95 -18.52 31.82 -3.72
N GLN C 96 -18.79 33.10 -3.49
CA GLN C 96 -19.52 33.51 -2.29
C GLN C 96 -20.95 32.97 -2.30
N LYS C 97 -21.60 32.99 -3.47
CA LYS C 97 -22.95 32.47 -3.59
C LYS C 97 -23.00 31.01 -3.22
N LEU C 98 -22.04 30.22 -3.72
CA LEU C 98 -21.99 28.81 -3.39
C LEU C 98 -21.59 28.58 -1.95
N SER C 99 -20.71 29.42 -1.39
CA SER C 99 -20.33 29.25 0.00
C SER C 99 -21.52 29.44 0.93
N THR C 100 -22.37 30.42 0.62
CA THR C 100 -23.57 30.61 1.44
C THR C 100 -24.63 29.55 1.14
N PHE C 101 -24.73 29.13 -0.13
CA PHE C 101 -25.69 28.10 -0.51
C PHE C 101 -25.37 26.75 0.14
N LEU C 102 -24.09 26.42 0.22
CA LEU C 102 -23.61 25.18 0.84
C LEU C 102 -23.32 25.33 2.32
N GLY C 103 -23.36 26.56 2.84
CA GLY C 103 -23.11 26.79 4.25
C GLY C 103 -21.66 26.67 4.67
N LYS C 104 -20.72 26.96 3.77
CA LYS C 104 -19.30 26.92 4.09
C LYS C 104 -18.70 28.32 3.98
N GLU C 105 -17.49 28.45 4.52
CA GLU C 105 -16.84 29.76 4.58
C GLU C 105 -16.30 30.18 3.21
N ASP C 106 -15.73 29.26 2.45
CA ASP C 106 -15.15 29.60 1.16
C ASP C 106 -15.24 28.41 0.21
N THR C 107 -15.13 28.71 -1.08
CA THR C 107 -15.14 27.71 -2.14
C THR C 107 -14.03 28.04 -3.14
N ILE C 108 -13.65 27.04 -3.92
CA ILE C 108 -12.64 27.17 -4.96
C ILE C 108 -13.12 26.46 -6.21
N LEU C 109 -13.00 27.12 -7.36
CA LEU C 109 -13.58 26.65 -8.61
C LEU C 109 -12.51 26.00 -9.50
N TYR C 110 -12.89 24.91 -10.17
CA TYR C 110 -12.08 24.24 -11.16
C TYR C 110 -12.91 24.02 -12.42
N THR C 111 -12.24 23.56 -13.48
CA THR C 111 -12.92 23.28 -14.75
C THR C 111 -13.65 21.94 -14.75
N SER C 112 -13.50 21.14 -13.69
CA SER C 112 -14.21 19.87 -13.54
C SER C 112 -14.00 19.36 -12.12
N CYS C 113 -14.96 18.55 -11.65
CA CYS C 113 -14.82 17.94 -10.34
C CYS C 113 -13.71 16.90 -10.30
N PHE C 114 -13.36 16.31 -11.45
CA PHE C 114 -12.21 15.43 -11.52
C PHE C 114 -10.95 16.15 -11.04
N ASP C 115 -10.70 17.34 -11.58
CA ASP C 115 -9.52 18.12 -11.16
C ASP C 115 -9.69 18.66 -9.74
N ALA C 116 -10.94 18.91 -9.32
CA ALA C 116 -11.18 19.35 -7.96
C ALA C 116 -10.77 18.27 -6.95
N ASN C 117 -11.11 17.01 -7.23
CA ASN C 117 -10.71 15.92 -6.35
C ASN C 117 -9.22 15.63 -6.47
N ALA C 118 -8.66 15.73 -7.67
CA ALA C 118 -7.25 15.39 -7.86
C ALA C 118 -6.32 16.34 -7.13
N GLY C 119 -6.70 17.60 -6.98
CA GLY C 119 -5.83 18.59 -6.37
C GLY C 119 -6.07 18.89 -4.91
N LEU C 120 -6.78 18.01 -4.20
CA LEU C 120 -7.18 18.28 -2.82
C LEU C 120 -6.34 17.55 -1.78
N PHE C 121 -6.19 16.23 -1.90
CA PHE C 121 -5.60 15.44 -0.83
C PHE C 121 -4.12 15.73 -0.64
N GLU C 122 -3.36 15.85 -1.73
CA GLU C 122 -1.93 16.13 -1.60
C GLU C 122 -1.68 17.47 -0.91
N THR C 123 -2.60 18.42 -1.07
CA THR C 123 -2.43 19.75 -0.49
C THR C 123 -2.67 19.77 1.02
N ILE C 124 -3.45 18.85 1.55
CA ILE C 124 -3.92 18.92 2.93
C ILE C 124 -3.12 18.02 3.87
N LEU C 125 -3.00 16.75 3.53
CA LEU C 125 -2.51 15.73 4.46
C LEU C 125 -1.06 15.38 4.15
N ASP C 126 -0.27 15.19 5.21
CA ASP C 126 1.12 14.82 5.09
C ASP C 126 1.27 13.30 5.20
N LYS C 127 2.51 12.83 5.35
CA LYS C 127 2.74 11.39 5.52
C LYS C 127 2.31 10.91 6.89
N GLU C 128 2.32 11.79 7.90
CA GLU C 128 1.90 11.40 9.24
C GLU C 128 0.41 11.09 9.32
N ASP C 129 -0.38 11.61 8.39
CA ASP C 129 -1.83 11.53 8.46
C ASP C 129 -2.33 10.27 7.77
N ALA C 130 -3.64 10.06 7.80
CA ALA C 130 -4.25 8.85 7.26
C ALA C 130 -5.59 9.20 6.61
N ILE C 131 -5.92 8.46 5.55
CA ILE C 131 -7.17 8.62 4.82
C ILE C 131 -7.95 7.31 4.90
N ILE C 132 -9.22 7.42 5.26
CA ILE C 132 -10.12 6.26 5.32
C ILE C 132 -11.24 6.52 4.32
N SER C 133 -11.29 5.72 3.26
CA SER C 133 -12.22 5.94 2.15
C SER C 133 -13.20 4.79 2.05
N ASP C 134 -14.42 5.11 1.64
CA ASP C 134 -15.40 4.08 1.31
C ASP C 134 -14.92 3.27 0.11
N ALA C 135 -15.13 1.96 0.17
CA ALA C 135 -14.66 1.08 -0.89
C ALA C 135 -15.28 1.38 -2.24
N LEU C 136 -16.45 2.04 -2.26
CA LEU C 136 -17.16 2.33 -3.49
C LEU C 136 -17.18 3.82 -3.82
N ASN C 137 -16.15 4.54 -3.41
CA ASN C 137 -16.05 5.96 -3.76
C ASN C 137 -15.80 6.10 -5.25
N HIS C 138 -16.11 7.29 -5.78
CA HIS C 138 -15.97 7.52 -7.20
C HIS C 138 -14.50 7.49 -7.62
N ALA C 139 -14.28 7.33 -8.92
CA ALA C 139 -12.92 7.18 -9.44
C ALA C 139 -12.08 8.44 -9.24
N SER C 140 -12.71 9.61 -9.28
CA SER C 140 -11.96 10.85 -9.09
C SER C 140 -11.37 10.93 -7.69
N ILE C 141 -12.14 10.53 -6.67
CA ILE C 141 -11.62 10.53 -5.31
C ILE C 141 -10.45 9.56 -5.17
N ILE C 142 -10.57 8.38 -5.77
CA ILE C 142 -9.50 7.39 -5.69
C ILE C 142 -8.23 7.92 -6.33
N ASP C 143 -8.37 8.51 -7.53
CA ASP C 143 -7.20 9.05 -8.23
C ASP C 143 -6.60 10.22 -7.48
N GLY C 144 -7.42 11.03 -6.81
CA GLY C 144 -6.90 12.12 -6.01
C GLY C 144 -6.13 11.63 -4.79
N VAL C 145 -6.66 10.61 -4.12
CA VAL C 145 -5.96 10.03 -2.98
C VAL C 145 -4.66 9.38 -3.42
N ARG C 146 -4.60 8.85 -4.64
CA ARG C 146 -3.37 8.24 -5.14
C ARG C 146 -2.22 9.24 -5.17
N LEU C 147 -2.51 10.54 -5.28
CA LEU C 147 -1.49 11.57 -5.23
C LEU C 147 -1.11 11.99 -3.81
N CYS C 148 -1.75 11.44 -2.78
CA CYS C 148 -1.49 11.83 -1.41
C CYS C 148 -0.52 10.87 -0.74
N LYS C 149 0.40 11.42 0.05
CA LYS C 149 1.40 10.64 0.76
C LYS C 149 0.91 10.13 2.11
N ALA C 150 -0.38 10.26 2.40
CA ALA C 150 -0.92 9.82 3.67
C ALA C 150 -1.21 8.32 3.65
N MET C 151 -1.44 7.77 4.84
CA MET C 151 -1.80 6.36 4.96
C MET C 151 -3.22 6.13 4.45
N ARG C 152 -3.40 5.05 3.70
CA ARG C 152 -4.67 4.75 3.04
C ARG C 152 -5.35 3.58 3.71
N PHE C 153 -6.64 3.74 3.98
CA PHE C 153 -7.47 2.69 4.57
C PHE C 153 -8.80 2.66 3.83
N ARG C 154 -9.34 1.46 3.62
CA ARG C 154 -10.62 1.28 2.95
C ARG C 154 -11.58 0.51 3.86
N TYR C 155 -12.87 0.80 3.68
CA TYR C 155 -13.93 0.07 4.35
C TYR C 155 -15.05 -0.21 3.37
N SER C 156 -15.68 -1.38 3.50
CA SER C 156 -16.71 -1.79 2.57
C SER C 156 -17.89 -0.82 2.59
N ASN C 157 -18.68 -0.87 1.52
CA ASN C 157 -19.69 0.16 1.27
C ASN C 157 -20.72 0.21 2.39
N ASN C 158 -20.91 1.41 2.95
CA ASN C 158 -21.93 1.72 3.95
C ASN C 158 -21.82 0.88 5.22
N ASN C 159 -20.72 0.15 5.41
CA ASN C 159 -20.55 -0.69 6.61
C ASN C 159 -19.86 0.14 7.68
N MET C 160 -20.66 0.79 8.53
CA MET C 160 -20.11 1.61 9.60
C MET C 160 -19.28 0.81 10.59
N THR C 161 -19.53 -0.50 10.70
CA THR C 161 -18.70 -1.34 11.57
C THR C 161 -17.27 -1.43 11.05
N GLU C 162 -17.12 -1.70 9.75
CA GLU C 162 -15.79 -1.68 9.16
C GLU C 162 -15.19 -0.28 9.21
N LEU C 163 -16.02 0.76 9.15
CA LEU C 163 -15.51 2.12 9.29
C LEU C 163 -14.90 2.33 10.68
N GLU C 164 -15.57 1.85 11.73
CA GLU C 164 -15.03 1.97 13.08
C GLU C 164 -13.76 1.13 13.23
N GLU C 165 -13.73 -0.04 12.61
CA GLU C 165 -12.53 -0.88 12.65
C GLU C 165 -11.35 -0.16 12.00
N GLN C 166 -11.58 0.46 10.84
CA GLN C 166 -10.51 1.18 10.16
C GLN C 166 -10.11 2.44 10.92
N LEU C 167 -11.07 3.08 11.61
CA LEU C 167 -10.71 4.20 12.48
C LEU C 167 -9.79 3.75 13.59
N ILE C 168 -10.08 2.60 14.19
CA ILE C 168 -9.19 2.06 15.22
C ILE C 168 -7.81 1.78 14.65
N ALA C 169 -7.77 1.16 13.46
CA ALA C 169 -6.49 0.89 12.81
C ALA C 169 -5.72 2.17 12.49
N ALA C 170 -6.44 3.25 12.18
CA ALA C 170 -5.80 4.53 11.90
C ALA C 170 -5.24 5.16 13.16
N LYS C 171 -5.99 5.08 14.26
CA LYS C 171 -5.48 5.57 15.54
C LYS C 171 -4.25 4.79 15.96
N ASP C 172 -4.24 3.47 15.72
CA ASP C 172 -3.10 2.65 16.11
C ASP C 172 -1.86 2.99 15.30
N ALA C 173 -2.03 3.47 14.06
CA ALA C 173 -0.88 3.83 13.24
C ALA C 173 -0.24 5.16 13.66
N GLY C 174 -0.85 5.88 14.59
CA GLY C 174 -0.29 7.14 15.03
C GLY C 174 -0.53 8.30 14.08
N ALA C 175 -1.72 8.36 13.48
CA ALA C 175 -2.01 9.40 12.51
C ALA C 175 -2.44 10.69 13.23
N ARG C 176 -1.81 11.80 12.86
CA ARG C 176 -2.18 13.10 13.40
C ARG C 176 -3.57 13.48 12.91
N ASN C 177 -3.70 13.72 11.61
CA ASN C 177 -4.99 14.06 11.01
C ASN C 177 -5.60 12.84 10.34
N ILE C 178 -6.90 12.67 10.52
CA ILE C 178 -7.65 11.57 9.93
C ILE C 178 -8.81 12.14 9.14
N LEU C 179 -8.95 11.72 7.88
CA LEU C 179 -9.99 12.22 6.99
C LEU C 179 -10.80 11.03 6.47
N ILE C 180 -12.13 11.15 6.54
CA ILE C 180 -13.05 10.14 6.03
C ILE C 180 -13.72 10.70 4.80
N VAL C 181 -13.49 10.07 3.65
CA VAL C 181 -14.01 10.52 2.37
C VAL C 181 -15.18 9.64 1.95
N THR C 182 -16.23 10.25 1.43
CA THR C 182 -17.36 9.46 0.96
C THR C 182 -18.12 10.23 -0.11
N ASP C 183 -18.72 9.49 -1.03
CA ASP C 183 -19.64 10.08 -1.99
C ASP C 183 -20.95 10.43 -1.31
N GLY C 184 -21.56 11.54 -1.74
CA GLY C 184 -22.89 11.86 -1.27
C GLY C 184 -23.93 10.95 -1.88
N VAL C 185 -23.81 10.67 -3.17
CA VAL C 185 -24.68 9.73 -3.88
C VAL C 185 -23.79 8.78 -4.65
N PHE C 186 -23.95 7.47 -4.41
CA PHE C 186 -23.20 6.47 -5.13
C PHE C 186 -23.80 6.29 -6.52
N SER C 187 -23.04 6.67 -7.55
CA SER C 187 -23.56 6.76 -8.92
C SER C 187 -23.97 5.42 -9.51
N MET C 188 -23.96 4.33 -8.75
CA MET C 188 -24.45 3.05 -9.22
C MET C 188 -25.55 2.47 -8.36
N ASP C 189 -25.81 3.05 -7.19
CA ASP C 189 -26.88 2.59 -6.31
C ASP C 189 -27.96 3.63 -6.06
N GLY C 190 -27.68 4.91 -6.29
CA GLY C 190 -28.67 5.94 -6.00
C GLY C 190 -29.02 6.05 -4.54
N VAL C 191 -28.07 5.77 -3.65
CA VAL C 191 -28.28 5.75 -2.22
C VAL C 191 -27.40 6.82 -1.58
N VAL C 192 -27.96 7.54 -0.62
CA VAL C 192 -27.21 8.55 0.12
C VAL C 192 -26.47 7.87 1.25
N ALA C 193 -25.22 8.27 1.47
CA ALA C 193 -24.40 7.65 2.50
C ALA C 193 -24.98 7.93 3.88
N ASN C 194 -24.69 7.03 4.81
CA ASN C 194 -25.20 7.17 6.18
C ASN C 194 -24.43 8.28 6.88
N LEU C 195 -24.72 9.52 6.49
CA LEU C 195 -23.99 10.66 7.03
C LEU C 195 -24.10 10.82 8.55
N PRO C 196 -25.25 10.61 9.20
CA PRO C 196 -25.25 10.74 10.67
C PRO C 196 -24.30 9.76 11.36
N ALA C 197 -24.29 8.50 10.94
CA ALA C 197 -23.36 7.54 11.54
C ALA C 197 -21.91 7.90 11.24
N ILE C 198 -21.64 8.40 10.03
CA ILE C 198 -20.28 8.78 9.67
C ILE C 198 -19.81 9.94 10.54
N CYS C 199 -20.66 10.96 10.69
CA CYS C 199 -20.29 12.11 11.51
C CYS C 199 -20.15 11.72 12.97
N ASP C 200 -21.00 10.81 13.45
CA ASP C 200 -20.90 10.37 14.84
C ASP C 200 -19.60 9.61 15.08
N LEU C 201 -19.23 8.71 14.17
CA LEU C 201 -17.97 7.99 14.34
C LEU C 201 -16.77 8.93 14.22
N ALA C 202 -16.85 9.91 13.31
CA ALA C 202 -15.73 10.84 13.14
C ALA C 202 -15.55 11.72 14.37
N GLU C 203 -16.64 12.29 14.89
CA GLU C 203 -16.55 13.08 16.10
C GLU C 203 -16.17 12.25 17.31
N LYS C 204 -16.56 10.97 17.32
CA LYS C 204 -16.20 10.07 18.41
C LYS C 204 -14.70 9.80 18.41
N TYR C 205 -14.12 9.63 17.22
CA TYR C 205 -12.70 9.32 17.09
C TYR C 205 -11.87 10.51 16.63
N GLY C 206 -12.48 11.69 16.53
CA GLY C 206 -11.77 12.89 16.14
C GLY C 206 -11.25 12.86 14.72
N ALA C 207 -12.16 12.83 13.75
CA ALA C 207 -11.81 12.78 12.34
C ALA C 207 -12.62 13.80 11.56
N LEU C 208 -12.08 14.20 10.41
CA LEU C 208 -12.71 15.13 9.49
C LEU C 208 -13.55 14.37 8.47
N THR C 209 -14.51 15.07 7.87
CA THR C 209 -15.46 14.45 6.94
C THR C 209 -15.48 15.19 5.61
N MET C 210 -15.39 14.43 4.52
CA MET C 210 -15.49 14.97 3.17
C MET C 210 -16.57 14.21 2.40
N VAL C 211 -17.42 14.95 1.71
CA VAL C 211 -18.54 14.40 0.96
C VAL C 211 -18.48 14.93 -0.47
N ASP C 212 -18.66 14.03 -1.44
CA ASP C 212 -18.69 14.40 -2.85
C ASP C 212 -20.15 14.38 -3.31
N ASP C 213 -20.78 15.55 -3.29
CA ASP C 213 -22.20 15.70 -3.64
C ASP C 213 -22.40 16.02 -5.12
N SER C 214 -21.67 15.38 -6.03
CA SER C 214 -21.82 15.67 -7.45
C SER C 214 -23.19 15.24 -7.96
N HIS C 215 -23.61 14.02 -7.62
CA HIS C 215 -24.92 13.51 -8.00
C HIS C 215 -26.01 13.86 -7.00
N ALA C 216 -25.75 14.79 -6.09
CA ALA C 216 -26.70 15.16 -5.04
C ALA C 216 -27.08 16.62 -5.06
N VAL C 217 -26.13 17.51 -5.33
CA VAL C 217 -26.40 18.95 -5.26
C VAL C 217 -27.42 19.34 -6.32
N GLY C 218 -28.29 20.30 -5.97
CA GLY C 218 -29.28 20.78 -6.90
C GLY C 218 -30.72 20.44 -6.56
N PHE C 219 -30.95 19.23 -6.04
CA PHE C 219 -32.32 18.80 -5.76
C PHE C 219 -32.48 18.01 -4.47
N MET C 220 -31.47 17.30 -3.98
CA MET C 220 -31.59 16.59 -2.71
C MET C 220 -31.76 17.59 -1.58
N GLY C 221 -32.86 17.49 -0.86
CA GLY C 221 -33.20 18.45 0.18
C GLY C 221 -34.27 19.40 -0.28
N LYS C 222 -34.60 20.35 0.60
CA LYS C 222 -35.62 21.33 0.24
C LYS C 222 -35.09 22.37 -0.74
N THR C 223 -33.94 22.98 -0.41
CA THR C 223 -33.32 23.94 -1.30
C THR C 223 -32.31 23.33 -2.27
N GLY C 224 -32.00 22.04 -2.13
CA GLY C 224 -31.04 21.42 -3.01
C GLY C 224 -29.59 21.69 -2.67
N ALA C 225 -29.29 22.03 -1.41
CA ALA C 225 -27.91 22.35 -1.05
C ALA C 225 -27.00 21.13 -1.07
N GLY C 226 -27.54 19.94 -0.92
CA GLY C 226 -26.76 18.72 -0.95
C GLY C 226 -27.22 17.77 0.12
N THR C 227 -26.47 16.68 0.29
CA THR C 227 -26.82 15.67 1.29
C THR C 227 -26.64 16.17 2.70
N HIS C 228 -25.80 17.19 2.92
CA HIS C 228 -25.65 17.76 4.25
C HIS C 228 -26.89 18.52 4.69
N GLU C 229 -27.72 18.98 3.75
CA GLU C 229 -29.01 19.55 4.10
C GLU C 229 -30.08 18.46 4.27
N TYR C 230 -29.92 17.33 3.57
CA TYR C 230 -30.85 16.22 3.76
C TYR C 230 -30.83 15.73 5.20
N HIS C 231 -29.64 15.48 5.74
CA HIS C 231 -29.50 15.03 7.12
C HIS C 231 -29.30 16.17 8.10
N ASP C 232 -29.31 17.41 7.63
CA ASP C 232 -29.08 18.59 8.47
C ASP C 232 -27.80 18.44 9.28
N VAL C 233 -26.69 18.29 8.55
CA VAL C 233 -25.38 18.06 9.16
C VAL C 233 -24.36 19.03 8.60
N VAL C 234 -24.80 20.23 8.23
CA VAL C 234 -23.86 21.28 7.87
C VAL C 234 -22.99 21.60 9.09
N ASP C 235 -21.76 22.07 8.83
CA ASP C 235 -20.77 22.40 9.84
C ASP C 235 -20.24 21.15 10.55
N ARG C 236 -20.94 20.01 10.40
CA ARG C 236 -20.40 18.74 10.87
C ARG C 236 -19.65 17.99 9.77
N ILE C 237 -19.91 18.34 8.51
CA ILE C 237 -19.16 17.81 7.37
C ILE C 237 -18.20 18.91 6.91
N ASP C 238 -16.91 18.60 6.89
CA ASP C 238 -15.91 19.65 6.72
C ASP C 238 -15.77 20.08 5.26
N ILE C 239 -15.65 19.12 4.33
CA ILE C 239 -15.36 19.45 2.94
C ILE C 239 -16.43 18.84 2.04
N ILE C 240 -16.85 19.60 1.03
CA ILE C 240 -17.85 19.12 0.06
C ILE C 240 -17.36 19.46 -1.34
N THR C 241 -17.24 18.43 -2.19
CA THR C 241 -16.88 18.64 -3.58
C THR C 241 -18.09 18.43 -4.49
N GLY C 242 -18.02 19.01 -5.69
CA GLY C 242 -19.12 18.88 -6.62
C GLY C 242 -18.74 19.35 -8.00
N THR C 243 -19.67 19.15 -8.94
CA THR C 243 -19.47 19.50 -10.34
C THR C 243 -20.66 20.30 -10.83
N LEU C 244 -20.49 20.89 -12.02
CA LEU C 244 -21.55 21.59 -12.72
C LEU C 244 -22.04 20.85 -13.96
N GLY C 245 -21.44 19.71 -14.29
CA GLY C 245 -21.78 18.93 -15.46
C GLY C 245 -22.88 17.91 -15.27
N LYS C 246 -23.63 17.99 -14.18
CA LYS C 246 -24.71 17.03 -13.92
C LYS C 246 -26.06 17.71 -13.88
N ALA C 247 -26.68 17.75 -12.70
CA ALA C 247 -28.02 18.34 -12.58
C ALA C 247 -27.98 19.85 -12.72
N MET C 248 -26.86 20.48 -12.39
CA MET C 248 -26.76 21.94 -12.40
C MET C 248 -26.52 22.48 -13.80
N GLY C 249 -27.03 21.79 -14.82
CA GLY C 249 -26.87 22.25 -16.19
C GLY C 249 -26.43 21.15 -17.13
N GLY C 250 -25.25 20.58 -16.88
CA GLY C 250 -24.72 19.51 -17.70
C GLY C 250 -23.57 19.89 -18.62
N ALA C 251 -23.01 21.10 -18.46
CA ALA C 251 -21.90 21.52 -19.31
C ALA C 251 -20.57 21.00 -18.76
N SER C 252 -19.99 21.71 -17.81
CA SER C 252 -18.70 21.34 -17.24
C SER C 252 -18.43 22.26 -16.05
N GLY C 253 -17.34 21.97 -15.34
CA GLY C 253 -16.93 22.74 -14.19
C GLY C 253 -17.04 21.94 -12.90
N GLY C 254 -16.27 22.38 -11.91
CA GLY C 254 -16.27 21.73 -10.61
C GLY C 254 -15.94 22.72 -9.51
N TYR C 255 -16.09 22.28 -8.27
CA TYR C 255 -15.85 23.14 -7.13
C TYR C 255 -15.56 22.32 -5.89
N THR C 256 -14.83 22.93 -4.95
CA THR C 256 -14.56 22.37 -3.64
C THR C 256 -14.87 23.42 -2.58
N SER C 257 -15.65 23.06 -1.57
CA SER C 257 -16.14 24.00 -0.58
C SER C 257 -15.74 23.55 0.83
N GLY C 258 -15.38 24.51 1.67
CA GLY C 258 -15.01 24.22 3.03
C GLY C 258 -14.72 25.49 3.80
N LYS C 259 -14.03 25.35 4.92
CA LYS C 259 -13.68 26.51 5.72
C LYS C 259 -12.62 27.34 5.01
N LYS C 260 -12.53 28.62 5.41
CA LYS C 260 -11.72 29.58 4.68
C LYS C 260 -10.23 29.27 4.75
N GLU C 261 -9.76 28.70 5.87
CA GLU C 261 -8.34 28.38 5.97
C GLU C 261 -7.92 27.34 4.93
N VAL C 262 -8.71 26.27 4.79
CA VAL C 262 -8.40 25.22 3.83
C VAL C 262 -8.46 25.76 2.41
N ILE C 263 -9.46 26.59 2.10
CA ILE C 263 -9.61 27.09 0.73
C ILE C 263 -8.48 28.06 0.40
N GLU C 264 -8.05 28.87 1.38
CA GLU C 264 -6.90 29.74 1.16
C GLU C 264 -5.64 28.92 0.90
N TRP C 265 -5.42 27.87 1.71
CA TRP C 265 -4.26 27.03 1.48
C TRP C 265 -4.32 26.35 0.12
N LEU C 266 -5.54 26.04 -0.35
CA LEU C 266 -5.69 25.48 -1.69
C LEU C 266 -5.35 26.51 -2.76
N ARG C 267 -5.83 27.75 -2.59
CA ARG C 267 -5.45 28.81 -3.52
C ARG C 267 -3.95 29.04 -3.52
N GLN C 268 -3.26 28.65 -2.45
CA GLN C 268 -1.82 28.82 -2.39
C GLN C 268 -1.05 27.61 -2.90
N ARG C 269 -1.64 26.41 -2.89
CA ARG C 269 -0.90 25.19 -3.18
C ARG C 269 -1.60 24.18 -4.08
N SER C 270 -2.89 24.32 -4.37
CA SER C 270 -3.57 23.34 -5.20
C SER C 270 -3.02 23.39 -6.63
N ARG C 271 -2.40 22.30 -7.07
CA ARG C 271 -1.72 22.29 -8.35
C ARG C 271 -2.66 22.50 -9.54
N PRO C 272 -3.84 21.86 -9.62
CA PRO C 272 -4.77 22.21 -10.71
C PRO C 272 -5.25 23.65 -10.65
N TYR C 273 -5.30 24.24 -9.46
CA TYR C 273 -5.73 25.65 -9.37
C TYR C 273 -4.64 26.59 -9.85
N LEU C 274 -3.37 26.22 -9.68
CA LEU C 274 -2.26 27.08 -10.08
C LEU C 274 -1.78 26.83 -11.50
N PHE C 275 -1.94 25.61 -12.02
CA PHE C 275 -1.35 25.24 -13.30
C PHE C 275 -2.41 24.75 -14.30
N SER C 276 -3.65 25.23 -14.17
CA SER C 276 -4.70 24.92 -15.12
C SER C 276 -5.55 26.16 -15.32
N ASN C 277 -6.12 26.28 -16.52
CA ASN C 277 -6.84 27.49 -16.89
C ASN C 277 -8.04 27.73 -15.98
N SER C 278 -8.40 29.00 -15.84
CA SER C 278 -9.53 29.40 -15.03
C SER C 278 -10.84 28.97 -15.69
N VAL C 279 -11.94 29.09 -14.93
CA VAL C 279 -13.25 28.72 -15.43
C VAL C 279 -13.75 29.79 -16.40
N ALA C 280 -14.37 29.34 -17.49
CA ALA C 280 -14.84 30.26 -18.51
C ALA C 280 -15.96 31.15 -17.99
N PRO C 281 -16.02 32.40 -18.43
CA PRO C 281 -17.07 33.30 -17.92
C PRO C 281 -18.49 32.87 -18.25
N ALA C 282 -18.69 32.20 -19.40
CA ALA C 282 -20.03 31.79 -19.79
C ALA C 282 -20.62 30.81 -18.77
N ILE C 283 -19.84 29.79 -18.39
CA ILE C 283 -20.33 28.79 -17.46
C ILE C 283 -20.59 29.42 -16.09
N VAL C 284 -19.74 30.36 -15.68
CA VAL C 284 -19.90 31.01 -14.39
C VAL C 284 -21.19 31.84 -14.37
N SER C 285 -21.41 32.63 -15.42
CA SER C 285 -22.64 33.43 -15.49
C SER C 285 -23.86 32.52 -15.52
N ALA C 286 -23.81 31.43 -16.28
CA ALA C 286 -24.94 30.52 -16.35
C ALA C 286 -25.21 29.87 -14.99
N SER C 287 -24.15 29.55 -14.25
CA SER C 287 -24.34 28.92 -12.94
C SER C 287 -24.92 29.91 -11.92
N ILE C 288 -24.46 31.16 -11.96
CA ILE C 288 -25.05 32.18 -11.09
C ILE C 288 -26.53 32.37 -11.41
N ARG C 289 -26.85 32.42 -12.71
CA ARG C 289 -28.25 32.57 -13.09
C ARG C 289 -29.07 31.35 -12.69
N VAL C 290 -28.47 30.16 -12.75
CA VAL C 290 -29.15 28.94 -12.29
C VAL C 290 -29.45 29.02 -10.80
N LEU C 291 -28.48 29.46 -10.01
CA LEU C 291 -28.72 29.59 -8.57
C LEU C 291 -29.86 30.57 -8.31
N ASP C 292 -29.87 31.70 -9.03
CA ASP C 292 -30.97 32.65 -8.88
C ASP C 292 -32.30 31.99 -9.25
N LEU C 293 -32.32 31.26 -10.37
CA LEU C 293 -33.55 30.61 -10.81
C LEU C 293 -34.04 29.58 -9.80
N LEU C 294 -33.11 28.88 -9.15
CA LEU C 294 -33.51 27.92 -8.11
C LEU C 294 -34.03 28.65 -6.88
N GLN C 295 -33.58 29.89 -6.66
CA GLN C 295 -34.21 30.69 -5.63
C GLN C 295 -35.54 31.30 -6.10
N GLU C 296 -35.82 31.22 -7.40
CA GLU C 296 -37.04 31.80 -7.96
C GLU C 296 -38.18 30.80 -8.11
N SER C 297 -37.89 29.50 -8.16
CA SER C 297 -38.94 28.51 -8.41
C SER C 297 -38.42 27.13 -8.03
N GLY C 298 -39.24 26.38 -7.28
CA GLY C 298 -38.96 25.00 -7.00
C GLY C 298 -39.72 24.08 -7.95
N ASP C 299 -40.03 24.62 -9.13
CA ASP C 299 -40.83 23.89 -10.11
C ASP C 299 -40.08 22.69 -10.68
N LEU C 300 -38.80 22.87 -11.02
CA LEU C 300 -38.03 21.77 -11.60
C LEU C 300 -37.89 20.62 -10.61
N ARG C 301 -37.68 20.94 -9.34
CA ARG C 301 -37.60 19.91 -8.31
C ARG C 301 -38.92 19.15 -8.22
N ASP C 302 -40.05 19.86 -8.22
CA ASP C 302 -41.34 19.19 -8.11
C ASP C 302 -41.61 18.29 -9.32
N ARG C 303 -41.26 18.75 -10.52
CA ARG C 303 -41.41 17.91 -11.70
C ARG C 303 -40.54 16.66 -11.57
N LEU C 304 -39.30 16.81 -11.12
CA LEU C 304 -38.40 15.67 -10.96
C LEU C 304 -38.95 14.67 -9.95
N TRP C 305 -39.46 15.16 -8.81
CA TRP C 305 -39.96 14.24 -7.79
C TRP C 305 -41.23 13.54 -8.26
N GLU C 306 -42.09 14.24 -9.00
CA GLU C 306 -43.27 13.60 -9.55
C GLU C 306 -42.89 12.50 -10.53
N ASN C 307 -41.95 12.79 -11.44
CA ASN C 307 -41.48 11.78 -12.38
C ASN C 307 -40.89 10.58 -11.66
N ALA C 308 -40.08 10.82 -10.63
CA ALA C 308 -39.43 9.72 -9.93
C ALA C 308 -40.45 8.85 -9.20
N THR C 309 -41.40 9.47 -8.50
CA THR C 309 -42.41 8.68 -7.79
C THR C 309 -43.28 7.90 -8.76
N HIS C 310 -43.67 8.52 -9.88
CA HIS C 310 -44.49 7.80 -10.85
C HIS C 310 -43.74 6.61 -11.43
N PHE C 311 -42.48 6.80 -11.79
CA PHE C 311 -41.69 5.70 -12.34
C PHE C 311 -41.58 4.57 -11.33
N ARG C 312 -41.19 4.89 -10.09
CA ARG C 312 -40.99 3.85 -9.09
C ARG C 312 -42.27 3.08 -8.82
N THR C 313 -43.41 3.79 -8.72
CA THR C 313 -44.65 3.10 -8.42
C THR C 313 -45.09 2.20 -9.57
N ARG C 314 -45.15 2.76 -10.79
CA ARG C 314 -45.65 1.98 -11.91
C ARG C 314 -44.73 0.81 -12.24
N MET C 315 -43.43 0.94 -11.96
CA MET C 315 -42.54 -0.19 -12.18
C MET C 315 -42.63 -1.17 -11.03
N SER C 316 -43.01 -0.70 -9.83
CA SER C 316 -43.19 -1.60 -8.70
C SER C 316 -44.42 -2.47 -8.85
N GLU C 317 -45.45 -2.00 -9.58
CA GLU C 317 -46.64 -2.82 -9.75
C GLU C 317 -46.34 -4.12 -10.49
N ALA C 318 -45.58 -4.03 -11.58
CA ALA C 318 -45.37 -5.19 -12.45
C ALA C 318 -44.53 -6.30 -11.83
N GLY C 319 -44.09 -6.18 -10.58
CA GLY C 319 -43.29 -7.23 -9.98
C GLY C 319 -41.80 -7.05 -10.12
N PHE C 320 -41.36 -5.93 -10.68
CA PHE C 320 -39.94 -5.67 -10.87
C PHE C 320 -39.22 -5.54 -9.54
N THR C 321 -37.94 -5.89 -9.56
CA THR C 321 -37.06 -5.77 -8.39
C THR C 321 -36.30 -4.45 -8.52
N LEU C 322 -36.65 -3.48 -7.67
CA LEU C 322 -36.07 -2.15 -7.75
C LEU C 322 -35.09 -1.92 -6.61
N ALA C 323 -33.99 -1.24 -6.92
CA ALA C 323 -32.98 -0.84 -5.96
C ALA C 323 -33.03 0.67 -5.75
N GLY C 324 -32.14 1.15 -4.89
CA GLY C 324 -32.01 2.58 -4.63
C GLY C 324 -33.12 3.13 -3.77
N ALA C 325 -32.92 4.38 -3.36
CA ALA C 325 -33.89 5.07 -2.49
C ALA C 325 -33.61 6.56 -2.52
N ASP C 326 -34.64 7.35 -2.81
CA ASP C 326 -34.60 8.81 -2.69
C ASP C 326 -33.56 9.42 -3.62
N HIS C 327 -33.61 9.04 -4.89
CA HIS C 327 -32.73 9.63 -5.88
C HIS C 327 -33.31 9.40 -7.27
N ALA C 328 -32.84 10.20 -8.23
CA ALA C 328 -33.26 10.06 -9.62
C ALA C 328 -32.66 8.81 -10.26
N ILE C 329 -31.78 8.11 -9.57
CA ILE C 329 -31.18 6.89 -10.09
C ILE C 329 -32.02 5.71 -9.60
N ILE C 330 -32.62 5.00 -10.55
CA ILE C 330 -33.44 3.83 -10.29
C ILE C 330 -32.80 2.65 -11.01
N PRO C 331 -32.22 1.70 -10.28
CA PRO C 331 -31.64 0.52 -10.93
C PRO C 331 -32.68 -0.55 -11.18
N ILE C 332 -32.63 -1.13 -12.37
CA ILE C 332 -33.45 -2.27 -12.74
C ILE C 332 -32.58 -3.51 -12.57
N MET C 333 -32.89 -4.32 -11.57
CA MET C 333 -32.12 -5.52 -11.27
C MET C 333 -32.51 -6.64 -12.23
N LEU C 334 -31.57 -7.11 -13.03
CA LEU C 334 -31.83 -8.18 -13.98
C LEU C 334 -31.08 -9.46 -13.71
N GLY C 335 -29.94 -9.40 -13.02
CA GLY C 335 -29.21 -10.59 -12.63
C GLY C 335 -28.09 -10.97 -13.59
N ASP C 336 -28.45 -11.60 -14.70
CA ASP C 336 -27.47 -12.07 -15.67
C ASP C 336 -27.04 -10.93 -16.59
N ALA C 337 -25.80 -11.01 -17.08
CA ALA C 337 -25.28 -9.99 -17.97
C ALA C 337 -25.96 -10.05 -19.33
N LYS C 338 -26.14 -11.26 -19.87
CA LYS C 338 -26.88 -11.41 -21.11
C LYS C 338 -28.33 -10.96 -20.98
N VAL C 339 -28.92 -11.09 -19.79
CA VAL C 339 -30.28 -10.58 -19.60
C VAL C 339 -30.30 -9.06 -19.76
N ALA C 340 -29.31 -8.37 -19.20
CA ALA C 340 -29.23 -6.92 -19.36
C ALA C 340 -28.96 -6.55 -20.81
N ALA C 341 -28.09 -7.32 -21.48
CA ALA C 341 -27.77 -7.05 -22.88
C ALA C 341 -29.01 -7.23 -23.77
N GLU C 342 -29.74 -8.33 -23.56
CA GLU C 342 -30.96 -8.57 -24.32
C GLU C 342 -32.02 -7.52 -24.00
N PHE C 343 -32.09 -7.09 -22.75
CA PHE C 343 -33.01 -6.01 -22.40
C PHE C 343 -32.69 -4.74 -23.18
N ALA C 344 -31.39 -4.40 -23.26
CA ALA C 344 -31.00 -3.21 -24.01
C ALA C 344 -31.32 -3.37 -25.49
N GLU C 345 -31.01 -4.53 -26.07
CA GLU C 345 -31.26 -4.76 -27.49
C GLU C 345 -32.75 -4.69 -27.81
N ARG C 346 -33.57 -5.42 -27.05
CA ARG C 346 -35.00 -5.44 -27.32
C ARG C 346 -35.63 -4.07 -27.09
N ALA C 347 -35.24 -3.39 -26.00
CA ALA C 347 -35.70 -2.03 -25.78
C ALA C 347 -35.28 -1.11 -26.91
N LEU C 348 -34.13 -1.40 -27.54
CA LEU C 348 -33.76 -0.66 -28.74
C LEU C 348 -34.72 -0.96 -29.88
N GLU C 349 -35.23 -2.20 -29.94
CA GLU C 349 -36.30 -2.48 -30.90
C GLU C 349 -37.57 -1.73 -30.53
N LYS C 350 -37.83 -1.52 -29.24
CA LYS C 350 -39.01 -0.81 -28.78
C LYS C 350 -38.86 0.70 -28.83
N GLY C 351 -37.71 1.22 -29.27
CA GLY C 351 -37.53 2.65 -29.37
C GLY C 351 -37.12 3.32 -28.08
N ILE C 352 -36.46 2.59 -27.18
CA ILE C 352 -36.03 3.11 -25.88
C ILE C 352 -34.53 3.01 -25.76
N TYR C 353 -33.91 4.08 -25.28
CA TYR C 353 -32.45 4.16 -25.10
C TYR C 353 -32.15 3.94 -23.62
N VAL C 354 -31.59 2.77 -23.30
CA VAL C 354 -31.15 2.44 -21.96
C VAL C 354 -29.74 1.86 -22.04
N ILE C 355 -29.10 1.76 -20.88
CA ILE C 355 -27.75 1.25 -20.76
C ILE C 355 -27.68 0.33 -19.54
N GLY C 356 -27.14 -0.87 -19.73
CA GLY C 356 -26.94 -1.78 -18.62
C GLY C 356 -25.49 -1.91 -18.21
N PHE C 357 -25.26 -2.40 -17.00
CA PHE C 357 -23.91 -2.58 -16.48
C PHE C 357 -23.82 -3.95 -15.83
N SER C 358 -22.76 -4.69 -16.12
CA SER C 358 -22.60 -6.02 -15.56
C SER C 358 -21.27 -6.18 -14.82
N PHE C 359 -20.53 -7.23 -15.19
CA PHE C 359 -19.47 -7.75 -14.31
C PHE C 359 -18.39 -6.74 -13.97
N PRO C 360 -17.63 -6.19 -14.95
CA PRO C 360 -16.44 -5.42 -14.58
C PRO C 360 -16.73 -4.17 -13.77
N VAL C 361 -17.98 -3.69 -13.75
CA VAL C 361 -18.32 -2.49 -13.00
C VAL C 361 -19.20 -2.77 -11.79
N VAL C 362 -20.06 -3.79 -11.83
CA VAL C 362 -20.87 -4.17 -10.67
C VAL C 362 -20.88 -5.68 -10.54
N PRO C 363 -20.97 -6.18 -9.30
CA PRO C 363 -20.79 -7.62 -9.09
C PRO C 363 -21.84 -8.46 -9.80
N LYS C 364 -21.46 -9.69 -10.12
CA LYS C 364 -22.35 -10.68 -10.70
C LYS C 364 -22.82 -11.66 -9.63
N GLY C 365 -24.10 -12.00 -9.68
CA GLY C 365 -25.00 -11.52 -10.72
C GLY C 365 -25.95 -10.45 -10.24
N GLN C 366 -25.43 -9.25 -10.00
CA GLN C 366 -26.27 -8.11 -9.68
C GLN C 366 -26.26 -7.14 -10.85
N ALA C 367 -26.45 -7.66 -12.06
CA ALA C 367 -26.51 -6.80 -13.23
C ALA C 367 -27.73 -5.90 -13.16
N ARG C 368 -27.58 -4.68 -13.65
CA ARG C 368 -28.65 -3.70 -13.51
C ARG C 368 -28.61 -2.74 -14.69
N ILE C 369 -29.73 -2.04 -14.85
CA ILE C 369 -29.86 -0.97 -15.82
C ILE C 369 -30.17 0.30 -15.03
N ARG C 370 -29.23 1.24 -15.03
CA ARG C 370 -29.34 2.46 -14.24
C ARG C 370 -30.17 3.48 -15.01
N THR C 371 -31.45 3.59 -14.68
CA THR C 371 -32.28 4.63 -15.26
C THR C 371 -32.11 5.90 -14.43
N GLN C 372 -32.07 7.04 -15.11
CA GLN C 372 -31.88 8.33 -14.45
C GLN C 372 -33.00 9.26 -14.86
N MET C 373 -33.78 9.69 -13.87
CA MET C 373 -34.91 10.56 -14.15
C MET C 373 -34.44 11.94 -14.59
N SER C 374 -35.38 12.72 -15.13
CA SER C 374 -35.07 14.04 -15.65
C SER C 374 -36.30 14.91 -15.59
N ALA C 375 -36.11 16.20 -15.32
CA ALA C 375 -37.22 17.14 -15.35
C ALA C 375 -37.70 17.44 -16.76
N ALA C 376 -37.00 16.93 -17.78
CA ALA C 376 -37.43 17.05 -19.16
C ALA C 376 -38.40 15.94 -19.57
N HIS C 377 -38.52 14.89 -18.77
CA HIS C 377 -39.46 13.82 -19.08
C HIS C 377 -40.88 14.27 -18.77
N SER C 378 -41.78 14.01 -19.72
CA SER C 378 -43.21 14.20 -19.49
C SER C 378 -43.88 12.86 -19.23
N ARG C 379 -45.02 12.91 -18.53
CA ARG C 379 -45.73 11.67 -18.21
C ARG C 379 -46.18 10.91 -19.45
N GLU C 380 -46.35 11.60 -20.58
CA GLU C 380 -46.61 10.90 -21.83
C GLU C 380 -45.41 10.03 -22.21
N GLN C 381 -44.22 10.63 -22.30
CA GLN C 381 -43.01 9.89 -22.64
C GLN C 381 -42.66 8.91 -21.55
N LEU C 382 -42.86 9.28 -20.29
CA LEU C 382 -42.60 8.38 -19.17
C LEU C 382 -43.46 7.13 -19.29
N ASP C 383 -44.76 7.31 -19.55
CA ASP C 383 -45.66 6.16 -19.65
C ASP C 383 -45.38 5.35 -20.90
N LYS C 384 -45.00 5.98 -22.01
CA LYS C 384 -44.58 5.23 -23.19
C LYS C 384 -43.39 4.34 -22.87
N ALA C 385 -42.40 4.90 -22.15
CA ALA C 385 -41.25 4.11 -21.73
C ALA C 385 -41.68 2.94 -20.85
N ILE C 386 -42.45 3.23 -19.80
CA ILE C 386 -42.88 2.18 -18.87
C ILE C 386 -43.66 1.09 -19.61
N ASP C 387 -44.48 1.48 -20.59
CA ASP C 387 -45.19 0.48 -21.38
C ASP C 387 -44.21 -0.41 -22.14
N ALA C 388 -43.17 0.19 -22.74
CA ALA C 388 -42.16 -0.62 -23.42
C ALA C 388 -41.45 -1.54 -22.44
N PHE C 389 -41.15 -1.04 -21.23
CA PHE C 389 -40.47 -1.85 -20.23
C PHE C 389 -41.32 -3.05 -19.81
N ILE C 390 -42.63 -2.83 -19.62
CA ILE C 390 -43.51 -3.93 -19.21
C ILE C 390 -43.66 -4.93 -20.36
N GLU C 391 -43.71 -4.44 -21.60
CA GLU C 391 -43.74 -5.33 -22.76
C GLU C 391 -42.49 -6.23 -22.78
N VAL C 392 -41.32 -5.63 -22.59
CA VAL C 392 -40.08 -6.41 -22.57
C VAL C 392 -40.08 -7.39 -21.42
N GLY C 393 -40.58 -6.97 -20.25
CA GLY C 393 -40.65 -7.85 -19.11
C GLY C 393 -41.56 -9.05 -19.34
N ARG C 394 -42.64 -8.85 -20.09
CA ARG C 394 -43.49 -9.99 -20.43
C ARG C 394 -42.82 -10.88 -21.47
N ASP C 395 -42.13 -10.28 -22.44
CA ASP C 395 -41.47 -11.05 -23.49
C ASP C 395 -40.35 -11.93 -22.95
N MET C 396 -39.67 -11.49 -21.89
CA MET C 396 -38.51 -12.21 -21.37
C MET C 396 -38.85 -13.18 -20.25
N GLU C 397 -40.13 -13.37 -19.95
CA GLU C 397 -40.58 -14.29 -18.90
C GLU C 397 -39.95 -13.96 -17.56
N ILE C 398 -39.80 -12.66 -17.28
CA ILE C 398 -39.22 -12.20 -16.03
C ILE C 398 -40.33 -11.93 -15.02
N ILE C 399 -41.20 -10.99 -15.33
CA ILE C 399 -42.31 -10.61 -14.48
C ILE C 399 -43.53 -11.43 -14.85
N LYS C 400 -44.36 -11.71 -13.85
CA LYS C 400 -45.55 -12.54 -14.03
C LYS C 400 -46.72 -11.98 -13.24
N ASN D 1 -14.60 17.74 16.16
CA ASN D 1 -15.00 18.09 17.51
C ASN D 1 -13.81 18.58 18.33
N ILE D 2 -12.79 17.72 18.46
CA ILE D 2 -11.60 18.05 19.24
C ILE D 2 -10.42 18.39 18.33
N MET D 3 -9.90 17.39 17.63
CA MET D 3 -8.69 17.57 16.81
C MET D 3 -8.88 18.54 15.65
N SER D 4 -10.14 18.79 15.23
CA SER D 4 -10.39 19.77 14.17
C SER D 4 -9.80 21.13 14.52
N SER D 5 -9.97 21.57 15.78
CA SER D 5 -9.45 22.87 16.19
C SER D 5 -7.94 22.95 16.01
N ALA D 6 -7.22 21.92 16.46
CA ALA D 6 -5.76 21.93 16.32
C ALA D 6 -5.36 21.88 14.85
N PHE D 7 -6.10 21.12 14.04
CA PHE D 7 -5.80 21.03 12.61
C PHE D 7 -5.91 22.40 11.95
N TYR D 8 -7.04 23.09 12.15
CA TYR D 8 -7.20 24.42 11.57
C TYR D 8 -6.20 25.41 12.15
N GLN D 9 -5.82 25.23 13.42
CA GLN D 9 -4.85 26.12 14.04
C GLN D 9 -3.48 26.01 13.36
N GLN D 10 -3.03 24.77 13.14
CA GLN D 10 -1.76 24.58 12.43
C GLN D 10 -1.86 25.09 11.00
N ILE D 11 -3.02 24.92 10.36
CA ILE D 11 -3.19 25.46 9.01
C ILE D 11 -3.01 26.98 9.02
N GLN D 12 -3.63 27.65 10.00
CA GLN D 12 -3.47 29.10 10.08
C GLN D 12 -2.02 29.49 10.35
N GLN D 13 -1.33 28.72 11.20
CA GLN D 13 0.08 28.98 11.44
C GLN D 13 0.88 28.87 10.14
N GLN D 14 0.62 27.83 9.35
CA GLN D 14 1.32 27.67 8.08
C GLN D 14 1.03 28.83 7.13
N ILE D 15 -0.23 29.26 7.07
CA ILE D 15 -0.58 30.39 6.22
C ILE D 15 0.16 31.65 6.66
N GLU D 16 0.25 31.88 7.97
CA GLU D 16 0.93 33.07 8.46
C GLU D 16 2.43 33.01 8.19
N GLU D 17 3.03 31.83 8.31
CA GLU D 17 4.44 31.68 7.97
C GLU D 17 4.68 31.91 6.48
N VAL D 18 3.78 31.42 5.63
CA VAL D 18 3.89 31.68 4.20
C VAL D 18 3.77 33.16 3.91
N LYS D 19 2.87 33.86 4.61
CA LYS D 19 2.77 35.31 4.45
C LYS D 19 4.07 35.98 4.90
N ALA D 20 4.73 35.43 5.92
CA ALA D 20 6.00 36.00 6.35
C ALA D 20 7.06 35.79 5.28
N GLU D 21 7.06 34.63 4.64
CA GLU D 21 8.00 34.33 3.56
C GLU D 21 7.64 35.02 2.25
N GLY D 22 6.52 35.75 2.19
CA GLY D 22 6.14 36.51 1.02
C GLY D 22 5.67 35.75 -0.20
N LEU D 23 4.95 34.64 0.00
CA LEU D 23 4.46 33.85 -1.13
C LEU D 23 2.93 33.77 -1.20
N TYR D 24 2.21 34.53 -0.38
CA TYR D 24 0.75 34.48 -0.41
C TYR D 24 0.24 35.13 -1.69
N LYS D 25 -0.48 34.35 -2.50
CA LYS D 25 -1.09 34.83 -3.73
C LYS D 25 -2.50 35.33 -3.48
N SER D 26 -2.77 36.59 -3.83
CA SER D 26 -4.08 37.21 -3.66
C SER D 26 -4.74 37.41 -5.01
N GLU D 27 -6.06 37.22 -5.06
CA GLU D 27 -6.80 37.29 -6.31
C GLU D 27 -7.33 38.70 -6.56
N ARG D 28 -7.13 39.18 -7.79
CA ARG D 28 -7.58 40.50 -8.23
C ARG D 28 -8.78 40.35 -9.16
N ILE D 29 -9.90 40.97 -8.78
CA ILE D 29 -11.15 40.84 -9.52
C ILE D 29 -11.07 41.59 -10.84
N ILE D 30 -11.50 40.94 -11.92
CA ILE D 30 -11.53 41.51 -13.26
C ILE D 30 -12.98 41.67 -13.69
N THR D 31 -13.34 42.84 -14.21
CA THR D 31 -14.71 43.10 -14.62
C THR D 31 -14.93 43.21 -16.12
N SER D 32 -13.88 43.38 -16.92
CA SER D 32 -14.05 43.59 -18.35
C SER D 32 -13.75 42.31 -19.14
N GLN D 33 -13.91 42.42 -20.46
CA GLN D 33 -13.57 41.34 -21.38
C GLN D 33 -12.06 41.29 -21.62
N GLN D 34 -11.64 40.25 -22.34
CA GLN D 34 -10.22 40.01 -22.62
C GLN D 34 -9.74 40.89 -23.77
N GLN D 35 -8.95 41.89 -23.45
CA GLN D 35 -8.32 42.77 -24.44
C GLN D 35 -7.06 43.34 -23.81
N ALA D 36 -6.48 44.36 -24.44
CA ALA D 36 -5.26 44.94 -23.91
C ALA D 36 -5.53 45.74 -22.64
N ALA D 37 -6.71 46.35 -22.53
CA ALA D 37 -7.09 47.17 -21.40
C ALA D 37 -8.10 46.42 -20.55
N VAL D 38 -7.76 46.17 -19.29
CA VAL D 38 -8.58 45.38 -18.38
C VAL D 38 -9.02 46.28 -17.24
N LYS D 39 -10.29 46.18 -16.87
CA LYS D 39 -10.89 47.01 -15.84
C LYS D 39 -10.89 46.29 -14.50
N ILE D 40 -10.35 46.95 -13.47
CA ILE D 40 -10.38 46.43 -12.11
C ILE D 40 -11.62 46.96 -11.42
N ALA D 41 -11.87 46.53 -10.19
CA ALA D 41 -13.00 47.03 -9.43
C ALA D 41 -12.77 48.45 -8.92
N SER D 42 -11.52 48.87 -8.78
CA SER D 42 -11.19 50.23 -8.37
C SER D 42 -11.33 51.26 -9.48
N GLY D 43 -11.72 50.84 -10.69
CA GLY D 43 -11.94 51.73 -11.79
C GLY D 43 -10.77 51.88 -12.74
N GLU D 44 -9.57 51.48 -12.33
CA GLU D 44 -8.39 51.68 -13.16
C GLU D 44 -8.35 50.67 -14.30
N GLU D 45 -8.00 51.15 -15.48
CA GLU D 45 -7.67 50.29 -16.61
C GLU D 45 -6.18 49.97 -16.60
N VAL D 46 -5.83 48.72 -16.89
CA VAL D 46 -4.45 48.27 -16.89
C VAL D 46 -4.15 47.53 -18.17
N LEU D 47 -2.88 47.60 -18.59
CA LEU D 47 -2.41 46.88 -19.77
C LEU D 47 -2.05 45.46 -19.38
N ASN D 48 -2.62 44.49 -20.09
CA ASN D 48 -2.51 43.08 -19.72
C ASN D 48 -1.28 42.47 -20.39
N PHE D 49 -0.34 41.99 -19.58
CA PHE D 49 0.85 41.28 -20.04
C PHE D 49 1.03 39.96 -19.32
N CYS D 50 -0.08 39.30 -18.97
CA CYS D 50 0.00 38.02 -18.28
C CYS D 50 -1.13 37.08 -18.68
N ALA D 51 -1.65 37.21 -19.89
CA ALA D 51 -2.71 36.33 -20.39
C ALA D 51 -2.20 35.56 -21.60
N ASN D 52 -2.70 34.33 -21.75
CA ASN D 52 -2.35 33.46 -22.85
C ASN D 52 -3.19 33.70 -24.10
N ASN D 53 -3.61 34.94 -24.33
CA ASN D 53 -4.44 35.28 -25.49
C ASN D 53 -3.55 35.60 -26.70
N TYR D 54 -2.78 34.59 -27.10
CA TYR D 54 -1.74 34.79 -28.11
C TYR D 54 -2.32 35.24 -29.44
N LEU D 55 -3.44 34.66 -29.86
CA LEU D 55 -4.08 35.00 -31.12
C LEU D 55 -5.24 35.98 -30.97
N GLY D 56 -5.56 36.40 -29.73
CA GLY D 56 -6.64 37.34 -29.51
C GLY D 56 -8.02 36.77 -29.68
N LEU D 57 -8.16 35.44 -29.64
CA LEU D 57 -9.45 34.80 -29.86
C LEU D 57 -10.32 34.72 -28.61
N ALA D 58 -9.80 35.12 -27.45
CA ALA D 58 -10.58 35.00 -26.21
C ALA D 58 -11.79 35.91 -26.21
N ASN D 59 -11.74 37.03 -26.94
CA ASN D 59 -12.87 37.95 -27.06
C ASN D 59 -13.28 38.14 -28.52
N HIS D 60 -12.97 37.18 -29.38
CA HIS D 60 -13.27 37.30 -30.80
C HIS D 60 -14.78 37.28 -31.03
N PRO D 61 -15.35 38.29 -31.69
CA PRO D 61 -16.82 38.30 -31.86
C PRO D 61 -17.34 37.18 -32.75
N ALA D 62 -16.56 36.78 -33.76
CA ALA D 62 -16.99 35.68 -34.61
C ALA D 62 -17.11 34.38 -33.80
N LEU D 63 -16.21 34.18 -32.84
CA LEU D 63 -16.29 33.01 -32.00
C LEU D 63 -17.52 33.07 -31.09
N ILE D 64 -17.88 34.28 -30.63
CA ILE D 64 -19.08 34.42 -29.81
C ILE D 64 -20.32 34.10 -30.61
N GLU D 65 -20.40 34.59 -31.86
CA GLU D 65 -21.56 34.31 -32.69
C GLU D 65 -21.62 32.83 -33.07
N ALA D 66 -20.46 32.22 -33.33
CA ALA D 66 -20.43 30.78 -33.60
C ALA D 66 -20.83 29.99 -32.37
N GLY D 67 -20.49 30.47 -31.18
CA GLY D 67 -20.94 29.83 -29.96
C GLY D 67 -22.44 29.93 -29.77
N LYS D 68 -23.01 31.09 -30.11
CA LYS D 68 -24.47 31.22 -30.09
C LYS D 68 -25.11 30.21 -31.04
N ALA D 69 -24.55 30.08 -32.25
CA ALA D 69 -25.08 29.12 -33.21
C ALA D 69 -24.97 27.70 -32.69
N GLY D 70 -23.84 27.37 -32.06
CA GLY D 70 -23.69 26.03 -31.49
C GLY D 70 -24.64 25.76 -30.35
N MET D 71 -24.85 26.76 -29.49
CA MET D 71 -25.80 26.58 -28.38
C MET D 71 -27.21 26.39 -28.89
N ASP D 72 -27.57 27.02 -30.01
CA ASP D 72 -28.90 26.81 -30.57
C ASP D 72 -29.00 25.47 -31.30
N GLU D 73 -27.93 25.04 -31.96
CA GLU D 73 -28.00 23.84 -32.80
C GLU D 73 -27.87 22.55 -31.99
N HIS D 74 -26.97 22.52 -31.01
CA HIS D 74 -26.66 21.27 -30.30
C HIS D 74 -26.83 21.35 -28.80
N GLY D 75 -27.31 22.46 -28.26
CA GLY D 75 -27.63 22.56 -26.84
C GLY D 75 -26.51 23.18 -26.03
N PHE D 76 -26.78 23.29 -24.73
CA PHE D 76 -25.87 23.92 -23.78
C PHE D 76 -24.88 22.93 -23.17
N GLY D 77 -25.37 21.79 -22.68
CA GLY D 77 -24.50 20.80 -22.07
C GLY D 77 -24.93 19.39 -22.45
N MET D 78 -24.05 18.44 -22.14
CA MET D 78 -24.31 17.03 -22.43
C MET D 78 -24.85 16.27 -21.22
N ALA D 79 -24.39 16.60 -20.01
CA ALA D 79 -24.84 15.96 -18.78
C ALA D 79 -24.62 14.45 -18.83
N SER D 80 -23.50 14.03 -19.43
CA SER D 80 -23.15 12.62 -19.53
C SER D 80 -21.72 12.52 -20.04
N VAL D 81 -21.13 11.35 -19.84
CA VAL D 81 -19.78 11.09 -20.33
C VAL D 81 -19.87 10.75 -21.81
N ARG D 82 -18.71 10.57 -22.45
CA ARG D 82 -18.69 10.46 -23.91
C ARG D 82 -19.22 9.12 -24.41
N PHE D 83 -18.84 8.02 -23.76
CA PHE D 83 -19.21 6.70 -24.26
C PHE D 83 -20.64 6.30 -23.90
N ILE D 84 -21.32 7.06 -23.05
CA ILE D 84 -22.71 6.78 -22.70
C ILE D 84 -23.62 7.48 -23.70
N CYS D 85 -23.77 8.80 -23.56
CA CYS D 85 -24.60 9.57 -24.48
C CYS D 85 -24.09 11.01 -24.56
N GLY D 86 -22.77 11.17 -24.54
CA GLY D 86 -22.14 12.47 -24.68
C GLY D 86 -21.40 12.67 -25.99
N THR D 87 -21.50 11.73 -26.93
CA THR D 87 -20.84 11.84 -28.22
C THR D 87 -21.88 12.27 -29.25
N GLN D 88 -21.79 13.52 -29.68
CA GLN D 88 -22.68 14.07 -30.69
C GLN D 88 -21.98 14.10 -32.05
N ASP D 89 -22.71 14.53 -33.07
CA ASP D 89 -22.12 14.64 -34.40
C ASP D 89 -21.00 15.67 -34.44
N ILE D 90 -21.14 16.75 -33.68
CA ILE D 90 -20.08 17.76 -33.63
C ILE D 90 -18.83 17.19 -32.96
N HIS D 91 -19.00 16.22 -32.04
CA HIS D 91 -17.84 15.59 -31.43
C HIS D 91 -17.01 14.85 -32.48
N LYS D 92 -17.66 14.00 -33.29
CA LYS D 92 -16.93 13.31 -34.34
C LYS D 92 -16.40 14.29 -35.39
N GLU D 93 -17.14 15.37 -35.64
CA GLU D 93 -16.68 16.39 -36.58
C GLU D 93 -15.38 17.03 -36.09
N LEU D 94 -15.35 17.45 -34.83
CA LEU D 94 -14.15 18.07 -34.28
C LEU D 94 -13.01 17.07 -34.18
N GLU D 95 -13.31 15.81 -33.86
CA GLU D 95 -12.26 14.80 -33.77
C GLU D 95 -11.62 14.54 -35.13
N GLN D 96 -12.42 14.37 -36.17
CA GLN D 96 -11.89 14.18 -37.51
C GLN D 96 -11.15 15.43 -37.97
N LYS D 97 -11.68 16.62 -37.66
CA LYS D 97 -11.04 17.86 -38.04
C LYS D 97 -9.64 17.96 -37.44
N LEU D 98 -9.52 17.65 -36.15
CA LEU D 98 -8.23 17.73 -35.49
C LEU D 98 -7.29 16.62 -35.96
N SER D 99 -7.82 15.42 -36.20
CA SER D 99 -6.99 14.31 -36.65
C SER D 99 -6.39 14.59 -38.02
N THR D 100 -7.18 15.18 -38.93
CA THR D 100 -6.64 15.50 -40.24
C THR D 100 -5.75 16.74 -40.19
N PHE D 101 -6.10 17.71 -39.33
CA PHE D 101 -5.27 18.90 -39.18
C PHE D 101 -3.89 18.57 -38.62
N LEU D 102 -3.81 17.63 -37.67
CA LEU D 102 -2.55 17.24 -37.07
C LEU D 102 -1.85 16.12 -37.82
N GLY D 103 -2.49 15.52 -38.83
CA GLY D 103 -1.86 14.48 -39.58
C GLY D 103 -1.78 13.14 -38.87
N LYS D 104 -2.73 12.86 -37.98
CA LYS D 104 -2.78 11.61 -37.25
C LYS D 104 -4.02 10.82 -37.67
N GLU D 105 -4.03 9.53 -37.29
CA GLU D 105 -5.12 8.67 -37.72
C GLU D 105 -6.41 8.96 -36.96
N ASP D 106 -6.31 9.18 -35.65
CA ASP D 106 -7.50 9.42 -34.84
C ASP D 106 -7.14 10.29 -33.66
N THR D 107 -8.17 10.92 -33.07
CA THR D 107 -8.04 11.73 -31.87
C THR D 107 -9.15 11.40 -30.90
N ILE D 108 -8.89 11.74 -29.63
CA ILE D 108 -9.86 11.57 -28.55
C ILE D 108 -9.83 12.82 -27.70
N LEU D 109 -11.01 13.33 -27.35
CA LEU D 109 -11.15 14.61 -26.68
C LEU D 109 -11.33 14.42 -25.17
N TYR D 110 -10.72 15.32 -24.40
CA TYR D 110 -10.85 15.36 -22.95
C TYR D 110 -11.32 16.74 -22.53
N THR D 111 -11.70 16.88 -21.26
CA THR D 111 -12.17 18.16 -20.74
C THR D 111 -11.03 19.11 -20.39
N SER D 112 -9.78 18.65 -20.45
CA SER D 112 -8.62 19.48 -20.19
C SER D 112 -7.37 18.69 -20.57
N CYS D 113 -6.30 19.40 -20.92
CA CYS D 113 -5.03 18.73 -21.15
C CYS D 113 -4.48 18.13 -19.87
N PHE D 114 -4.87 18.68 -18.71
CA PHE D 114 -4.54 18.07 -17.43
C PHE D 114 -5.07 16.63 -17.38
N ASP D 115 -6.35 16.45 -17.68
CA ASP D 115 -6.93 15.11 -17.68
C ASP D 115 -6.44 14.29 -18.87
N ALA D 116 -6.13 14.95 -19.98
CA ALA D 116 -5.60 14.22 -21.14
C ALA D 116 -4.28 13.56 -20.81
N ASN D 117 -3.38 14.29 -20.14
CA ASN D 117 -2.10 13.72 -19.75
C ASN D 117 -2.27 12.75 -18.58
N ALA D 118 -3.14 13.09 -17.63
CA ALA D 118 -3.31 12.25 -16.45
C ALA D 118 -3.99 10.93 -16.81
N GLY D 119 -4.87 10.92 -17.80
CA GLY D 119 -5.59 9.72 -18.16
C GLY D 119 -4.98 8.95 -19.31
N LEU D 120 -3.73 9.25 -19.63
CA LEU D 120 -3.05 8.64 -20.77
C LEU D 120 -2.06 7.56 -20.35
N PHE D 121 -1.14 7.89 -19.44
CA PHE D 121 -0.05 6.97 -19.12
C PHE D 121 -0.56 5.73 -18.42
N GLU D 122 -1.46 5.89 -17.45
CA GLU D 122 -2.04 4.74 -16.76
C GLU D 122 -2.82 3.85 -17.73
N THR D 123 -3.40 4.44 -18.77
CA THR D 123 -4.19 3.69 -19.73
C THR D 123 -3.33 2.85 -20.66
N ILE D 124 -2.10 3.28 -20.92
CA ILE D 124 -1.26 2.68 -21.95
C ILE D 124 -0.18 1.77 -21.35
N LEU D 125 0.58 2.28 -20.39
CA LEU D 125 1.84 1.66 -19.98
C LEU D 125 1.66 0.86 -18.70
N ASP D 126 2.29 -0.31 -18.67
CA ASP D 126 2.29 -1.21 -17.53
C ASP D 126 3.55 -1.00 -16.70
N LYS D 127 3.83 -1.96 -15.81
CA LYS D 127 5.03 -1.89 -14.98
C LYS D 127 6.29 -2.12 -15.80
N GLU D 128 6.18 -2.87 -16.91
CA GLU D 128 7.33 -3.18 -17.74
C GLU D 128 7.86 -1.97 -18.50
N ASP D 129 7.04 -0.95 -18.73
CA ASP D 129 7.43 0.14 -19.60
C ASP D 129 8.13 1.23 -18.80
N ALA D 130 8.61 2.26 -19.51
CA ALA D 130 9.38 3.32 -18.89
C ALA D 130 9.07 4.65 -19.56
N ILE D 131 9.12 5.72 -18.75
CA ILE D 131 8.88 7.08 -19.22
C ILE D 131 10.13 7.90 -18.95
N ILE D 132 10.61 8.61 -19.97
CA ILE D 132 11.75 9.51 -19.85
C ILE D 132 11.25 10.91 -20.17
N SER D 133 11.24 11.78 -19.16
CA SER D 133 10.67 13.11 -19.26
C SER D 133 11.74 14.17 -19.07
N ASP D 134 11.55 15.30 -19.73
CA ASP D 134 12.39 16.47 -19.46
C ASP D 134 12.18 16.92 -18.02
N ALA D 135 13.27 17.30 -17.36
CA ALA D 135 13.21 17.65 -15.94
C ALA D 135 12.30 18.83 -15.66
N LEU D 136 12.02 19.67 -16.66
CA LEU D 136 11.22 20.87 -16.48
C LEU D 136 9.87 20.78 -17.18
N ASN D 137 9.30 19.58 -17.27
CA ASN D 137 7.97 19.43 -17.86
C ASN D 137 6.91 20.06 -16.97
N HIS D 138 5.76 20.37 -17.57
CA HIS D 138 4.69 21.04 -16.85
C HIS D 138 4.11 20.13 -15.77
N ALA D 139 3.37 20.74 -14.85
CA ALA D 139 2.85 20.01 -13.69
C ALA D 139 1.84 18.94 -14.09
N SER D 140 1.07 19.17 -15.16
CA SER D 140 0.07 18.17 -15.55
C SER D 140 0.75 16.87 -16.01
N ILE D 141 1.80 16.98 -16.82
CA ILE D 141 2.54 15.79 -17.24
C ILE D 141 3.20 15.11 -16.05
N ILE D 142 3.76 15.89 -15.13
CA ILE D 142 4.42 15.30 -13.97
C ILE D 142 3.41 14.50 -13.14
N ASP D 143 2.25 15.08 -12.87
CA ASP D 143 1.22 14.39 -12.10
C ASP D 143 0.68 13.19 -12.85
N GLY D 144 0.58 13.26 -14.18
CA GLY D 144 0.12 12.12 -14.94
C GLY D 144 1.10 10.96 -14.91
N VAL D 145 2.40 11.26 -15.04
CA VAL D 145 3.41 10.21 -14.95
C VAL D 145 3.48 9.65 -13.54
N ARG D 146 3.25 10.49 -12.53
CA ARG D 146 3.23 10.01 -11.14
C ARG D 146 2.14 8.98 -10.92
N LEU D 147 1.08 9.01 -11.73
CA LEU D 147 0.04 7.98 -11.68
C LEU D 147 0.40 6.75 -12.51
N CYS D 148 1.54 6.77 -13.19
CA CYS D 148 1.97 5.68 -14.04
C CYS D 148 2.99 4.82 -13.30
N LYS D 149 2.89 3.50 -13.52
CA LYS D 149 3.78 2.55 -12.88
C LYS D 149 5.10 2.38 -13.63
N ALA D 150 5.39 3.25 -14.59
CA ALA D 150 6.62 3.15 -15.35
C ALA D 150 7.79 3.77 -14.59
N MET D 151 9.00 3.45 -15.04
CA MET D 151 10.21 4.00 -14.45
C MET D 151 10.36 5.47 -14.80
N ARG D 152 10.79 6.27 -13.83
CA ARG D 152 10.92 7.70 -13.98
C ARG D 152 12.39 8.08 -14.09
N PHE D 153 12.73 8.91 -15.07
CA PHE D 153 14.09 9.38 -15.28
C PHE D 153 14.07 10.87 -15.57
N ARG D 154 15.07 11.59 -15.07
CA ARG D 154 15.20 13.02 -15.34
C ARG D 154 16.53 13.29 -16.01
N TYR D 155 16.54 14.27 -16.90
CA TYR D 155 17.76 14.76 -17.54
C TYR D 155 17.69 16.27 -17.67
N SER D 156 18.84 16.93 -17.53
CA SER D 156 18.88 18.38 -17.56
C SER D 156 18.38 18.92 -18.90
N ASN D 157 18.00 20.19 -18.90
CA ASN D 157 17.29 20.80 -20.02
C ASN D 157 18.15 20.79 -21.29
N ASN D 158 17.56 20.28 -22.38
CA ASN D 158 18.15 20.27 -23.72
C ASN D 158 19.47 19.51 -23.80
N ASN D 159 19.80 18.71 -22.78
CA ASN D 159 21.04 17.93 -22.78
C ASN D 159 20.72 16.59 -23.44
N MET D 160 20.88 16.54 -24.76
CA MET D 160 20.61 15.32 -25.50
C MET D 160 21.55 14.19 -25.10
N THR D 161 22.74 14.51 -24.58
CA THR D 161 23.65 13.48 -24.10
C THR D 161 23.06 12.78 -22.87
N GLU D 162 22.54 13.55 -21.91
CA GLU D 162 21.87 12.95 -20.77
C GLU D 162 20.62 12.19 -21.20
N LEU D 163 19.95 12.66 -22.24
CA LEU D 163 18.80 11.91 -22.77
C LEU D 163 19.22 10.55 -23.29
N GLU D 164 20.34 10.50 -24.03
CA GLU D 164 20.84 9.21 -24.51
C GLU D 164 21.30 8.35 -23.33
N GLU D 165 21.86 8.96 -22.30
CA GLU D 165 22.24 8.20 -21.11
C GLU D 165 21.02 7.55 -20.47
N GLN D 166 19.92 8.29 -20.37
CA GLN D 166 18.70 7.72 -19.80
C GLN D 166 18.12 6.64 -20.71
N LEU D 167 18.24 6.82 -22.03
CA LEU D 167 17.81 5.79 -22.97
C LEU D 167 18.63 4.51 -22.77
N ILE D 168 19.94 4.64 -22.59
CA ILE D 168 20.80 3.49 -22.33
C ILE D 168 20.39 2.82 -21.02
N ALA D 169 20.13 3.62 -19.98
CA ALA D 169 19.69 3.06 -18.71
C ALA D 169 18.37 2.32 -18.84
N ALA D 170 17.50 2.78 -19.74
CA ALA D 170 16.23 2.10 -19.97
C ALA D 170 16.44 0.79 -20.72
N LYS D 171 17.32 0.80 -21.73
CA LYS D 171 17.62 -0.44 -22.46
C LYS D 171 18.27 -1.48 -21.54
N ASP D 172 19.18 -1.05 -20.67
CA ASP D 172 19.85 -1.99 -19.78
C ASP D 172 18.91 -2.54 -18.72
N ALA D 173 17.87 -1.78 -18.36
CA ALA D 173 16.92 -2.24 -17.36
C ALA D 173 15.94 -3.28 -17.88
N GLY D 174 15.95 -3.56 -19.19
CA GLY D 174 15.01 -4.54 -19.72
C GLY D 174 13.62 -4.00 -19.91
N ALA D 175 13.48 -2.77 -20.40
CA ALA D 175 12.19 -2.13 -20.54
C ALA D 175 11.49 -2.59 -21.81
N ARG D 176 10.22 -2.95 -21.67
CA ARG D 176 9.40 -3.35 -22.81
C ARG D 176 9.22 -2.19 -23.78
N ASN D 177 8.41 -1.21 -23.38
CA ASN D 177 8.19 0.00 -24.16
C ASN D 177 8.89 1.17 -23.49
N ILE D 178 9.48 2.05 -24.31
CA ILE D 178 10.17 3.24 -23.84
C ILE D 178 9.52 4.44 -24.51
N LEU D 179 9.11 5.42 -23.71
CA LEU D 179 8.40 6.58 -24.23
C LEU D 179 9.09 7.86 -23.78
N ILE D 180 9.29 8.79 -24.71
CA ILE D 180 9.87 10.09 -24.42
C ILE D 180 8.78 11.14 -24.55
N VAL D 181 8.47 11.82 -23.43
CA VAL D 181 7.44 12.83 -23.36
C VAL D 181 8.10 14.20 -23.26
N THR D 182 7.58 15.18 -24.01
CA THR D 182 8.14 16.51 -23.87
C THR D 182 7.13 17.57 -24.29
N ASP D 183 7.18 18.72 -23.63
CA ASP D 183 6.47 19.91 -24.07
C ASP D 183 7.16 20.54 -25.27
N GLY D 184 6.36 21.12 -26.15
CA GLY D 184 6.93 21.90 -27.24
C GLY D 184 7.52 23.22 -26.77
N VAL D 185 6.82 23.91 -25.88
CA VAL D 185 7.32 25.15 -25.28
C VAL D 185 7.14 25.07 -23.77
N PHE D 186 8.24 25.18 -23.04
CA PHE D 186 8.21 25.21 -21.58
C PHE D 186 7.85 26.62 -21.12
N SER D 187 6.72 26.76 -20.42
CA SER D 187 6.14 28.06 -20.14
C SER D 187 6.99 28.94 -19.24
N MET D 188 8.21 28.51 -18.91
CA MET D 188 9.14 29.33 -18.17
C MET D 188 10.46 29.58 -18.87
N ASP D 189 10.76 28.85 -19.95
CA ASP D 189 11.98 29.08 -20.71
C ASP D 189 11.74 29.45 -22.17
N GLY D 190 10.59 29.12 -22.73
CA GLY D 190 10.30 29.45 -24.12
C GLY D 190 11.23 28.82 -25.14
N VAL D 191 11.75 27.62 -24.86
CA VAL D 191 12.70 26.96 -25.76
C VAL D 191 12.07 25.66 -26.24
N VAL D 192 12.18 25.41 -27.55
CA VAL D 192 11.65 24.19 -28.16
C VAL D 192 12.72 23.10 -28.13
N ALA D 193 12.31 21.88 -27.78
CA ALA D 193 13.21 20.75 -27.71
C ALA D 193 13.71 20.36 -29.10
N ASN D 194 14.89 19.74 -29.13
CA ASN D 194 15.52 19.29 -30.38
C ASN D 194 14.80 18.02 -30.84
N LEU D 195 13.60 18.21 -31.39
CA LEU D 195 12.78 17.08 -31.80
C LEU D 195 13.42 16.18 -32.86
N PRO D 196 14.11 16.70 -33.90
CA PRO D 196 14.73 15.77 -34.86
C PRO D 196 15.72 14.82 -34.22
N ALA D 197 16.56 15.31 -33.30
CA ALA D 197 17.48 14.43 -32.60
C ALA D 197 16.73 13.43 -31.75
N ILE D 198 15.59 13.84 -31.18
CA ILE D 198 14.79 12.92 -30.37
C ILE D 198 14.27 11.78 -31.25
N CYS D 199 13.72 12.11 -32.41
CA CYS D 199 13.19 11.08 -33.30
C CYS D 199 14.30 10.17 -33.83
N ASP D 200 15.48 10.74 -34.11
CA ASP D 200 16.60 9.92 -34.58
C ASP D 200 17.08 8.97 -33.49
N LEU D 201 17.21 9.47 -32.26
CA LEU D 201 17.58 8.60 -31.14
C LEU D 201 16.52 7.54 -30.91
N ALA D 202 15.25 7.87 -31.15
CA ALA D 202 14.18 6.90 -31.02
C ALA D 202 14.32 5.80 -32.07
N GLU D 203 14.61 6.17 -33.31
CA GLU D 203 14.83 5.14 -34.32
C GLU D 203 16.04 4.29 -34.01
N LYS D 204 17.07 4.88 -33.39
CA LYS D 204 18.23 4.07 -33.01
C LYS D 204 17.90 3.10 -31.89
N TYR D 205 17.15 3.55 -30.88
CA TYR D 205 16.86 2.74 -29.71
C TYR D 205 15.42 2.24 -29.63
N GLY D 206 14.60 2.49 -30.64
CA GLY D 206 13.24 1.98 -30.65
C GLY D 206 12.35 2.52 -29.55
N ALA D 207 12.02 3.81 -29.60
CA ALA D 207 11.21 4.44 -28.57
C ALA D 207 10.07 5.24 -29.20
N LEU D 208 9.01 5.40 -28.42
CA LEU D 208 7.83 6.18 -28.77
C LEU D 208 8.00 7.63 -28.36
N THR D 209 7.26 8.51 -29.03
CA THR D 209 7.38 9.95 -28.82
C THR D 209 6.02 10.56 -28.51
N MET D 210 5.97 11.37 -27.46
CA MET D 210 4.77 12.13 -27.11
C MET D 210 5.14 13.59 -26.96
N VAL D 211 4.35 14.47 -27.59
CA VAL D 211 4.63 15.90 -27.58
C VAL D 211 3.38 16.64 -27.10
N ASP D 212 3.56 17.51 -26.11
CA ASP D 212 2.50 18.38 -25.60
C ASP D 212 2.78 19.79 -26.11
N ASP D 213 2.14 20.15 -27.21
CA ASP D 213 2.33 21.46 -27.83
C ASP D 213 1.33 22.49 -27.34
N SER D 214 1.06 22.52 -26.03
CA SER D 214 0.05 23.45 -25.51
C SER D 214 0.48 24.90 -25.69
N HIS D 215 1.72 25.22 -25.33
CA HIS D 215 2.25 26.56 -25.53
C HIS D 215 2.89 26.76 -26.89
N ALA D 216 2.68 25.82 -27.81
CA ALA D 216 3.31 25.88 -29.13
C ALA D 216 2.31 25.83 -30.28
N VAL D 217 1.28 24.97 -30.19
CA VAL D 217 0.35 24.81 -31.29
C VAL D 217 -0.45 26.11 -31.48
N GLY D 218 -0.76 26.41 -32.74
CA GLY D 218 -1.52 27.61 -33.04
C GLY D 218 -0.71 28.66 -33.78
N PHE D 219 0.58 28.77 -33.47
CA PHE D 219 1.42 29.78 -34.10
C PHE D 219 2.82 29.30 -34.46
N MET D 220 3.40 28.35 -33.74
CA MET D 220 4.71 27.84 -34.10
C MET D 220 4.60 27.03 -35.40
N GLY D 221 5.37 27.44 -36.40
CA GLY D 221 5.35 26.82 -37.71
C GLY D 221 4.60 27.65 -38.73
N LYS D 222 4.58 27.13 -39.95
CA LYS D 222 3.91 27.82 -41.05
C LYS D 222 2.40 27.64 -41.02
N THR D 223 1.93 26.39 -40.93
CA THR D 223 0.50 26.13 -40.85
C THR D 223 -0.04 26.07 -39.43
N GLY D 224 0.83 26.10 -38.42
CA GLY D 224 0.37 26.03 -37.05
C GLY D 224 -0.03 24.65 -36.58
N ALA D 225 0.43 23.60 -37.24
CA ALA D 225 0.05 22.24 -36.84
C ALA D 225 0.73 21.85 -35.53
N GLY D 226 1.87 22.45 -35.22
CA GLY D 226 2.60 22.18 -34.01
C GLY D 226 4.08 22.10 -34.29
N THR D 227 4.83 21.70 -33.26
CA THR D 227 6.28 21.62 -33.39
C THR D 227 6.74 20.49 -34.32
N HIS D 228 5.88 19.50 -34.56
CA HIS D 228 6.25 18.42 -35.47
C HIS D 228 6.38 18.90 -36.92
N GLU D 229 5.68 19.98 -37.28
CA GLU D 229 5.94 20.63 -38.56
C GLU D 229 7.05 21.65 -38.46
N TYR D 230 7.27 22.23 -37.27
CA TYR D 230 8.37 23.16 -37.08
C TYR D 230 9.71 22.49 -37.36
N HIS D 231 9.93 21.32 -36.77
CA HIS D 231 11.13 20.54 -36.99
C HIS D 231 10.98 19.51 -38.11
N ASP D 232 9.83 19.48 -38.78
CA ASP D 232 9.52 18.52 -39.84
C ASP D 232 9.73 17.08 -39.36
N VAL D 233 8.97 16.72 -38.33
CA VAL D 233 9.05 15.38 -37.74
C VAL D 233 7.63 14.82 -37.58
N VAL D 234 6.73 15.23 -38.47
CA VAL D 234 5.39 14.64 -38.50
C VAL D 234 5.50 13.17 -38.88
N ASP D 235 4.53 12.37 -38.40
CA ASP D 235 4.43 10.94 -38.64
C ASP D 235 5.54 10.15 -37.95
N ARG D 236 6.60 10.84 -37.53
CA ARG D 236 7.65 10.24 -36.72
C ARG D 236 7.40 10.39 -35.22
N ILE D 237 6.50 11.29 -34.83
CA ILE D 237 6.07 11.45 -33.44
C ILE D 237 4.73 10.76 -33.30
N ASP D 238 4.64 9.82 -32.35
CA ASP D 238 3.48 8.94 -32.30
C ASP D 238 2.26 9.63 -31.71
N ILE D 239 2.42 10.32 -30.58
CA ILE D 239 1.28 10.90 -29.87
C ILE D 239 1.49 12.39 -29.67
N ILE D 240 0.42 13.16 -29.88
CA ILE D 240 0.44 14.60 -29.71
C ILE D 240 -0.77 15.00 -28.86
N THR D 241 -0.51 15.62 -27.72
CA THR D 241 -1.56 16.13 -26.86
C THR D 241 -1.64 17.65 -26.96
N GLY D 242 -2.78 18.20 -26.54
CA GLY D 242 -2.95 19.64 -26.59
C GLY D 242 -4.15 20.08 -25.80
N THR D 243 -4.28 21.40 -25.66
CA THR D 243 -5.33 22.01 -24.88
C THR D 243 -6.04 23.09 -25.69
N LEU D 244 -7.16 23.56 -25.15
CA LEU D 244 -7.89 24.68 -25.70
C LEU D 244 -7.81 25.93 -24.84
N GLY D 245 -7.10 25.88 -23.70
CA GLY D 245 -7.01 27.00 -22.79
C GLY D 245 -5.89 27.99 -23.06
N LYS D 246 -5.25 27.92 -24.23
CA LYS D 246 -4.18 28.86 -24.55
C LYS D 246 -4.51 29.69 -25.78
N ALA D 247 -3.77 29.49 -26.87
CA ALA D 247 -3.97 30.29 -28.07
C ALA D 247 -5.25 29.92 -28.80
N MET D 248 -5.71 28.67 -28.68
CA MET D 248 -6.86 28.18 -29.42
C MET D 248 -8.18 28.60 -28.77
N GLY D 249 -8.19 29.75 -28.10
CA GLY D 249 -9.39 30.25 -27.45
C GLY D 249 -9.14 30.72 -26.04
N GLY D 250 -8.69 29.82 -25.17
CA GLY D 250 -8.36 30.17 -23.79
C GLY D 250 -9.34 29.71 -22.74
N ALA D 251 -10.31 28.86 -23.09
CA ALA D 251 -11.27 28.38 -22.11
C ALA D 251 -10.73 27.16 -21.35
N SER D 252 -10.92 25.98 -21.93
CA SER D 252 -10.49 24.72 -21.33
C SER D 252 -10.72 23.61 -22.36
N GLY D 253 -10.27 22.42 -22.02
CA GLY D 253 -10.42 21.28 -22.90
C GLY D 253 -9.06 20.79 -23.40
N GLY D 254 -9.04 19.52 -23.81
CA GLY D 254 -7.81 18.92 -24.31
C GLY D 254 -8.08 17.85 -25.32
N TYR D 255 -7.00 17.34 -25.92
CA TYR D 255 -7.12 16.30 -26.93
C TYR D 255 -5.83 15.49 -26.97
N THR D 256 -5.97 14.24 -27.41
CA THR D 256 -4.85 13.34 -27.63
C THR D 256 -4.99 12.74 -29.03
N SER D 257 -3.93 12.81 -29.82
CA SER D 257 -3.96 12.39 -31.22
C SER D 257 -2.88 11.33 -31.46
N GLY D 258 -3.24 10.32 -32.24
CA GLY D 258 -2.30 9.26 -32.54
C GLY D 258 -2.91 8.26 -33.48
N LYS D 259 -2.31 7.06 -33.53
CA LYS D 259 -2.81 6.00 -34.39
C LYS D 259 -4.16 5.49 -33.89
N LYS D 260 -4.90 4.85 -34.80
CA LYS D 260 -6.27 4.49 -34.52
C LYS D 260 -6.38 3.45 -33.41
N GLU D 261 -5.41 2.54 -33.31
CA GLU D 261 -5.42 1.53 -32.26
C GLU D 261 -5.34 2.17 -30.88
N VAL D 262 -4.42 3.13 -30.73
CA VAL D 262 -4.24 3.81 -29.45
C VAL D 262 -5.50 4.56 -29.06
N ILE D 263 -6.13 5.24 -30.02
CA ILE D 263 -7.32 6.03 -29.71
C ILE D 263 -8.48 5.11 -29.35
N GLU D 264 -8.58 3.95 -30.01
CA GLU D 264 -9.61 2.98 -29.64
C GLU D 264 -9.38 2.47 -28.21
N TRP D 265 -8.13 2.13 -27.89
CA TRP D 265 -7.83 1.67 -26.54
C TRP D 265 -8.11 2.75 -25.51
N LEU D 266 -7.91 4.02 -25.87
CA LEU D 266 -8.23 5.12 -24.95
C LEU D 266 -9.74 5.24 -24.78
N ARG D 267 -10.50 5.13 -25.86
CA ARG D 267 -11.95 5.13 -25.75
C ARG D 267 -12.45 3.96 -24.91
N GLN D 268 -11.67 2.89 -24.81
CA GLN D 268 -12.07 1.73 -24.02
C GLN D 268 -11.59 1.77 -22.57
N ARG D 269 -10.53 2.53 -22.26
CA ARG D 269 -9.92 2.40 -20.94
C ARG D 269 -9.53 3.71 -20.23
N SER D 270 -9.54 4.86 -20.91
CA SER D 270 -9.13 6.10 -20.27
C SER D 270 -10.13 6.53 -19.19
N ARG D 271 -9.66 6.60 -17.95
CA ARG D 271 -10.56 6.90 -16.83
C ARG D 271 -11.20 8.28 -16.92
N PRO D 272 -10.48 9.37 -17.22
CA PRO D 272 -11.16 10.66 -17.39
C PRO D 272 -12.15 10.65 -18.54
N TYR D 273 -11.92 9.83 -19.56
CA TYR D 273 -12.84 9.77 -20.69
C TYR D 273 -14.11 9.01 -20.33
N LEU D 274 -14.03 8.03 -19.42
CA LEU D 274 -15.19 7.22 -19.07
C LEU D 274 -15.98 7.76 -17.87
N PHE D 275 -15.32 8.46 -16.94
CA PHE D 275 -15.96 8.86 -15.69
C PHE D 275 -15.90 10.37 -15.47
N SER D 276 -15.90 11.15 -16.55
CA SER D 276 -15.97 12.60 -16.46
C SER D 276 -16.89 13.09 -17.58
N ASN D 277 -17.56 14.21 -17.33
CA ASN D 277 -18.60 14.69 -18.24
C ASN D 277 -18.02 14.98 -19.62
N SER D 278 -18.87 14.84 -20.63
CA SER D 278 -18.48 15.11 -22.01
C SER D 278 -18.27 16.60 -22.22
N VAL D 279 -17.69 16.94 -23.36
CA VAL D 279 -17.43 18.33 -23.71
C VAL D 279 -18.73 18.98 -24.12
N ALA D 280 -18.94 20.22 -23.66
CA ALA D 280 -20.19 20.91 -23.95
C ALA D 280 -20.29 21.22 -25.45
N PRO D 281 -21.50 21.17 -26.02
CA PRO D 281 -21.63 21.43 -27.46
C PRO D 281 -21.23 22.82 -27.87
N ALA D 282 -21.43 23.82 -27.00
CA ALA D 282 -21.09 25.19 -27.34
C ALA D 282 -19.59 25.34 -27.58
N ILE D 283 -18.78 24.80 -26.67
CA ILE D 283 -17.33 24.90 -26.81
C ILE D 283 -16.86 24.12 -28.02
N VAL D 284 -17.51 22.99 -28.34
CA VAL D 284 -17.13 22.20 -29.50
C VAL D 284 -17.39 22.98 -30.78
N SER D 285 -18.58 23.59 -30.90
CA SER D 285 -18.87 24.39 -32.07
C SER D 285 -17.92 25.57 -32.19
N ALA D 286 -17.64 26.24 -31.08
CA ALA D 286 -16.71 27.37 -31.11
C ALA D 286 -15.32 26.92 -31.54
N SER D 287 -14.89 25.74 -31.10
CA SER D 287 -13.58 25.23 -31.48
C SER D 287 -13.53 24.85 -32.95
N ILE D 288 -14.63 24.30 -33.48
CA ILE D 288 -14.70 24.02 -34.92
C ILE D 288 -14.55 25.32 -35.70
N ARG D 289 -15.25 26.37 -35.27
CA ARG D 289 -15.08 27.67 -35.92
C ARG D 289 -13.68 28.22 -35.75
N VAL D 290 -13.04 27.95 -34.61
CA VAL D 290 -11.65 28.38 -34.42
C VAL D 290 -10.76 27.72 -35.46
N LEU D 291 -10.90 26.41 -35.62
CA LEU D 291 -10.09 25.69 -36.60
C LEU D 291 -10.33 26.21 -38.01
N ASP D 292 -11.60 26.42 -38.39
CA ASP D 292 -11.89 26.94 -39.72
C ASP D 292 -11.28 28.33 -39.93
N LEU D 293 -11.51 29.24 -38.99
CA LEU D 293 -11.04 30.61 -39.15
C LEU D 293 -9.51 30.67 -39.18
N LEU D 294 -8.84 29.85 -38.37
CA LEU D 294 -7.38 29.85 -38.40
C LEU D 294 -6.83 29.15 -39.63
N GLN D 295 -7.59 28.21 -40.22
CA GLN D 295 -7.16 27.62 -41.48
C GLN D 295 -7.48 28.48 -42.69
N GLU D 296 -8.31 29.51 -42.55
CA GLU D 296 -8.67 30.35 -43.69
C GLU D 296 -7.84 31.62 -43.81
N SER D 297 -7.19 32.08 -42.73
CA SER D 297 -6.45 33.33 -42.78
C SER D 297 -5.46 33.37 -41.62
N GLY D 298 -4.21 33.71 -41.94
CA GLY D 298 -3.16 33.91 -40.95
C GLY D 298 -2.85 35.35 -40.56
N ASP D 299 -3.84 36.24 -40.66
CA ASP D 299 -3.58 37.66 -40.40
C ASP D 299 -3.24 37.91 -38.94
N LEU D 300 -4.02 37.33 -38.03
CA LEU D 300 -3.78 37.54 -36.59
C LEU D 300 -2.44 36.97 -36.17
N ARG D 301 -2.06 35.81 -36.72
CA ARG D 301 -0.75 35.24 -36.45
C ARG D 301 0.37 36.19 -36.87
N ASP D 302 0.24 36.79 -38.06
CA ASP D 302 1.26 37.73 -38.52
C ASP D 302 1.33 38.95 -37.61
N ARG D 303 0.16 39.43 -37.15
CA ARG D 303 0.16 40.52 -36.17
C ARG D 303 0.91 40.12 -34.91
N LEU D 304 0.67 38.90 -34.43
CA LEU D 304 1.34 38.43 -33.22
C LEU D 304 2.85 38.36 -33.41
N TRP D 305 3.30 37.85 -34.56
CA TRP D 305 4.74 37.73 -34.78
C TRP D 305 5.38 39.10 -34.92
N GLU D 306 4.69 40.05 -35.55
CA GLU D 306 5.22 41.41 -35.63
C GLU D 306 5.35 42.02 -34.24
N ASN D 307 4.32 41.85 -33.41
CA ASN D 307 4.38 42.40 -32.06
C ASN D 307 5.54 41.79 -31.28
N ALA D 308 5.71 40.46 -31.36
CA ALA D 308 6.74 39.80 -30.57
C ALA D 308 8.14 40.21 -31.03
N THR D 309 8.37 40.20 -32.35
CA THR D 309 9.69 40.56 -32.85
C THR D 309 10.03 42.01 -32.56
N HIS D 310 9.05 42.92 -32.73
CA HIS D 310 9.32 44.32 -32.45
C HIS D 310 9.63 44.54 -30.97
N PHE D 311 8.88 43.88 -30.09
CA PHE D 311 9.15 44.00 -28.65
C PHE D 311 10.55 43.50 -28.32
N ARG D 312 10.90 42.31 -28.80
CA ARG D 312 12.22 41.76 -28.48
C ARG D 312 13.33 42.65 -29.01
N THR D 313 13.16 43.19 -30.23
CA THR D 313 14.18 44.04 -30.81
C THR D 313 14.36 45.32 -30.00
N ARG D 314 13.25 45.99 -29.67
CA ARG D 314 13.35 47.24 -28.92
C ARG D 314 13.89 47.01 -27.51
N MET D 315 13.62 45.85 -26.92
CA MET D 315 14.10 45.59 -25.57
C MET D 315 15.56 45.14 -25.52
N SER D 316 16.08 44.53 -26.59
CA SER D 316 17.48 44.09 -26.54
C SER D 316 18.46 45.26 -26.58
N GLU D 317 18.14 46.34 -27.29
CA GLU D 317 19.06 47.48 -27.34
C GLU D 317 19.16 48.21 -26.00
N ALA D 318 18.04 48.45 -25.34
CA ALA D 318 17.99 49.31 -24.16
C ALA D 318 18.75 48.76 -22.95
N GLY D 319 19.41 47.61 -23.07
CA GLY D 319 20.17 47.08 -21.96
C GLY D 319 19.41 46.12 -21.07
N PHE D 320 18.16 45.81 -21.39
CA PHE D 320 17.37 44.86 -20.60
C PHE D 320 17.95 43.46 -20.75
N THR D 321 17.80 42.67 -19.70
CA THR D 321 18.24 41.28 -19.70
C THR D 321 17.02 40.40 -19.97
N LEU D 322 16.96 39.83 -21.17
CA LEU D 322 15.82 39.03 -21.60
C LEU D 322 16.19 37.56 -21.69
N ALA D 323 15.24 36.70 -21.32
CA ALA D 323 15.37 35.27 -21.46
C ALA D 323 14.44 34.79 -22.57
N GLY D 324 14.44 33.48 -22.81
CA GLY D 324 13.57 32.90 -23.81
C GLY D 324 14.03 33.18 -25.23
N ALA D 325 13.37 32.53 -26.18
CA ALA D 325 13.73 32.69 -27.59
C ALA D 325 12.58 32.19 -28.46
N ASP D 326 12.14 33.03 -29.39
CA ASP D 326 11.15 32.67 -30.42
C ASP D 326 9.83 32.25 -29.79
N HIS D 327 9.32 33.08 -28.88
CA HIS D 327 8.02 32.83 -28.28
C HIS D 327 7.49 34.13 -27.70
N ALA D 328 6.18 34.15 -27.46
CA ALA D 328 5.54 35.31 -26.85
C ALA D 328 5.89 35.48 -25.38
N ILE D 329 6.59 34.52 -24.80
CA ILE D 329 7.01 34.60 -23.40
C ILE D 329 8.41 35.19 -23.36
N ILE D 330 8.53 36.39 -22.80
CA ILE D 330 9.81 37.06 -22.66
C ILE D 330 10.07 37.37 -21.19
N PRO D 331 11.00 36.68 -20.54
CA PRO D 331 11.33 37.02 -19.16
C PRO D 331 12.37 38.13 -19.07
N ILE D 332 12.11 39.10 -18.21
CA ILE D 332 13.04 40.18 -17.90
C ILE D 332 13.74 39.81 -16.60
N MET D 333 15.04 39.55 -16.68
CA MET D 333 15.81 39.09 -15.53
C MET D 333 16.12 40.26 -14.59
N LEU D 334 15.67 40.15 -13.34
CA LEU D 334 15.88 41.18 -12.33
C LEU D 334 16.81 40.76 -11.21
N GLY D 335 16.93 39.45 -10.95
CA GLY D 335 17.88 38.94 -9.98
C GLY D 335 17.37 38.69 -8.57
N ASP D 336 17.29 39.73 -7.76
CA ASP D 336 16.91 39.57 -6.36
C ASP D 336 15.40 39.48 -6.19
N ALA D 337 14.99 38.74 -5.17
CA ALA D 337 13.56 38.58 -4.88
C ALA D 337 12.97 39.85 -4.29
N LYS D 338 13.68 40.48 -3.36
CA LYS D 338 13.23 41.76 -2.82
C LYS D 338 13.17 42.82 -3.91
N VAL D 339 14.09 42.75 -4.87
CA VAL D 339 14.05 43.65 -6.02
C VAL D 339 12.78 43.40 -6.82
N ALA D 340 12.39 42.13 -6.97
CA ALA D 340 11.16 41.81 -7.67
C ALA D 340 9.95 42.34 -6.91
N ALA D 341 9.98 42.28 -5.57
CA ALA D 341 8.88 42.80 -4.77
C ALA D 341 8.75 44.31 -4.95
N GLU D 342 9.87 45.03 -4.87
CA GLU D 342 9.83 46.48 -5.08
C GLU D 342 9.42 46.82 -6.51
N PHE D 343 9.85 46.01 -7.47
CA PHE D 343 9.40 46.18 -8.85
C PHE D 343 7.90 46.04 -8.96
N ALA D 344 7.34 45.05 -8.25
CA ALA D 344 5.89 44.87 -8.23
C ALA D 344 5.21 46.10 -7.62
N GLU D 345 5.81 46.64 -6.56
CA GLU D 345 5.25 47.84 -5.92
C GLU D 345 5.21 49.00 -6.91
N ARG D 346 6.34 49.27 -7.57
CA ARG D 346 6.39 50.39 -8.52
C ARG D 346 5.46 50.16 -9.71
N ALA D 347 5.48 48.95 -10.28
CA ALA D 347 4.59 48.64 -11.39
C ALA D 347 3.12 48.75 -10.98
N LEU D 348 2.81 48.47 -9.71
CA LEU D 348 1.47 48.72 -9.21
C LEU D 348 1.19 50.21 -9.13
N GLU D 349 2.21 51.02 -8.81
CA GLU D 349 2.03 52.46 -8.86
C GLU D 349 1.82 52.98 -10.27
N LYS D 350 2.47 52.37 -11.26
CA LYS D 350 2.32 52.85 -12.64
C LYS D 350 1.09 52.32 -13.36
N GLY D 351 0.30 51.46 -12.73
CA GLY D 351 -0.93 51.01 -13.34
C GLY D 351 -0.78 49.91 -14.37
N ILE D 352 0.29 49.12 -14.30
CA ILE D 352 0.52 48.03 -15.25
C ILE D 352 0.62 46.72 -14.47
N TYR D 353 -0.07 45.69 -14.96
CA TYR D 353 -0.11 44.38 -14.32
C TYR D 353 0.79 43.42 -15.09
N VAL D 354 1.90 43.02 -14.46
CA VAL D 354 2.78 41.97 -14.96
C VAL D 354 3.04 41.03 -13.79
N ILE D 355 3.58 39.86 -14.11
CA ILE D 355 3.84 38.85 -13.08
C ILE D 355 5.20 38.22 -13.32
N GLY D 356 6.02 38.21 -12.27
CA GLY D 356 7.31 37.55 -12.29
C GLY D 356 7.37 36.32 -11.43
N PHE D 357 8.36 35.46 -11.65
CA PHE D 357 8.55 34.26 -10.83
C PHE D 357 10.01 34.12 -10.48
N SER D 358 10.27 33.88 -9.20
CA SER D 358 11.63 33.78 -8.66
C SER D 358 11.84 32.46 -7.92
N PHE D 359 11.96 32.55 -6.60
CA PHE D 359 12.54 31.48 -5.79
C PHE D 359 11.85 30.13 -5.97
N PRO D 360 10.54 29.98 -5.70
CA PRO D 360 9.97 28.63 -5.66
C PRO D 360 10.08 27.86 -6.97
N VAL D 361 10.34 28.53 -8.09
CA VAL D 361 10.47 27.85 -9.37
C VAL D 361 11.90 27.83 -9.88
N VAL D 362 12.69 28.88 -9.62
CA VAL D 362 14.10 28.90 -10.03
C VAL D 362 14.93 29.50 -8.91
N PRO D 363 16.18 29.04 -8.78
CA PRO D 363 17.03 29.51 -7.69
C PRO D 363 17.29 31.01 -7.78
N LYS D 364 17.69 31.58 -6.64
CA LYS D 364 18.04 32.99 -6.57
C LYS D 364 19.55 33.13 -6.72
N GLY D 365 19.97 34.15 -7.48
CA GLY D 365 19.07 35.14 -8.03
C GLY D 365 18.74 35.07 -9.51
N GLN D 366 17.84 34.16 -9.87
CA GLN D 366 17.37 34.09 -11.25
C GLN D 366 15.94 34.61 -11.34
N ALA D 367 15.66 35.74 -10.70
CA ALA D 367 14.33 36.34 -10.77
C ALA D 367 14.04 36.87 -12.17
N ARG D 368 12.78 36.76 -12.58
CA ARG D 368 12.40 37.13 -13.93
C ARG D 368 10.96 37.65 -13.91
N ILE D 369 10.61 38.39 -14.95
CA ILE D 369 9.25 38.87 -15.17
C ILE D 369 8.79 38.36 -16.53
N ARG D 370 7.82 37.47 -16.53
CA ARG D 370 7.35 36.80 -17.75
C ARG D 370 6.28 37.66 -18.44
N THR D 371 6.69 38.39 -19.48
CA THR D 371 5.77 39.15 -20.31
C THR D 371 5.22 38.24 -21.40
N GLN D 372 3.93 38.40 -21.71
CA GLN D 372 3.24 37.54 -22.66
C GLN D 372 2.59 38.38 -23.75
N MET D 373 3.04 38.18 -24.99
CA MET D 373 2.53 38.90 -26.14
C MET D 373 1.13 38.41 -26.52
N SER D 374 0.48 39.17 -27.39
CA SER D 374 -0.87 38.86 -27.84
C SER D 374 -1.07 39.47 -29.23
N ALA D 375 -1.82 38.77 -30.08
CA ALA D 375 -2.13 39.31 -31.40
C ALA D 375 -3.12 40.46 -31.35
N ALA D 376 -3.70 40.73 -30.20
CA ALA D 376 -4.58 41.88 -30.01
C ALA D 376 -3.82 43.14 -29.64
N HIS D 377 -2.56 43.01 -29.24
CA HIS D 377 -1.74 44.17 -28.89
C HIS D 377 -1.30 44.90 -30.15
N SER D 378 -1.44 46.22 -30.12
CA SER D 378 -0.93 47.11 -31.16
C SER D 378 0.35 47.78 -30.67
N ARG D 379 1.14 48.27 -31.63
CA ARG D 379 2.42 48.90 -31.29
C ARG D 379 2.24 50.12 -30.38
N GLU D 380 1.07 50.75 -30.38
CA GLU D 380 0.81 51.84 -29.45
C GLU D 380 0.85 51.36 -28.01
N GLN D 381 0.04 50.35 -27.69
CA GLN D 381 0.01 49.83 -26.32
C GLN D 381 1.31 49.12 -25.97
N LEU D 382 1.90 48.40 -26.92
CA LEU D 382 3.18 47.73 -26.67
C LEU D 382 4.26 48.74 -26.33
N ASP D 383 4.35 49.83 -27.11
CA ASP D 383 5.37 50.83 -26.86
C ASP D 383 5.09 51.62 -25.59
N LYS D 384 3.81 51.86 -25.27
CA LYS D 384 3.49 52.46 -23.97
C LYS D 384 3.96 51.57 -22.83
N ALA D 385 3.76 50.26 -22.96
CA ALA D 385 4.26 49.31 -21.97
C ALA D 385 5.77 49.41 -21.85
N ILE D 386 6.47 49.36 -22.98
CA ILE D 386 7.93 49.44 -22.96
C ILE D 386 8.38 50.74 -22.30
N ASP D 387 7.67 51.83 -22.55
CA ASP D 387 7.96 53.09 -21.88
C ASP D 387 7.80 52.97 -20.37
N ALA D 388 6.72 52.31 -19.92
CA ALA D 388 6.53 52.10 -18.49
C ALA D 388 7.66 51.25 -17.89
N PHE D 389 8.09 50.22 -18.63
CA PHE D 389 9.18 49.38 -18.16
C PHE D 389 10.47 50.18 -18.05
N ILE D 390 10.74 51.05 -19.01
CA ILE D 390 11.93 51.90 -18.95
C ILE D 390 11.81 52.91 -17.81
N GLU D 391 10.59 53.40 -17.55
CA GLU D 391 10.37 54.28 -16.41
C GLU D 391 10.76 53.58 -15.11
N VAL D 392 10.26 52.34 -14.93
CA VAL D 392 10.58 51.58 -13.73
C VAL D 392 12.08 51.29 -13.66
N GLY D 393 12.69 50.95 -14.80
CA GLY D 393 14.11 50.67 -14.84
C GLY D 393 14.97 51.87 -14.50
N ARG D 394 14.54 53.07 -14.91
CA ARG D 394 15.27 54.27 -14.53
C ARG D 394 15.05 54.61 -13.06
N ASP D 395 13.83 54.46 -12.57
CA ASP D 395 13.59 54.72 -11.16
C ASP D 395 14.32 53.72 -10.28
N MET D 396 14.44 52.48 -10.73
CA MET D 396 15.10 51.42 -9.96
C MET D 396 16.55 51.18 -10.38
N GLU D 397 17.09 51.99 -11.30
CA GLU D 397 18.48 51.85 -11.74
C GLU D 397 18.75 50.45 -12.29
N ILE D 398 17.85 49.97 -13.15
CA ILE D 398 17.91 48.62 -13.70
C ILE D 398 18.78 48.56 -14.95
N ILE D 399 18.41 49.31 -15.99
CA ILE D 399 19.18 49.28 -17.24
C ILE D 399 20.33 50.26 -17.13
N LYS D 400 21.45 49.89 -17.76
CA LYS D 400 22.68 50.67 -17.68
C LYS D 400 23.40 50.69 -19.02
N1 PLP E . 1.78 -21.71 8.96
C2 PLP E . 0.63 -22.49 8.90
C2A PLP E . -0.32 -22.37 7.75
C3 PLP E . 0.35 -23.39 9.92
O3 PLP E . -0.79 -24.15 9.87
C4 PLP E . 1.21 -23.52 11.01
C4A PLP E . 1.08 -24.69 11.93
C5 PLP E . 2.37 -22.73 11.05
C6 PLP E . 2.63 -21.84 10.03
C5A PLP E . 3.32 -22.86 12.23
O4P PLP E . 4.62 -23.10 11.78
P PLP E . 5.80 -23.47 12.81
O1P PLP E . 5.46 -24.80 13.47
O2P PLP E . 5.93 -22.39 13.87
O3P PLP E . 7.09 -23.60 12.05
N1 PLP F . 16.60 -11.02 22.30
C2 PLP F . 17.84 -10.40 22.38
C2A PLP F . 18.06 -9.27 23.34
C3 PLP F . 18.88 -10.82 21.57
O3 PLP F . 20.11 -10.20 21.66
C4 PLP F . 18.69 -11.87 20.67
C4A PLP F . 19.81 -12.28 19.76
C5 PLP F . 17.45 -12.49 20.60
C6 PLP F . 16.41 -12.06 21.41
C5A PLP F . 17.23 -13.63 19.63
O4P PLP F . 16.68 -14.73 20.31
P PLP F . 16.52 -16.14 19.56
O1P PLP F . 17.91 -16.66 19.25
O2P PLP F . 15.75 -15.97 18.28
O3P PLP F . 15.81 -17.12 20.47
N1 PLP G . -17.49 13.20 -8.82
C2 PLP G . -18.54 12.31 -8.78
C2A PLP G . -19.02 11.76 -7.47
C3 PLP G . -19.16 11.90 -9.96
O3 PLP G . -20.20 11.02 -9.92
C4 PLP G . -18.72 12.41 -11.18
C4A PLP G . -19.63 12.32 -12.37
C5 PLP G . -17.66 13.30 -11.22
C6 PLP G . -17.05 13.70 -10.04
C5A PLP G . -17.18 13.86 -12.53
O4P PLP G . -17.12 15.28 -12.44
P PLP G . -16.80 16.19 -13.74
O1P PLP G . -15.50 15.69 -14.36
O2P PLP G . -17.93 16.03 -14.71
O3P PLP G . -16.65 17.65 -13.35
N1 PLP H . -0.42 21.46 -20.47
C2 PLP H . 0.51 22.48 -20.48
C2A PLP H . 1.83 22.31 -21.17
C3 PLP H . 0.22 23.69 -19.85
O3 PLP H . 1.15 24.70 -19.86
C4 PLP H . -0.99 23.87 -19.20
C4A PLP H . -1.39 25.25 -18.75
C5 PLP H . -1.92 22.84 -19.19
C6 PLP H . -1.64 21.63 -19.83
C5A PLP H . -3.25 23.02 -18.49
O4P PLP H . -4.30 22.67 -19.38
P PLP H . -5.83 22.94 -18.97
O1P PLP H . -6.13 22.27 -17.64
O2P PLP H . -6.04 24.43 -18.85
O3P PLP H . -6.75 22.37 -20.03
#